data_8RU2
#
_entry.id   8RU2
#
_cell.length_a   1.00
_cell.length_b   1.00
_cell.length_c   1.00
_cell.angle_alpha   90.00
_cell.angle_beta   90.00
_cell.angle_gamma   90.00
#
_symmetry.space_group_name_H-M   'P 1'
#
loop_
_entity.id
_entity.type
_entity.pdbx_description
1 polymer 'Actin, cytoplasmic 1, N-terminally processed'
2 polymer 'Methylated-DNA--protein-cysteine methyltransferase,Protein diaphanous homolog 1'
3 non-polymer "ADENOSINE-5'-DIPHOSPHATE"
4 non-polymer 'MAGNESIUM ION'
#
loop_
_entity_poly.entity_id
_entity_poly.type
_entity_poly.pdbx_seq_one_letter_code
_entity_poly.pdbx_strand_id
1 'polypeptide(L)'
;DDDIAALVVDNGSGMCKAGFAGDDAPRAVFPSIVGRPRHQGVMVGMGQKDSYVGDEAQSKRGILTLKYPIE(HIC)GIVT
NWDDMEKIWHHTFYNELRVAPEEHPVLLTEAPLNPKANREKMTQIMFETFNTPAMYVAIQAVLSLYASGRTTGIVMDSGD
GVTHTVPIYEGYALPHAILRLDLAGRDLTDYLMKILTERGYSFTTTAEREIVRDIKEKLCYVALDFEQEMATAASSSSLE
KSYELPDGQVITIGNERFRCPEALFQPSFLGMESAGIHETTFNSIMKCDVDIRKDLYANTVLSGGTTMYPGIADRMQKEI
TALAPSTMKIKIIAPPERKYSVWIGGSILASLSTFQQMWISKQEYDESGPSIVHRKCF
;
B,C,D
2 'polypeptide(L)'
;MASTMDIKLTGEFAMDKDCEMKRTTLDSPLGKLELSGCEQGLHEIKLLGKGTSAADAVEVPAPAAVLGGPEPLMQATAWL
NAYFHQPEAIEEFPVPALHHPVFQQESFTRQVLWKLLKVVKFGEVISYQQLAALAGNPAATAAVKTALSGNPVPILIPCH
RVVSSSGAVGGYEGGLAVKEWLLAHEGHRLGKPGLGPAGGSPGGGSGGSEMASLSAVVVAPSVSSSAAVPPAPPLPGDSG
TVIPPPPPGMGVPPPPPFGFGVPAAPVLPFGLTPKKVYKPEVQLRRPNWSKFVAEDLSQDCFWTKVKEDRFENNELFAKL
TLAFSAQTKTSKAKKDQEGGEEKKSVQKKKVKELKVLDSKTAQNLSIFLGSFRMPYQEIKNVILEVNEAVLTESMIQNLI
KQMPEPEQLKMLSELKEEYDDLAESEQFGVVMGTVPRLRPRLNAILFKLQFSEQVENIKPEIVSVTAACEELRKSENFSS
LLELTLLVGNYMNAGSRNAGAFGFNISFLCKLRDTKSADQKMTLLHFLAELCENDHPEVLKFPDELAHVEKASRVSAENL
QKSLDQMKKQIADVERDVQNFPAATDEKDKFVEKMTSFVKDAQEQYNKLRMMHSNMETLYKELGDYFVFDPKKLSVEEFF
MDLHNFRNMFLQAVKENQKRRETEEKMRRAKLAKEKAEKERLEKQQKREQLIDMNAEGDETGVMDSLLEALQSGAAFRRK
RGPRQVNRKAGCAVTSLLASELTKDDAMAPGPVKVPKKSEGVPTILEEAKELVGRASHHHHHH
;
E,F
#
# COMPACT_ATOMS: atom_id res chain seq x y z
N ALA A 5 12.65 -49.71 19.36
CA ALA A 5 13.65 -49.02 18.56
C ALA A 5 13.18 -48.86 17.12
N ALA A 6 12.95 -47.62 16.70
CA ALA A 6 12.55 -47.36 15.34
C ALA A 6 13.71 -47.66 14.39
N LEU A 7 13.37 -47.91 13.12
CA LEU A 7 14.35 -48.27 12.11
C LEU A 7 14.47 -47.11 11.12
N VAL A 8 15.70 -46.66 10.89
CA VAL A 8 15.97 -45.55 10.00
C VAL A 8 16.61 -46.10 8.72
N VAL A 9 15.98 -45.87 7.58
CA VAL A 9 16.48 -46.30 6.29
C VAL A 9 16.58 -45.09 5.38
N ASP A 10 17.73 -44.92 4.73
CA ASP A 10 17.97 -43.82 3.79
C ASP A 10 18.40 -44.44 2.46
N ASN A 11 17.44 -44.61 1.56
CA ASN A 11 17.73 -45.16 0.24
C ASN A 11 18.12 -44.03 -0.70
N GLY A 12 19.31 -44.13 -1.28
CA GLY A 12 19.81 -43.13 -2.20
C GLY A 12 19.99 -43.69 -3.61
N SER A 13 20.26 -42.79 -4.55
CA SER A 13 20.41 -43.18 -5.94
C SER A 13 21.64 -44.04 -6.17
N GLY A 14 22.62 -44.00 -5.29
CA GLY A 14 23.84 -44.77 -5.50
C GLY A 14 24.27 -45.64 -4.34
N MET A 15 23.73 -45.38 -3.16
CA MET A 15 24.15 -46.13 -1.97
C MET A 15 23.09 -45.96 -0.89
N CYS A 16 22.78 -47.05 -0.20
CA CYS A 16 21.78 -47.05 0.85
C CYS A 16 22.46 -47.10 2.21
N LYS A 17 21.84 -46.45 3.19
CA LYS A 17 22.34 -46.42 4.56
C LYS A 17 21.16 -46.70 5.49
N ALA A 18 21.18 -47.86 6.13
CA ALA A 18 20.10 -48.28 7.00
C ALA A 18 20.65 -48.77 8.33
N GLY A 19 20.09 -48.29 9.42
CA GLY A 19 20.50 -48.70 10.76
C GLY A 19 19.35 -48.55 11.73
N PHE A 20 19.69 -48.44 13.00
CA PHE A 20 18.72 -48.32 14.08
C PHE A 20 18.56 -46.85 14.48
N ALA A 21 17.55 -46.59 15.31
CA ALA A 21 17.34 -45.25 15.84
C ALA A 21 18.08 -45.08 17.15
N GLY A 22 18.57 -43.86 17.37
CA GLY A 22 19.34 -43.56 18.57
C GLY A 22 20.83 -43.80 18.42
N ASP A 23 21.22 -44.98 17.95
CA ASP A 23 22.62 -45.26 17.70
C ASP A 23 23.15 -44.36 16.59
N ASP A 24 24.35 -43.83 16.80
CA ASP A 24 24.95 -42.90 15.83
C ASP A 24 25.64 -43.61 14.69
N ALA A 25 25.75 -44.93 14.74
CA ALA A 25 26.41 -45.69 13.68
C ALA A 25 25.39 -46.13 12.63
N PRO A 26 25.63 -45.86 11.35
CA PRO A 26 24.71 -46.31 10.30
C PRO A 26 24.64 -47.83 10.17
N ARG A 27 25.45 -48.54 10.95
CA ARG A 27 25.44 -50.00 11.00
C ARG A 27 25.72 -50.54 9.61
N ALA A 28 24.82 -51.30 8.99
CA ALA A 28 25.08 -51.88 7.69
C ALA A 28 25.02 -50.82 6.60
N VAL A 29 26.06 -50.76 5.77
CA VAL A 29 26.10 -49.88 4.60
C VAL A 29 26.63 -50.69 3.43
N PHE A 30 25.92 -50.65 2.31
CA PHE A 30 26.28 -51.39 1.12
C PHE A 30 25.68 -50.70 -0.09
N PRO A 31 26.28 -50.84 -1.27
CA PRO A 31 25.75 -50.16 -2.45
C PRO A 31 24.36 -50.67 -2.80
N SER A 32 23.57 -49.78 -3.42
CA SER A 32 22.24 -50.13 -3.88
C SER A 32 22.28 -50.47 -5.37
N ILE A 33 22.90 -51.61 -5.66
CA ILE A 33 23.02 -52.13 -7.01
C ILE A 33 22.58 -53.58 -7.04
N VAL A 34 22.08 -54.01 -8.18
CA VAL A 34 21.69 -55.39 -8.42
C VAL A 34 22.25 -55.82 -9.77
N GLY A 35 22.82 -57.01 -9.80
CA GLY A 35 23.44 -57.52 -11.02
C GLY A 35 22.97 -58.93 -11.34
N ARG A 36 22.82 -59.20 -12.62
CA ARG A 36 22.38 -60.49 -13.12
C ARG A 36 23.47 -61.10 -14.00
N PRO A 37 23.81 -62.37 -13.80
CA PRO A 37 24.90 -62.96 -14.57
C PRO A 37 24.57 -63.03 -16.06
N ARG A 38 25.43 -62.42 -16.87
CA ARG A 38 25.29 -62.47 -18.31
C ARG A 38 26.09 -63.62 -18.94
N HIS A 39 26.86 -64.35 -18.13
CA HIS A 39 27.67 -65.46 -18.62
C HIS A 39 27.00 -66.79 -18.29
N GLN A 40 27.19 -67.75 -19.18
CA GLN A 40 26.57 -69.06 -19.03
C GLN A 40 27.18 -69.83 -17.88
N GLY A 41 26.36 -70.64 -17.20
CA GLY A 41 26.86 -71.46 -16.12
C GLY A 41 27.46 -72.75 -16.65
N VAL A 42 28.57 -73.16 -16.03
CA VAL A 42 29.24 -74.40 -16.41
C VAL A 42 29.36 -75.32 -15.21
N MET A 43 30.06 -74.85 -14.17
CA MET A 43 30.24 -75.67 -12.98
C MET A 43 28.91 -75.81 -12.24
N VAL A 44 28.65 -77.03 -11.76
CA VAL A 44 27.39 -77.34 -11.10
C VAL A 44 27.57 -77.82 -9.67
N GLY A 45 28.80 -78.11 -9.23
CA GLY A 45 28.99 -78.57 -7.87
C GLY A 45 28.65 -77.51 -6.84
N MET A 46 29.11 -76.28 -7.06
CA MET A 46 28.83 -75.19 -6.15
C MET A 46 27.45 -74.60 -6.44
N GLY A 47 26.74 -74.25 -5.36
CA GLY A 47 25.43 -73.66 -5.52
C GLY A 47 25.52 -72.29 -6.16
N GLN A 48 24.65 -72.04 -7.14
CA GLN A 48 24.61 -70.77 -7.85
C GLN A 48 23.38 -69.99 -7.45
N LYS A 49 23.57 -68.71 -7.13
CA LYS A 49 22.49 -67.82 -6.71
C LYS A 49 21.82 -67.21 -7.93
N ASP A 50 20.70 -66.54 -7.68
CA ASP A 50 20.01 -65.75 -8.70
C ASP A 50 20.75 -64.42 -8.86
N SER A 51 20.12 -63.45 -9.52
CA SER A 51 20.74 -62.14 -9.72
C SER A 51 21.20 -61.56 -8.39
N TYR A 52 22.45 -61.08 -8.37
CA TYR A 52 23.10 -60.67 -7.14
C TYR A 52 22.77 -59.23 -6.79
N VAL A 53 22.55 -58.99 -5.49
CA VAL A 53 22.25 -57.65 -4.98
C VAL A 53 23.08 -57.42 -3.72
N GLY A 54 23.30 -56.14 -3.41
CA GLY A 54 24.05 -55.77 -2.23
C GLY A 54 25.54 -55.68 -2.49
N ASP A 55 26.30 -55.83 -1.40
CA ASP A 55 27.76 -55.77 -1.50
C ASP A 55 28.32 -57.00 -2.20
N GLU A 56 27.61 -58.12 -2.16
CA GLU A 56 28.08 -59.33 -2.83
C GLU A 56 28.19 -59.13 -4.33
N ALA A 57 27.38 -58.22 -4.90
CA ALA A 57 27.43 -57.98 -6.33
C ALA A 57 28.76 -57.34 -6.75
N GLN A 58 29.33 -56.49 -5.90
CA GLN A 58 30.61 -55.87 -6.23
C GLN A 58 31.75 -56.87 -6.23
N SER A 59 31.65 -57.92 -5.39
CA SER A 59 32.70 -58.93 -5.35
C SER A 59 32.81 -59.68 -6.67
N LYS A 60 31.68 -60.00 -7.29
CA LYS A 60 31.65 -60.73 -8.56
C LYS A 60 31.28 -59.80 -9.71
N ARG A 61 31.75 -58.56 -9.67
CA ARG A 61 31.36 -57.58 -10.67
C ARG A 61 31.86 -57.93 -12.07
N GLY A 62 32.84 -58.82 -12.17
CA GLY A 62 33.43 -59.13 -13.47
C GLY A 62 32.57 -59.95 -14.39
N ILE A 63 31.46 -60.50 -13.89
CA ILE A 63 30.58 -61.34 -14.71
C ILE A 63 29.15 -60.82 -14.76
N LEU A 64 28.74 -59.95 -13.85
CA LEU A 64 27.36 -59.48 -13.76
C LEU A 64 27.21 -58.11 -14.41
N THR A 65 26.07 -57.89 -15.04
CA THR A 65 25.73 -56.56 -15.58
C THR A 65 24.97 -55.81 -14.49
N LEU A 66 25.71 -55.07 -13.68
CA LEU A 66 25.11 -54.37 -12.54
C LEU A 66 24.11 -53.33 -13.03
N LYS A 67 22.95 -53.30 -12.38
CA LYS A 67 21.89 -52.37 -12.71
C LYS A 67 21.49 -51.59 -11.46
N TYR A 68 21.30 -50.28 -11.63
CA TYR A 68 20.92 -49.43 -10.52
C TYR A 68 19.41 -49.33 -10.44
N PRO A 69 18.77 -49.81 -9.37
CA PRO A 69 17.31 -49.72 -9.27
C PRO A 69 16.80 -48.29 -9.18
N ILE A 70 17.63 -47.33 -8.79
CA ILE A 70 17.21 -45.94 -8.62
C ILE A 70 17.99 -45.07 -9.58
N GLU A 71 17.29 -44.22 -10.33
CA GLU A 71 17.93 -43.33 -11.28
C GLU A 71 17.42 -41.90 -11.13
N GLY A 73 17.16 -40.26 -8.52
CA GLY A 73 16.28 -40.21 -7.36
C GLY A 73 14.93 -40.84 -7.63
N ILE A 74 14.54 -40.88 -8.90
CA ILE A 74 13.28 -41.47 -9.32
C ILE A 74 13.47 -42.97 -9.50
N VAL A 75 12.63 -43.75 -8.83
CA VAL A 75 12.72 -45.20 -8.96
C VAL A 75 12.25 -45.59 -10.34
N THR A 76 13.14 -46.15 -11.15
CA THR A 76 12.82 -46.59 -12.50
C THR A 76 12.34 -48.04 -12.52
N ASN A 77 12.79 -48.88 -11.60
CA ASN A 77 12.37 -50.27 -11.55
C ASN A 77 11.97 -50.60 -10.12
N TRP A 78 10.73 -51.01 -9.92
CA TRP A 78 10.22 -51.37 -8.60
C TRP A 78 10.36 -52.85 -8.30
N ASP A 79 10.92 -53.64 -9.23
CA ASP A 79 11.08 -55.07 -8.97
C ASP A 79 12.31 -55.33 -8.11
N ASP A 80 13.45 -54.73 -8.46
CA ASP A 80 14.68 -54.98 -7.74
C ASP A 80 14.76 -54.22 -6.42
N MET A 81 13.97 -53.16 -6.24
CA MET A 81 14.10 -52.35 -5.03
C MET A 81 13.58 -53.09 -3.80
N GLU A 82 12.56 -53.93 -3.97
CA GLU A 82 12.09 -54.75 -2.86
C GLU A 82 13.13 -55.79 -2.47
N LYS A 83 13.95 -56.22 -3.43
CA LYS A 83 15.01 -57.19 -3.12
C LYS A 83 16.01 -56.61 -2.14
N ILE A 84 16.37 -55.33 -2.30
CA ILE A 84 17.33 -54.69 -1.41
C ILE A 84 16.80 -54.64 0.01
N TRP A 85 15.51 -54.31 0.16
CA TRP A 85 14.96 -54.17 1.51
C TRP A 85 15.00 -55.49 2.26
N HIS A 86 14.65 -56.60 1.59
CA HIS A 86 14.79 -57.90 2.22
C HIS A 86 16.24 -58.22 2.51
N HIS A 87 17.15 -57.85 1.60
CA HIS A 87 18.57 -57.97 1.86
C HIS A 87 18.99 -57.08 3.03
N THR A 88 18.23 -56.02 3.29
CA THR A 88 18.57 -55.08 4.35
C THR A 88 18.04 -55.55 5.70
N PHE A 89 16.74 -55.81 5.78
CA PHE A 89 16.11 -56.06 7.06
C PHE A 89 16.49 -57.43 7.63
N TYR A 90 16.69 -58.43 6.76
CA TYR A 90 16.92 -59.79 7.21
C TYR A 90 18.38 -60.19 7.20
N ASN A 91 19.08 -59.98 6.07
CA ASN A 91 20.44 -60.45 5.96
C ASN A 91 21.41 -59.60 6.76
N GLU A 92 21.26 -58.27 6.72
CA GLU A 92 22.21 -57.36 7.34
C GLU A 92 21.83 -56.99 8.77
N LEU A 93 20.68 -56.36 8.95
CA LEU A 93 20.27 -55.95 10.29
C LEU A 93 19.71 -57.10 11.11
N ARG A 94 19.32 -58.20 10.47
CA ARG A 94 18.77 -59.37 11.16
C ARG A 94 17.63 -58.99 12.08
N VAL A 95 16.71 -58.19 11.55
CA VAL A 95 15.57 -57.69 12.31
C VAL A 95 14.29 -58.07 11.57
N ALA A 96 13.20 -58.14 12.32
CA ALA A 96 11.90 -58.42 11.74
C ALA A 96 11.12 -57.12 11.61
N PRO A 97 10.76 -56.70 10.40
CA PRO A 97 10.00 -55.44 10.26
C PRO A 97 8.57 -55.59 10.72
N GLU A 98 8.21 -56.75 11.24
CA GLU A 98 6.86 -57.01 11.73
C GLU A 98 6.52 -56.21 12.99
N GLU A 99 7.51 -55.63 13.67
CA GLU A 99 7.23 -54.85 14.86
C GLU A 99 8.03 -53.56 14.93
N HIS A 100 8.66 -53.13 13.85
CA HIS A 100 9.53 -51.95 13.86
C HIS A 100 9.05 -50.92 12.85
N PRO A 101 8.63 -49.74 13.28
CA PRO A 101 8.36 -48.66 12.32
C PRO A 101 9.61 -48.29 11.55
N VAL A 102 9.42 -47.98 10.27
CA VAL A 102 10.54 -47.79 9.35
C VAL A 102 10.42 -46.40 8.74
N LEU A 103 11.50 -45.62 8.83
CA LEU A 103 11.57 -44.31 8.19
C LEU A 103 12.08 -44.45 6.77
N LEU A 104 11.52 -43.67 5.87
CA LEU A 104 11.99 -43.59 4.50
C LEU A 104 12.35 -42.14 4.17
N THR A 105 13.24 -41.98 3.20
CA THR A 105 13.67 -40.66 2.76
C THR A 105 13.43 -40.50 1.27
N GLU A 106 13.09 -39.29 0.87
CA GLU A 106 12.76 -39.00 -0.52
C GLU A 106 13.11 -37.56 -0.84
N ALA A 107 13.73 -37.36 -1.99
CA ALA A 107 14.12 -36.01 -2.40
C ALA A 107 12.89 -35.15 -2.68
N PRO A 108 13.00 -33.84 -2.48
CA PRO A 108 11.90 -32.95 -2.84
C PRO A 108 11.70 -32.89 -4.34
N LEU A 109 10.48 -32.52 -4.74
CA LEU A 109 10.05 -32.46 -6.13
C LEU A 109 10.06 -33.83 -6.80
N ASN A 110 10.06 -34.92 -6.00
CA ASN A 110 9.96 -36.26 -6.54
C ASN A 110 8.52 -36.59 -6.90
N PRO A 111 8.32 -37.42 -7.92
CA PRO A 111 6.95 -37.78 -8.32
C PRO A 111 6.17 -38.42 -7.18
N LYS A 112 4.87 -38.12 -7.13
CA LYS A 112 4.04 -38.62 -6.04
C LYS A 112 3.94 -40.14 -6.06
N ALA A 113 4.21 -40.75 -7.21
CA ALA A 113 4.11 -42.21 -7.31
C ALA A 113 5.13 -42.89 -6.40
N ASN A 114 6.36 -42.37 -6.35
CA ASN A 114 7.41 -43.03 -5.59
C ASN A 114 7.08 -43.08 -4.11
N ARG A 115 6.57 -41.98 -3.55
CA ARG A 115 6.23 -41.97 -2.14
C ARG A 115 4.98 -42.79 -1.86
N GLU A 116 4.08 -42.90 -2.84
CA GLU A 116 2.94 -43.78 -2.71
C GLU A 116 3.39 -45.24 -2.69
N LYS A 117 4.21 -45.63 -3.66
CA LYS A 117 4.63 -47.03 -3.78
C LYS A 117 5.48 -47.46 -2.61
N MET A 118 6.26 -46.54 -2.03
CA MET A 118 7.01 -46.86 -0.82
C MET A 118 6.06 -47.23 0.31
N THR A 119 4.97 -46.49 0.47
CA THR A 119 3.98 -46.82 1.48
C THR A 119 3.27 -48.13 1.18
N GLN A 120 2.87 -48.31 -0.08
CA GLN A 120 2.11 -49.50 -0.46
C GLN A 120 2.95 -50.76 -0.34
N ILE A 121 4.19 -50.72 -0.85
CA ILE A 121 5.03 -51.91 -0.87
C ILE A 121 5.37 -52.35 0.56
N MET A 122 5.73 -51.39 1.41
CA MET A 122 6.15 -51.72 2.76
C MET A 122 4.98 -52.23 3.60
N PHE A 123 3.80 -51.63 3.43
CA PHE A 123 2.66 -52.01 4.27
C PHE A 123 2.15 -53.41 3.91
N GLU A 124 2.11 -53.75 2.63
CA GLU A 124 1.56 -55.03 2.21
C GLU A 124 2.58 -56.16 2.24
N THR A 125 3.85 -55.87 1.96
CA THR A 125 4.88 -56.91 1.91
C THR A 125 5.63 -57.08 3.23
N PHE A 126 5.85 -56.00 3.97
CA PHE A 126 6.58 -56.07 5.23
C PHE A 126 5.70 -55.84 6.46
N ASN A 127 4.48 -55.35 6.27
CA ASN A 127 3.50 -55.12 7.35
C ASN A 127 4.14 -54.45 8.58
N THR A 128 4.88 -53.37 8.33
CA THR A 128 5.45 -52.60 9.42
C THR A 128 4.34 -51.86 10.16
N PRO A 129 4.42 -51.78 11.50
CA PRO A 129 3.36 -51.12 12.26
C PRO A 129 3.20 -49.64 11.93
N ALA A 130 4.22 -48.99 11.37
CA ALA A 130 4.13 -47.56 11.06
C ALA A 130 5.09 -47.28 9.91
N MET A 131 5.13 -46.02 9.48
CA MET A 131 5.98 -45.62 8.36
C MET A 131 6.06 -44.09 8.34
N TYR A 132 7.02 -43.59 7.56
CA TYR A 132 7.17 -42.17 7.34
C TYR A 132 8.12 -41.94 6.17
N VAL A 133 7.80 -40.97 5.33
CA VAL A 133 8.68 -40.47 4.29
C VAL A 133 9.06 -39.05 4.66
N ALA A 134 10.35 -38.81 4.87
CA ALA A 134 10.86 -37.52 5.29
C ALA A 134 11.92 -37.04 4.31
N ILE A 135 11.89 -35.73 4.01
CA ILE A 135 12.82 -35.17 3.04
C ILE A 135 14.25 -35.32 3.56
N GLN A 136 15.16 -35.70 2.66
CA GLN A 136 16.55 -35.91 3.05
C GLN A 136 17.19 -34.63 3.54
N ALA A 137 17.06 -33.54 2.77
CA ALA A 137 17.77 -32.32 3.09
C ALA A 137 17.32 -31.74 4.43
N VAL A 138 16.01 -31.76 4.68
CA VAL A 138 15.51 -31.30 5.97
C VAL A 138 15.97 -32.22 7.09
N LEU A 139 16.06 -33.52 6.81
CA LEU A 139 16.53 -34.47 7.81
C LEU A 139 17.98 -34.22 8.18
N SER A 140 18.80 -33.77 7.22
CA SER A 140 20.22 -33.58 7.48
C SER A 140 20.46 -32.43 8.44
N LEU A 141 19.53 -31.49 8.52
CA LEU A 141 19.73 -30.32 9.38
C LEU A 141 19.66 -30.69 10.85
N TYR A 142 19.06 -31.84 11.19
CA TYR A 142 19.04 -32.29 12.57
C TYR A 142 20.43 -32.72 13.03
N ALA A 143 21.22 -33.28 12.12
CA ALA A 143 22.57 -33.68 12.46
C ALA A 143 23.44 -32.48 12.83
N SER A 144 23.31 -31.38 12.09
CA SER A 144 24.06 -30.17 12.40
C SER A 144 23.62 -29.53 13.70
N GLY A 145 22.38 -29.77 14.14
CA GLY A 145 21.87 -29.19 15.35
C GLY A 145 21.30 -27.80 15.20
N ARG A 146 21.40 -27.19 14.02
CA ARG A 146 20.87 -25.86 13.79
C ARG A 146 19.36 -25.95 13.58
N THR A 147 18.75 -24.81 13.26
CA THR A 147 17.35 -24.79 12.88
C THR A 147 17.07 -23.97 11.63
N THR A 148 18.02 -23.17 11.15
CA THR A 148 17.90 -22.45 9.89
C THR A 148 19.09 -22.81 9.01
N GLY A 149 19.00 -22.41 7.75
CA GLY A 149 20.13 -22.63 6.85
C GLY A 149 19.73 -23.40 5.61
N ILE A 150 20.10 -22.85 4.46
CA ILE A 150 19.81 -23.51 3.19
C ILE A 150 20.74 -24.72 3.06
N VAL A 151 20.15 -25.90 2.89
CA VAL A 151 20.89 -27.16 2.95
C VAL A 151 21.07 -27.69 1.54
N MET A 152 22.32 -27.84 1.12
CA MET A 152 22.66 -28.49 -0.14
C MET A 152 22.88 -29.97 0.14
N ASP A 153 22.06 -30.81 -0.50
CA ASP A 153 22.18 -32.27 -0.37
C ASP A 153 22.47 -32.82 -1.76
N SER A 154 23.76 -32.97 -2.07
CA SER A 154 24.20 -33.51 -3.35
C SER A 154 24.49 -34.99 -3.17
N GLY A 155 23.50 -35.81 -3.49
CA GLY A 155 23.66 -37.25 -3.43
C GLY A 155 24.29 -37.77 -4.71
N ASP A 156 24.04 -39.05 -4.98
CA ASP A 156 24.54 -39.64 -6.21
C ASP A 156 23.72 -39.22 -7.43
N GLY A 157 22.43 -38.93 -7.25
CA GLY A 157 21.59 -38.61 -8.38
C GLY A 157 20.89 -37.28 -8.33
N VAL A 158 20.68 -36.74 -7.13
CA VAL A 158 19.84 -35.55 -6.95
C VAL A 158 20.63 -34.49 -6.20
N THR A 159 20.42 -33.23 -6.57
CA THR A 159 21.04 -32.08 -5.92
C THR A 159 19.95 -31.05 -5.67
N HIS A 160 19.55 -30.89 -4.41
CA HIS A 160 18.44 -30.01 -4.05
C HIS A 160 18.82 -29.14 -2.87
N THR A 161 18.26 -27.92 -2.85
CA THR A 161 18.46 -26.98 -1.76
C THR A 161 17.11 -26.63 -1.15
N VAL A 162 17.00 -26.72 0.17
CA VAL A 162 15.78 -26.32 0.86
C VAL A 162 16.09 -25.21 1.86
N PRO A 163 15.58 -24.00 1.64
CA PRO A 163 15.79 -22.92 2.63
C PRO A 163 14.82 -23.06 3.78
N ILE A 164 15.36 -23.17 4.99
CA ILE A 164 14.56 -23.26 6.21
C ILE A 164 14.86 -22.03 7.05
N TYR A 165 13.82 -21.31 7.45
CA TYR A 165 13.96 -20.11 8.27
C TYR A 165 13.13 -20.29 9.53
N GLU A 166 13.82 -20.46 10.66
CA GLU A 166 13.18 -20.57 11.98
C GLU A 166 12.21 -21.73 12.05
N GLY A 167 12.51 -22.83 11.36
CA GLY A 167 11.69 -24.02 11.40
C GLY A 167 10.59 -24.07 10.37
N TYR A 168 10.36 -23.01 9.61
CA TYR A 168 9.32 -22.95 8.59
C TYR A 168 9.97 -22.98 7.22
N ALA A 169 9.85 -24.11 6.53
CA ALA A 169 10.47 -24.27 5.23
C ALA A 169 9.81 -23.34 4.21
N LEU A 170 10.45 -23.23 3.04
CA LEU A 170 9.97 -22.38 1.95
C LEU A 170 9.89 -23.24 0.69
N PRO A 171 8.81 -24.01 0.54
CA PRO A 171 8.70 -24.89 -0.64
C PRO A 171 8.67 -24.12 -1.95
N HIS A 172 8.27 -22.86 -1.95
CA HIS A 172 8.27 -22.08 -3.19
C HIS A 172 9.67 -21.76 -3.68
N ALA A 173 10.68 -21.88 -2.81
CA ALA A 173 12.06 -21.58 -3.17
C ALA A 173 12.96 -22.81 -3.11
N ILE A 174 12.40 -24.00 -3.25
CA ILE A 174 13.19 -25.23 -3.29
C ILE A 174 13.63 -25.45 -4.73
N LEU A 175 14.95 -25.53 -4.93
CA LEU A 175 15.53 -25.75 -6.24
C LEU A 175 16.21 -27.11 -6.25
N ARG A 176 15.88 -27.93 -7.25
CA ARG A 176 16.43 -29.26 -7.40
C ARG A 176 17.13 -29.38 -8.75
N LEU A 177 18.34 -29.92 -8.74
CA LEU A 177 19.16 -30.05 -9.93
C LEU A 177 19.46 -31.51 -10.19
N ASP A 178 19.30 -31.94 -11.44
CA ASP A 178 19.58 -33.32 -11.82
C ASP A 178 21.01 -33.46 -12.33
N LEU A 179 21.96 -33.10 -11.46
CA LEU A 179 23.38 -33.18 -11.76
C LEU A 179 24.10 -33.53 -10.46
N ALA A 180 24.64 -34.75 -10.39
CA ALA A 180 25.20 -35.24 -9.15
C ALA A 180 26.35 -36.19 -9.49
N GLY A 181 26.75 -37.00 -8.51
CA GLY A 181 27.94 -37.83 -8.69
C GLY A 181 27.84 -38.80 -9.85
N ARG A 182 26.65 -39.36 -10.07
CA ARG A 182 26.49 -40.34 -11.15
C ARG A 182 26.74 -39.72 -12.50
N ASP A 183 26.30 -38.48 -12.71
CA ASP A 183 26.59 -37.79 -13.97
C ASP A 183 28.08 -37.53 -14.13
N LEU A 184 28.78 -37.24 -13.02
CA LEU A 184 30.21 -36.96 -13.10
C LEU A 184 30.99 -38.19 -13.55
N THR A 185 30.64 -39.37 -13.04
CA THR A 185 31.36 -40.59 -13.41
C THR A 185 31.28 -40.84 -14.90
N ASP A 186 30.16 -40.51 -15.53
CA ASP A 186 30.05 -40.62 -16.98
C ASP A 186 30.94 -39.58 -17.66
N TYR A 187 31.08 -38.41 -17.06
CA TYR A 187 31.97 -37.39 -17.63
C TYR A 187 33.43 -37.82 -17.52
N LEU A 188 33.77 -38.52 -16.43
CA LEU A 188 35.15 -38.97 -16.25
C LEU A 188 35.56 -39.92 -17.37
N MET A 189 34.66 -40.81 -17.76
CA MET A 189 34.94 -41.70 -18.88
C MET A 189 35.13 -40.91 -20.17
N LYS A 190 34.33 -39.86 -20.35
CA LYS A 190 34.37 -39.10 -21.60
C LYS A 190 35.70 -38.35 -21.76
N ILE A 191 36.29 -37.94 -20.64
CA ILE A 191 37.57 -37.21 -20.71
C ILE A 191 38.76 -38.16 -20.72
N LEU A 192 38.60 -39.38 -20.19
CA LEU A 192 39.70 -40.33 -20.22
C LEU A 192 39.99 -40.83 -21.63
N THR A 193 38.99 -40.77 -22.52
CA THR A 193 39.21 -41.18 -23.91
C THR A 193 40.24 -40.29 -24.60
N GLU A 194 40.32 -39.02 -24.20
CA GLU A 194 41.27 -38.10 -24.84
C GLU A 194 42.70 -38.56 -24.67
N ARG A 195 43.06 -39.03 -23.47
CA ARG A 195 44.42 -39.49 -23.25
C ARG A 195 44.69 -40.83 -23.94
N GLY A 196 43.67 -41.67 -24.06
CA GLY A 196 43.81 -42.90 -24.81
C GLY A 196 43.36 -44.16 -24.11
N TYR A 197 42.57 -44.03 -23.04
CA TYR A 197 42.03 -45.17 -22.34
C TYR A 197 40.55 -45.36 -22.68
N SER A 198 40.02 -46.51 -22.28
CA SER A 198 38.65 -46.90 -22.60
C SER A 198 37.95 -47.39 -21.34
N PHE A 199 36.70 -46.96 -21.17
CA PHE A 199 35.85 -47.46 -20.08
C PHE A 199 34.41 -47.42 -20.59
N THR A 200 33.95 -48.56 -21.12
CA THR A 200 32.65 -48.61 -21.80
C THR A 200 31.78 -49.75 -21.29
N THR A 201 32.01 -50.24 -20.08
CA THR A 201 31.21 -51.33 -19.52
C THR A 201 30.67 -50.92 -18.17
N THR A 202 29.56 -51.56 -17.78
CA THR A 202 28.97 -51.29 -16.46
C THR A 202 29.77 -51.92 -15.33
N ALA A 203 30.60 -52.91 -15.62
CA ALA A 203 31.53 -53.41 -14.61
C ALA A 203 32.72 -52.48 -14.44
N GLU A 204 33.07 -51.74 -15.48
CA GLU A 204 34.14 -50.74 -15.40
C GLU A 204 33.66 -49.40 -14.86
N ARG A 205 32.36 -49.27 -14.57
CA ARG A 205 31.86 -48.01 -14.03
C ARG A 205 32.23 -47.85 -12.56
N GLU A 206 32.21 -48.94 -11.80
CA GLU A 206 32.61 -48.87 -10.39
C GLU A 206 34.07 -48.48 -10.25
N ILE A 207 34.93 -49.01 -11.13
CA ILE A 207 36.35 -48.67 -11.08
C ILE A 207 36.56 -47.19 -11.34
N VAL A 208 35.86 -46.64 -12.34
CA VAL A 208 35.97 -45.21 -12.62
C VAL A 208 35.45 -44.39 -11.45
N ARG A 209 34.49 -44.94 -10.70
CA ARG A 209 34.03 -44.25 -9.49
C ARG A 209 35.14 -44.14 -8.46
N ASP A 210 36.05 -45.12 -8.41
CA ASP A 210 37.17 -45.04 -7.48
C ASP A 210 38.25 -44.08 -7.97
N ILE A 211 38.34 -43.85 -9.29
CA ILE A 211 39.20 -42.79 -9.79
C ILE A 211 38.72 -41.44 -9.27
N LYS A 212 37.41 -41.20 -9.29
CA LYS A 212 36.83 -39.94 -8.84
C LYS A 212 36.80 -39.83 -7.32
N GLU A 213 36.60 -40.94 -6.62
CA GLU A 213 36.46 -40.87 -5.16
C GLU A 213 37.80 -40.56 -4.49
N LYS A 214 38.89 -41.12 -4.99
CA LYS A 214 40.20 -41.00 -4.34
C LYS A 214 41.10 -39.95 -4.96
N LEU A 215 41.07 -39.78 -6.29
CA LEU A 215 42.02 -38.91 -6.95
C LEU A 215 41.35 -37.76 -7.68
N CYS A 216 40.37 -37.12 -7.04
CA CYS A 216 39.72 -35.95 -7.62
C CYS A 216 39.60 -34.85 -6.57
N TYR A 217 39.64 -33.60 -7.03
CA TYR A 217 39.54 -32.44 -6.17
C TYR A 217 39.02 -31.27 -6.98
N VAL A 218 38.56 -30.24 -6.27
CA VAL A 218 38.04 -29.02 -6.91
C VAL A 218 39.05 -27.91 -6.69
N ALA A 219 39.55 -27.34 -7.78
CA ALA A 219 40.51 -26.26 -7.70
C ALA A 219 39.86 -24.99 -7.16
N LEU A 220 40.64 -24.25 -6.37
CA LEU A 220 40.17 -22.95 -5.89
C LEU A 220 39.94 -21.99 -7.06
N ASP A 221 40.85 -21.99 -8.02
CA ASP A 221 40.70 -21.23 -9.26
C ASP A 221 40.98 -22.17 -10.42
N PHE A 222 40.18 -22.06 -11.48
CA PHE A 222 40.20 -23.06 -12.54
C PHE A 222 40.92 -22.63 -13.81
N GLU A 223 40.79 -21.37 -14.23
CA GLU A 223 41.39 -20.96 -15.49
C GLU A 223 42.92 -20.98 -15.40
N GLN A 224 43.47 -20.84 -14.19
CA GLN A 224 44.91 -20.88 -14.01
C GLN A 224 45.44 -22.31 -13.99
N GLU A 225 44.62 -23.28 -13.57
CA GLU A 225 45.08 -24.66 -13.47
C GLU A 225 45.46 -25.21 -14.85
N MET A 226 44.68 -24.89 -15.87
CA MET A 226 45.01 -25.33 -17.23
C MET A 226 46.35 -24.76 -17.67
N ALA A 227 46.62 -23.50 -17.34
CA ALA A 227 47.93 -22.93 -17.64
C ALA A 227 49.03 -23.67 -16.89
N THR A 228 48.80 -23.97 -15.61
CA THR A 228 49.83 -24.64 -14.81
C THR A 228 50.00 -26.10 -15.24
N ALA A 229 48.89 -26.83 -15.35
CA ALA A 229 48.98 -28.27 -15.62
C ALA A 229 49.57 -28.54 -17.00
N ALA A 230 49.20 -27.75 -18.00
CA ALA A 230 49.74 -27.97 -19.34
C ALA A 230 51.22 -27.62 -19.41
N SER A 231 51.66 -26.60 -18.67
CA SER A 231 53.05 -26.18 -18.73
C SER A 231 53.98 -27.20 -18.09
N SER A 232 53.63 -27.68 -16.89
CA SER A 232 54.48 -28.60 -16.16
C SER A 232 53.62 -29.71 -15.56
N SER A 233 54.23 -30.87 -15.36
CA SER A 233 53.54 -32.03 -14.79
C SER A 233 53.61 -31.96 -13.27
N SER A 234 52.94 -30.93 -12.73
CA SER A 234 52.93 -30.75 -11.28
C SER A 234 52.13 -31.84 -10.58
N LEU A 235 50.93 -32.11 -11.07
CA LEU A 235 50.04 -33.11 -10.47
C LEU A 235 49.82 -34.24 -11.46
N GLU A 236 50.37 -35.41 -11.15
CA GLU A 236 50.21 -36.59 -11.97
C GLU A 236 49.96 -37.81 -11.10
N LYS A 237 49.10 -37.68 -10.10
CA LYS A 237 48.78 -38.77 -9.19
C LYS A 237 48.30 -39.98 -9.96
N SER A 238 49.07 -41.07 -9.90
CA SER A 238 48.77 -42.26 -10.68
C SER A 238 47.91 -43.24 -9.90
N TYR A 239 47.21 -44.10 -10.64
CA TYR A 239 46.30 -45.07 -10.05
C TYR A 239 46.57 -46.43 -10.69
N GLU A 240 46.38 -47.50 -9.91
CA GLU A 240 46.52 -48.87 -10.39
C GLU A 240 45.14 -49.48 -10.62
N LEU A 241 44.99 -50.18 -11.74
CA LEU A 241 43.76 -50.89 -12.04
C LEU A 241 43.68 -52.17 -11.22
N PRO A 242 42.48 -52.73 -11.04
CA PRO A 242 42.36 -53.98 -10.27
C PRO A 242 43.14 -55.14 -10.85
N ASP A 243 43.27 -55.22 -12.18
CA ASP A 243 44.03 -56.32 -12.78
C ASP A 243 45.50 -56.24 -12.41
N GLY A 244 46.06 -55.04 -12.39
CA GLY A 244 47.47 -54.85 -12.09
C GLY A 244 48.09 -53.73 -12.88
N GLN A 245 47.42 -53.30 -13.94
CA GLN A 245 47.90 -52.19 -14.73
C GLN A 245 47.86 -50.90 -13.92
N VAL A 246 48.55 -49.88 -14.42
CA VAL A 246 48.65 -48.59 -13.76
C VAL A 246 48.27 -47.51 -14.76
N ILE A 247 47.58 -46.48 -14.29
CA ILE A 247 47.12 -45.39 -15.13
C ILE A 247 47.60 -44.07 -14.56
N THR A 248 47.66 -43.05 -15.43
CA THR A 248 48.10 -41.72 -15.06
C THR A 248 47.05 -40.70 -15.47
N ILE A 249 46.61 -39.89 -14.51
CA ILE A 249 45.61 -38.85 -14.75
C ILE A 249 46.24 -37.50 -14.46
N GLY A 250 46.15 -36.58 -15.42
CA GLY A 250 46.76 -35.28 -15.28
C GLY A 250 45.80 -34.19 -14.87
N ASN A 251 45.47 -33.29 -15.80
CA ASN A 251 44.57 -32.18 -15.51
C ASN A 251 43.12 -32.62 -15.34
N GLU A 252 42.81 -33.88 -15.64
CA GLU A 252 41.45 -34.38 -15.49
C GLU A 252 41.10 -34.77 -14.07
N ARG A 253 42.05 -34.67 -13.13
CA ARG A 253 41.73 -34.90 -11.73
C ARG A 253 40.78 -33.86 -11.17
N PHE A 254 40.78 -32.65 -11.74
CA PHE A 254 39.92 -31.58 -11.26
C PHE A 254 38.87 -31.13 -12.26
N ARG A 255 38.95 -31.55 -13.52
CA ARG A 255 37.93 -31.17 -14.48
C ARG A 255 36.61 -31.86 -14.19
N CYS A 256 36.65 -33.06 -13.64
CA CYS A 256 35.44 -33.83 -13.37
C CYS A 256 34.54 -33.10 -12.36
N PRO A 257 35.04 -32.66 -11.21
CA PRO A 257 34.16 -31.87 -10.31
C PRO A 257 33.91 -30.46 -10.81
N GLU A 258 34.64 -29.99 -11.82
CA GLU A 258 34.42 -28.64 -12.35
C GLU A 258 33.04 -28.52 -12.98
N ALA A 259 32.53 -29.61 -13.56
CA ALA A 259 31.21 -29.57 -14.19
C ALA A 259 30.12 -29.23 -13.19
N LEU A 260 30.32 -29.51 -11.90
CA LEU A 260 29.35 -29.10 -10.89
C LEU A 260 29.19 -27.58 -10.87
N PHE A 261 30.27 -26.85 -11.15
CA PHE A 261 30.22 -25.40 -11.16
C PHE A 261 30.07 -24.82 -12.56
N GLN A 262 30.33 -25.61 -13.60
CA GLN A 262 30.08 -25.22 -14.98
C GLN A 262 29.46 -26.41 -15.71
N PRO A 263 28.14 -26.60 -15.59
CA PRO A 263 27.50 -27.73 -16.26
C PRO A 263 27.50 -27.64 -17.79
N SER A 264 28.00 -26.54 -18.36
CA SER A 264 28.11 -26.46 -19.82
C SER A 264 29.07 -27.48 -20.37
N PHE A 265 29.96 -28.03 -19.54
CA PHE A 265 30.84 -29.11 -19.99
C PHE A 265 30.03 -30.35 -20.36
N LEU A 266 29.04 -30.69 -19.56
CA LEU A 266 28.16 -31.82 -19.83
C LEU A 266 27.11 -31.52 -20.88
N GLY A 267 27.03 -30.27 -21.35
CA GLY A 267 26.03 -29.87 -22.31
C GLY A 267 24.71 -29.41 -21.72
N MET A 268 24.54 -29.56 -20.41
CA MET A 268 23.30 -29.15 -19.77
C MET A 268 23.24 -27.63 -19.65
N GLU A 269 22.04 -27.08 -19.82
CA GLU A 269 21.83 -25.65 -19.71
C GLU A 269 21.62 -25.18 -18.27
N SER A 270 21.48 -26.11 -17.33
CA SER A 270 21.26 -25.72 -15.94
C SER A 270 22.50 -25.05 -15.37
N ALA A 271 22.28 -24.18 -14.38
CA ALA A 271 23.37 -23.48 -13.74
C ALA A 271 24.12 -24.41 -12.80
N GLY A 272 25.30 -23.97 -12.39
CA GLY A 272 26.12 -24.75 -11.47
C GLY A 272 25.54 -24.78 -10.08
N ILE A 273 26.16 -25.61 -9.22
CA ILE A 273 25.68 -25.72 -7.85
C ILE A 273 26.03 -24.48 -7.03
N HIS A 274 26.93 -23.63 -7.53
CA HIS A 274 27.23 -22.39 -6.83
C HIS A 274 26.21 -21.31 -7.15
N GLU A 275 25.75 -21.25 -8.41
CA GLU A 275 24.75 -20.27 -8.79
C GLU A 275 23.36 -20.65 -8.31
N THR A 276 23.06 -21.96 -8.28
CA THR A 276 21.73 -22.39 -7.88
C THR A 276 21.42 -22.00 -6.45
N THR A 277 22.38 -22.20 -5.54
CA THR A 277 22.17 -21.85 -4.14
C THR A 277 21.95 -20.35 -3.99
N PHE A 278 22.72 -19.53 -4.70
CA PHE A 278 22.49 -18.10 -4.69
C PHE A 278 21.13 -17.75 -5.27
N ASN A 279 20.75 -18.40 -6.38
CA ASN A 279 19.44 -18.17 -6.97
C ASN A 279 18.31 -18.66 -6.05
N SER A 280 18.56 -19.74 -5.31
CA SER A 280 17.54 -20.24 -4.39
C SER A 280 17.26 -19.22 -3.28
N ILE A 281 18.31 -18.58 -2.76
CA ILE A 281 18.12 -17.60 -1.70
C ILE A 281 17.40 -16.37 -2.22
N MET A 282 17.72 -15.95 -3.45
CA MET A 282 17.07 -14.78 -4.03
C MET A 282 15.56 -14.96 -4.16
N LYS A 283 15.08 -16.20 -4.24
CA LYS A 283 13.64 -16.45 -4.26
C LYS A 283 13.00 -16.24 -2.91
N CYS A 284 13.79 -16.20 -1.83
CA CYS A 284 13.26 -16.04 -0.49
C CYS A 284 12.97 -14.56 -0.21
N ASP A 285 12.51 -14.28 1.01
CA ASP A 285 12.20 -12.92 1.40
C ASP A 285 13.48 -12.15 1.73
N VAL A 286 13.37 -10.82 1.70
CA VAL A 286 14.54 -9.97 1.94
C VAL A 286 15.04 -10.12 3.37
N ASP A 287 14.13 -10.19 4.34
CA ASP A 287 14.53 -10.25 5.74
C ASP A 287 15.29 -11.54 6.05
N ILE A 288 14.83 -12.67 5.49
CA ILE A 288 15.40 -13.96 5.88
C ILE A 288 16.71 -14.27 5.15
N ARG A 289 17.12 -13.43 4.20
CA ARG A 289 18.36 -13.70 3.48
C ARG A 289 19.59 -13.57 4.38
N LYS A 290 19.51 -12.75 5.43
CA LYS A 290 20.66 -12.54 6.30
C LYS A 290 21.03 -13.81 7.04
N ASP A 291 20.04 -14.56 7.52
CA ASP A 291 20.30 -15.78 8.26
C ASP A 291 20.55 -16.97 7.34
N LEU A 292 20.42 -16.80 6.02
CA LEU A 292 20.67 -17.87 5.07
C LEU A 292 21.98 -17.72 4.33
N TYR A 293 22.43 -16.49 4.09
CA TYR A 293 23.72 -16.29 3.43
C TYR A 293 24.86 -16.85 4.26
N ALA A 294 24.81 -16.64 5.58
CA ALA A 294 25.87 -17.06 6.48
C ALA A 294 25.55 -18.37 7.19
N ASN A 295 24.69 -19.21 6.61
CA ASN A 295 24.35 -20.49 7.24
C ASN A 295 24.22 -21.61 6.21
N THR A 296 24.95 -21.53 5.11
CA THR A 296 24.87 -22.55 4.06
C THR A 296 25.46 -23.85 4.58
N VAL A 297 24.63 -24.89 4.67
CA VAL A 297 25.06 -26.19 5.15
C VAL A 297 25.26 -27.11 3.95
N LEU A 298 26.10 -28.12 4.13
CA LEU A 298 26.39 -29.10 3.09
C LEU A 298 26.12 -30.50 3.62
N SER A 299 25.87 -31.42 2.69
CA SER A 299 25.66 -32.82 3.02
C SER A 299 25.82 -33.63 1.74
N GLY A 300 25.74 -34.94 1.88
CA GLY A 300 25.84 -35.85 0.75
C GLY A 300 27.28 -36.21 0.42
N GLY A 301 27.42 -37.22 -0.43
CA GLY A 301 28.74 -37.68 -0.82
C GLY A 301 29.43 -36.81 -1.85
N THR A 302 28.66 -36.18 -2.74
CA THR A 302 29.25 -35.36 -3.78
C THR A 302 29.93 -34.12 -3.22
N THR A 303 29.58 -33.70 -2.01
CA THR A 303 30.21 -32.56 -1.37
C THR A 303 31.42 -32.94 -0.52
N MET A 304 32.10 -34.03 -0.88
CA MET A 304 33.28 -34.48 -0.16
C MET A 304 34.57 -34.29 -0.96
N TYR A 305 34.48 -33.64 -2.12
CA TYR A 305 35.69 -33.36 -2.89
C TYR A 305 36.54 -32.31 -2.17
N PRO A 306 37.86 -32.38 -2.30
CA PRO A 306 38.71 -31.33 -1.73
C PRO A 306 38.47 -30.00 -2.45
N GLY A 307 38.35 -28.94 -1.67
CA GLY A 307 38.18 -27.60 -2.20
C GLY A 307 36.77 -27.24 -2.62
N ILE A 308 35.78 -28.10 -2.37
CA ILE A 308 34.42 -27.77 -2.76
C ILE A 308 33.86 -26.65 -1.91
N ALA A 309 34.14 -26.67 -0.60
CA ALA A 309 33.66 -25.60 0.28
C ALA A 309 34.32 -24.28 -0.04
N ASP A 310 35.64 -24.30 -0.29
CA ASP A 310 36.35 -23.07 -0.56
C ASP A 310 35.98 -22.48 -1.91
N ARG A 311 35.80 -23.34 -2.92
CA ARG A 311 35.43 -22.84 -4.25
C ARG A 311 34.05 -22.20 -4.23
N MET A 312 33.09 -22.82 -3.55
CA MET A 312 31.75 -22.25 -3.48
C MET A 312 31.74 -20.93 -2.73
N GLN A 313 32.50 -20.85 -1.63
CA GLN A 313 32.53 -19.64 -0.83
C GLN A 313 33.06 -18.46 -1.63
N LYS A 314 34.08 -18.69 -2.47
CA LYS A 314 34.57 -17.63 -3.32
C LYS A 314 33.55 -17.24 -4.39
N GLU A 315 32.83 -18.23 -4.93
CA GLU A 315 31.90 -17.94 -6.02
C GLU A 315 30.64 -17.25 -5.51
N ILE A 316 30.15 -17.64 -4.34
CA ILE A 316 28.96 -17.00 -3.78
C ILE A 316 29.25 -15.53 -3.46
N THR A 317 30.41 -15.25 -2.88
CA THR A 317 30.78 -13.88 -2.55
C THR A 317 30.93 -13.03 -3.80
N ALA A 318 31.18 -13.64 -4.97
CA ALA A 318 31.19 -12.88 -6.21
C ALA A 318 29.79 -12.43 -6.63
N LEU A 319 28.75 -13.03 -6.03
CA LEU A 319 27.37 -12.67 -6.31
C LEU A 319 26.64 -12.08 -5.12
N ALA A 320 27.03 -12.44 -3.90
CA ALA A 320 26.38 -11.95 -2.71
C ALA A 320 26.67 -10.46 -2.50
N PRO A 321 25.85 -9.77 -1.71
CA PRO A 321 26.14 -8.36 -1.39
C PRO A 321 27.49 -8.21 -0.71
N SER A 322 28.15 -7.08 -0.98
CA SER A 322 29.51 -6.88 -0.49
C SER A 322 29.57 -6.89 1.03
N THR A 323 28.62 -6.23 1.69
CA THR A 323 28.60 -6.24 3.15
C THR A 323 28.18 -7.60 3.72
N MET A 324 27.59 -8.46 2.90
CA MET A 324 27.17 -9.77 3.39
C MET A 324 28.38 -10.69 3.56
N LYS A 325 28.32 -11.52 4.60
CA LYS A 325 29.36 -12.50 4.89
C LYS A 325 28.86 -13.88 4.51
N ILE A 326 29.68 -14.63 3.78
CA ILE A 326 29.32 -15.95 3.31
C ILE A 326 30.10 -16.97 4.14
N LYS A 327 29.39 -17.95 4.70
CA LYS A 327 30.01 -18.97 5.55
C LYS A 327 29.47 -20.33 5.11
N ILE A 328 30.26 -21.04 4.31
CA ILE A 328 29.85 -22.35 3.80
C ILE A 328 30.17 -23.41 4.84
N ILE A 329 29.20 -23.69 5.72
CA ILE A 329 29.39 -24.73 6.72
C ILE A 329 29.47 -26.08 6.04
N ALA A 330 30.37 -26.92 6.53
CA ALA A 330 30.53 -28.27 5.99
C ALA A 330 31.05 -29.17 7.11
N PRO A 331 30.16 -29.89 7.79
CA PRO A 331 30.61 -30.77 8.86
C PRO A 331 31.49 -31.88 8.32
N PRO A 332 32.40 -32.39 9.13
CA PRO A 332 33.28 -33.47 8.65
C PRO A 332 32.54 -34.73 8.24
N GLU A 333 31.39 -35.00 8.86
CA GLU A 333 30.61 -36.20 8.58
C GLU A 333 29.45 -35.94 7.64
N ARG A 334 29.65 -35.07 6.64
CA ARG A 334 28.57 -34.73 5.72
C ARG A 334 28.16 -35.90 4.86
N LYS A 335 28.95 -36.98 4.82
CA LYS A 335 28.56 -38.15 4.04
C LYS A 335 27.29 -38.79 4.59
N TYR A 336 27.18 -38.88 5.91
CA TYR A 336 26.05 -39.53 6.56
C TYR A 336 25.09 -38.55 7.22
N SER A 337 25.18 -37.26 6.86
CA SER A 337 24.38 -36.23 7.54
C SER A 337 22.89 -36.58 7.51
N VAL A 338 22.40 -37.11 6.39
CA VAL A 338 20.99 -37.45 6.27
C VAL A 338 20.61 -38.51 7.30
N TRP A 339 21.45 -39.54 7.44
CA TRP A 339 21.10 -40.64 8.32
C TRP A 339 21.16 -40.23 9.79
N ILE A 340 22.18 -39.46 10.18
CA ILE A 340 22.29 -39.05 11.57
C ILE A 340 21.08 -38.22 11.99
N GLY A 341 20.61 -37.35 11.10
CA GLY A 341 19.39 -36.63 11.38
C GLY A 341 18.18 -37.54 11.54
N GLY A 342 18.14 -38.63 10.77
CA GLY A 342 17.03 -39.57 10.90
C GLY A 342 17.01 -40.26 12.24
N SER A 343 18.18 -40.60 12.78
CA SER A 343 18.23 -41.25 14.08
C SER A 343 17.71 -40.34 15.19
N ILE A 344 18.03 -39.04 15.11
CA ILE A 344 17.54 -38.10 16.10
C ILE A 344 16.02 -37.91 15.96
N LEU A 345 15.53 -37.85 14.73
CA LEU A 345 14.11 -37.61 14.51
C LEU A 345 13.26 -38.74 15.09
N ALA A 346 13.69 -39.98 14.89
CA ALA A 346 12.88 -41.12 15.34
C ALA A 346 12.80 -41.19 16.86
N SER A 347 13.86 -40.83 17.57
CA SER A 347 13.91 -40.98 19.02
C SER A 347 13.22 -39.84 19.77
N LEU A 348 12.76 -38.81 19.07
CA LEU A 348 12.09 -37.70 19.75
C LEU A 348 10.77 -38.16 20.36
N SER A 349 10.51 -37.71 21.59
CA SER A 349 9.28 -38.10 22.27
C SER A 349 8.05 -37.55 21.57
N THR A 350 8.11 -36.29 21.10
CA THR A 350 6.97 -35.68 20.42
C THR A 350 6.74 -36.25 19.04
N PHE A 351 7.64 -37.08 18.53
CA PHE A 351 7.52 -37.65 17.20
C PHE A 351 6.61 -38.88 17.17
N GLN A 352 6.27 -39.45 18.32
CA GLN A 352 5.49 -40.69 18.35
C GLN A 352 4.08 -40.50 17.79
N GLN A 353 3.57 -39.28 17.74
CA GLN A 353 2.22 -39.01 17.26
C GLN A 353 2.16 -38.70 15.77
N MET A 354 3.30 -38.72 15.08
CA MET A 354 3.37 -38.38 13.67
C MET A 354 3.46 -39.64 12.80
N TRP A 355 3.64 -40.80 13.40
CA TRP A 355 3.73 -42.05 12.65
C TRP A 355 2.45 -42.32 11.89
N ILE A 356 2.58 -42.89 10.70
CA ILE A 356 1.44 -43.33 9.90
C ILE A 356 1.13 -44.77 10.33
N SER A 357 0.15 -44.92 11.23
CA SER A 357 -0.14 -46.23 11.79
C SER A 357 -0.79 -47.14 10.76
N LYS A 358 -0.89 -48.42 11.12
CA LYS A 358 -1.44 -49.42 10.21
C LYS A 358 -2.91 -49.15 9.91
N GLN A 359 -3.69 -48.81 10.93
CA GLN A 359 -5.14 -48.63 10.75
C GLN A 359 -5.44 -47.45 9.85
N GLU A 360 -4.62 -46.40 9.91
CA GLU A 360 -4.87 -45.21 9.11
C GLU A 360 -4.67 -45.47 7.61
N TYR A 361 -3.70 -46.32 7.26
CA TYR A 361 -3.45 -46.58 5.84
C TYR A 361 -4.62 -47.28 5.18
N ASP A 362 -5.19 -48.28 5.86
CA ASP A 362 -6.25 -49.08 5.24
C ASP A 362 -7.48 -48.23 4.93
N GLU A 363 -7.86 -47.34 5.83
CA GLU A 363 -9.05 -46.52 5.65
C GLU A 363 -8.82 -45.29 4.81
N SER A 364 -7.59 -45.04 4.35
CA SER A 364 -7.32 -43.87 3.53
C SER A 364 -6.65 -44.25 2.22
N GLY A 365 -5.86 -45.33 2.23
CA GLY A 365 -5.22 -45.80 1.02
C GLY A 365 -3.82 -45.27 0.83
N PRO A 366 -3.27 -45.45 -0.37
CA PRO A 366 -1.89 -45.01 -0.62
C PRO A 366 -1.73 -43.51 -0.70
N SER A 367 -2.81 -42.75 -0.72
CA SER A 367 -2.71 -41.28 -0.75
C SER A 367 -2.51 -40.68 0.63
N ILE A 368 -2.46 -41.50 1.68
CA ILE A 368 -2.23 -40.98 3.02
C ILE A 368 -0.84 -40.38 3.15
N VAL A 369 0.09 -40.81 2.30
CA VAL A 369 1.46 -40.28 2.35
C VAL A 369 1.52 -38.82 1.96
N HIS A 370 0.48 -38.30 1.29
CA HIS A 370 0.42 -36.89 0.94
C HIS A 370 -0.26 -36.04 2.01
N ARG A 371 -0.65 -36.65 3.13
CA ARG A 371 -1.36 -35.94 4.19
C ARG A 371 -0.54 -35.87 5.48
N LYS A 372 0.06 -36.97 5.90
CA LYS A 372 0.84 -37.02 7.13
C LYS A 372 2.32 -36.81 6.90
N CYS A 373 2.73 -36.45 5.67
CA CYS A 373 4.12 -36.22 5.35
C CYS A 373 4.27 -34.91 4.59
N PHE A 374 5.45 -34.32 4.68
CA PHE A 374 5.75 -33.09 3.96
C PHE A 374 6.14 -33.39 2.51
N ALA B 5 1.81 7.78 -42.94
CA ALA B 5 1.32 6.60 -42.25
C ALA B 5 2.19 6.27 -41.04
N ALA B 6 1.70 6.62 -39.85
CA ALA B 6 2.45 6.39 -38.63
C ALA B 6 2.51 4.90 -38.31
N LEU B 7 3.43 4.54 -37.42
CA LEU B 7 3.64 3.17 -37.00
C LEU B 7 3.26 3.01 -35.54
N VAL B 8 2.85 1.79 -35.17
CA VAL B 8 2.62 1.42 -33.79
C VAL B 8 3.46 0.18 -33.50
N VAL B 9 4.28 0.24 -32.46
CA VAL B 9 5.13 -0.87 -32.05
C VAL B 9 4.88 -1.10 -30.57
N ASP B 10 3.93 -1.98 -30.26
CA ASP B 10 3.58 -2.27 -28.87
C ASP B 10 4.49 -3.39 -28.38
N ASN B 11 5.60 -3.01 -27.75
CA ASN B 11 6.50 -4.00 -27.19
C ASN B 11 5.88 -4.66 -25.96
N GLY B 12 6.06 -5.97 -25.84
CA GLY B 12 5.51 -6.71 -24.74
C GLY B 12 6.60 -7.49 -24.02
N SER B 13 6.25 -7.93 -22.80
CA SER B 13 7.22 -8.68 -22.00
C SER B 13 7.58 -10.01 -22.66
N GLY B 14 6.60 -10.68 -23.25
CA GLY B 14 6.85 -12.00 -23.81
C GLY B 14 6.62 -12.11 -25.30
N MET B 15 6.01 -11.08 -25.90
CA MET B 15 5.67 -11.12 -27.31
C MET B 15 5.33 -9.71 -27.77
N CYS B 16 5.83 -9.32 -28.94
CA CYS B 16 5.68 -7.96 -29.43
C CYS B 16 4.77 -7.92 -30.64
N LYS B 17 4.16 -6.75 -30.88
CA LYS B 17 3.22 -6.54 -31.96
C LYS B 17 3.59 -5.28 -32.71
N ALA B 18 3.33 -5.26 -34.02
CA ALA B 18 3.71 -4.14 -34.85
C ALA B 18 2.73 -4.01 -36.01
N GLY B 19 2.73 -2.83 -36.62
CA GLY B 19 1.88 -2.58 -37.77
C GLY B 19 1.71 -1.10 -38.00
N PHE B 20 1.07 -0.78 -39.12
CA PHE B 20 0.87 0.60 -39.53
C PHE B 20 -0.29 1.22 -38.74
N ALA B 21 -0.69 2.42 -39.14
CA ALA B 21 -1.75 3.16 -38.47
C ALA B 21 -3.08 2.97 -39.19
N GLY B 22 -4.17 3.21 -38.46
CA GLY B 22 -5.50 3.05 -39.00
C GLY B 22 -5.81 1.61 -39.36
N ASP B 23 -5.50 0.69 -38.46
CA ASP B 23 -5.61 -0.73 -38.75
C ASP B 23 -6.00 -1.48 -37.48
N ASP B 24 -6.43 -2.73 -37.66
CA ASP B 24 -6.65 -3.67 -36.58
C ASP B 24 -5.95 -4.97 -36.94
N ALA B 25 -6.03 -5.96 -36.02
CA ALA B 25 -5.40 -7.25 -36.25
C ALA B 25 -3.92 -7.09 -36.61
N PRO B 26 -3.06 -6.82 -35.63
CA PRO B 26 -1.69 -6.37 -35.93
C PRO B 26 -0.97 -7.26 -36.92
N ARG B 27 -0.20 -6.62 -37.81
CA ARG B 27 0.41 -7.33 -38.94
C ARG B 27 1.68 -8.05 -38.53
N ALA B 28 2.71 -7.31 -38.12
CA ALA B 28 4.00 -7.90 -37.78
C ALA B 28 3.98 -8.31 -36.31
N VAL B 29 3.58 -9.55 -36.07
CA VAL B 29 3.48 -10.09 -34.71
C VAL B 29 4.46 -11.24 -34.61
N PHE B 30 5.46 -11.09 -33.75
CA PHE B 30 6.44 -12.12 -33.46
C PHE B 30 6.87 -11.99 -32.02
N PRO B 31 7.22 -13.11 -31.38
CA PRO B 31 7.63 -13.04 -29.97
C PRO B 31 8.91 -12.24 -29.80
N SER B 32 9.00 -11.55 -28.66
CA SER B 32 10.19 -10.77 -28.31
C SER B 32 11.21 -11.70 -27.68
N ILE B 33 11.92 -12.42 -28.55
CA ILE B 33 12.91 -13.41 -28.12
C ILE B 33 14.21 -13.17 -28.87
N VAL B 34 15.33 -13.36 -28.18
CA VAL B 34 16.65 -13.26 -28.78
C VAL B 34 17.45 -14.48 -28.33
N GLY B 35 17.97 -15.23 -29.28
CA GLY B 35 18.74 -16.42 -28.99
C GLY B 35 20.04 -16.43 -29.75
N ARG B 36 21.05 -17.02 -29.14
CA ARG B 36 22.37 -17.16 -29.72
C ARG B 36 22.80 -18.62 -29.69
N PRO B 37 23.59 -19.05 -30.66
CA PRO B 37 23.97 -20.48 -30.72
C PRO B 37 24.73 -20.90 -29.47
N ARG B 38 24.49 -22.13 -29.04
CA ARG B 38 25.06 -22.66 -27.82
C ARG B 38 26.23 -23.62 -28.06
N HIS B 39 26.22 -24.36 -29.16
CA HIS B 39 27.24 -25.34 -29.47
C HIS B 39 28.17 -24.79 -30.56
N GLN B 40 29.11 -25.63 -30.99
CA GLN B 40 30.10 -25.24 -31.98
C GLN B 40 29.66 -25.70 -33.37
N GLY B 41 29.73 -24.78 -34.34
CA GLY B 41 29.30 -25.09 -35.69
C GLY B 41 30.37 -25.75 -36.53
N VAL B 42 30.25 -27.07 -36.70
CA VAL B 42 31.25 -27.81 -37.47
C VAL B 42 31.15 -27.47 -38.95
N MET B 43 29.94 -27.29 -39.47
CA MET B 43 29.75 -27.03 -40.88
C MET B 43 30.30 -25.66 -41.26
N VAL B 44 30.93 -25.58 -42.42
CA VAL B 44 31.51 -24.34 -42.93
C VAL B 44 30.60 -23.77 -44.00
N GLY B 45 29.95 -24.65 -44.77
CA GLY B 45 29.11 -24.19 -45.86
C GLY B 45 27.91 -23.39 -45.39
N MET B 46 27.32 -23.79 -44.26
CA MET B 46 26.15 -23.08 -43.75
C MET B 46 26.52 -21.66 -43.34
N GLY B 47 25.61 -20.73 -43.62
CA GLY B 47 25.80 -19.35 -43.22
C GLY B 47 25.20 -19.04 -41.86
N GLN B 48 25.79 -19.60 -40.81
CA GLN B 48 25.26 -19.42 -39.46
C GLN B 48 25.42 -17.97 -39.03
N LYS B 49 24.35 -17.37 -38.53
CA LYS B 49 24.38 -15.99 -38.09
C LYS B 49 24.78 -15.90 -36.61
N ASP B 50 25.21 -14.71 -36.21
CA ASP B 50 25.63 -14.50 -34.83
C ASP B 50 24.47 -14.65 -33.86
N SER B 51 23.30 -14.13 -34.22
CA SER B 51 22.13 -14.22 -33.34
C SER B 51 20.87 -14.27 -34.18
N TYR B 52 19.87 -14.97 -33.65
CA TYR B 52 18.56 -15.10 -34.29
C TYR B 52 17.51 -14.44 -33.40
N VAL B 53 16.71 -13.56 -33.98
CA VAL B 53 15.75 -12.75 -33.23
C VAL B 53 14.36 -12.94 -33.80
N GLY B 54 13.40 -13.25 -32.94
CA GLY B 54 12.00 -13.27 -33.34
C GLY B 54 11.54 -14.66 -33.74
N ASP B 55 10.90 -14.75 -34.90
CA ASP B 55 10.34 -16.03 -35.34
C ASP B 55 11.43 -17.01 -35.76
N GLU B 56 12.57 -16.50 -36.24
CA GLU B 56 13.65 -17.38 -36.65
C GLU B 56 14.21 -18.17 -35.47
N ALA B 57 14.30 -17.53 -34.31
CA ALA B 57 14.85 -18.19 -33.13
C ALA B 57 13.92 -19.24 -32.55
N GLN B 58 12.62 -19.16 -32.85
CA GLN B 58 11.69 -20.16 -32.31
C GLN B 58 11.82 -21.48 -33.05
N SER B 59 12.01 -21.44 -34.37
CA SER B 59 12.08 -22.66 -35.15
C SER B 59 13.31 -23.48 -34.79
N LYS B 60 14.45 -22.82 -34.57
CA LYS B 60 15.70 -23.50 -34.25
C LYS B 60 16.01 -23.47 -32.76
N ARG B 61 14.99 -23.54 -31.92
CA ARG B 61 15.21 -23.41 -30.47
C ARG B 61 15.92 -24.61 -29.87
N GLY B 62 16.11 -25.69 -30.63
CA GLY B 62 16.80 -26.85 -30.09
C GLY B 62 18.24 -26.57 -29.70
N ILE B 63 18.91 -25.70 -30.45
CA ILE B 63 20.32 -25.38 -30.21
C ILE B 63 20.53 -23.99 -29.65
N LEU B 64 19.51 -23.13 -29.63
CA LEU B 64 19.66 -21.78 -29.14
C LEU B 64 19.43 -21.72 -27.63
N THR B 65 19.49 -20.51 -27.07
CA THR B 65 19.33 -20.30 -25.64
C THR B 65 18.07 -19.52 -25.27
N LEU B 66 17.54 -18.70 -26.18
CA LEU B 66 16.24 -18.05 -26.03
C LEU B 66 16.19 -17.16 -24.78
N LYS B 67 16.99 -16.10 -24.83
CA LYS B 67 17.00 -15.10 -23.76
C LYS B 67 15.94 -14.03 -24.02
N TYR B 68 15.22 -13.65 -22.97
CA TYR B 68 14.19 -12.62 -23.07
C TYR B 68 14.81 -11.25 -22.83
N PRO B 69 14.72 -10.31 -23.77
CA PRO B 69 15.28 -8.97 -23.51
C PRO B 69 14.43 -8.12 -22.59
N ILE B 70 13.20 -8.52 -22.30
CA ILE B 70 12.28 -7.75 -21.45
C ILE B 70 11.76 -8.67 -20.35
N GLU B 71 11.79 -8.18 -19.12
CA GLU B 71 11.26 -8.94 -17.99
C GLU B 71 10.51 -8.02 -17.03
N GLY B 73 8.28 -5.93 -17.59
CA GLY B 73 8.13 -4.60 -18.13
C GLY B 73 9.43 -3.81 -18.18
N ILE B 74 10.22 -3.90 -17.12
CA ILE B 74 11.49 -3.21 -17.05
C ILE B 74 12.49 -3.91 -17.95
N VAL B 75 13.21 -3.13 -18.76
CA VAL B 75 14.15 -3.68 -19.74
C VAL B 75 15.45 -4.01 -19.01
N THR B 76 15.85 -5.28 -19.04
CA THR B 76 17.10 -5.68 -18.40
C THR B 76 18.29 -5.44 -19.33
N ASN B 77 18.15 -5.81 -20.60
CA ASN B 77 19.22 -5.68 -21.58
C ASN B 77 18.77 -4.76 -22.70
N TRP B 78 19.57 -3.73 -22.99
CA TRP B 78 19.25 -2.78 -24.04
C TRP B 78 20.04 -3.03 -25.33
N ASP B 79 21.12 -3.81 -25.26
CA ASP B 79 21.88 -4.11 -26.47
C ASP B 79 21.10 -4.96 -27.45
N ASP B 80 20.36 -5.96 -26.94
CA ASP B 80 19.64 -6.87 -27.82
C ASP B 80 18.33 -6.27 -28.32
N MET B 81 17.75 -5.34 -27.57
CA MET B 81 16.49 -4.74 -28.02
C MET B 81 16.67 -3.91 -29.27
N GLU B 82 17.83 -3.28 -29.44
CA GLU B 82 18.08 -2.55 -30.69
C GLU B 82 18.05 -3.50 -31.88
N LYS B 83 18.43 -4.77 -31.68
CA LYS B 83 18.25 -5.77 -32.72
C LYS B 83 16.76 -5.98 -33.00
N ILE B 84 15.94 -6.05 -31.95
CA ILE B 84 14.51 -6.30 -32.14
C ILE B 84 13.87 -5.17 -32.91
N TRP B 85 14.14 -3.92 -32.51
CA TRP B 85 13.54 -2.78 -33.20
C TRP B 85 14.03 -2.68 -34.64
N HIS B 86 15.32 -2.93 -34.87
CA HIS B 86 15.82 -2.97 -36.23
C HIS B 86 15.20 -4.12 -37.01
N HIS B 87 15.00 -5.26 -36.34
CA HIS B 87 14.34 -6.39 -36.98
C HIS B 87 12.91 -6.05 -37.36
N THR B 88 12.19 -5.37 -36.47
CA THR B 88 10.80 -5.03 -36.75
C THR B 88 10.67 -4.08 -37.92
N PHE B 89 11.52 -3.04 -37.97
CA PHE B 89 11.32 -1.97 -38.94
C PHE B 89 11.77 -2.37 -40.34
N TYR B 90 12.82 -3.18 -40.48
CA TYR B 90 13.42 -3.44 -41.77
C TYR B 90 12.95 -4.74 -42.41
N ASN B 91 12.89 -5.83 -41.66
CA ASN B 91 12.49 -7.10 -42.26
C ASN B 91 10.99 -7.34 -42.22
N GLU B 92 10.35 -7.16 -41.06
CA GLU B 92 8.94 -7.48 -40.93
C GLU B 92 8.08 -6.46 -41.66
N LEU B 93 8.39 -5.18 -41.51
CA LEU B 93 7.58 -4.13 -42.11
C LEU B 93 8.17 -3.57 -43.40
N ARG B 94 9.49 -3.63 -43.57
CA ARG B 94 10.17 -3.11 -44.76
C ARG B 94 9.85 -1.63 -44.98
N VAL B 95 9.98 -0.85 -43.91
CA VAL B 95 9.68 0.57 -43.93
C VAL B 95 10.86 1.34 -43.37
N ALA B 96 11.23 2.43 -44.04
CA ALA B 96 12.31 3.28 -43.56
C ALA B 96 11.79 4.15 -42.42
N PRO B 97 12.34 4.05 -41.22
CA PRO B 97 11.85 4.86 -40.09
C PRO B 97 12.23 6.31 -40.16
N GLU B 98 13.04 6.73 -41.13
CA GLU B 98 13.51 8.11 -41.23
C GLU B 98 12.47 9.04 -41.82
N GLU B 99 11.34 8.51 -42.30
CA GLU B 99 10.30 9.33 -42.90
C GLU B 99 8.93 9.18 -42.27
N HIS B 100 8.67 8.08 -41.55
CA HIS B 100 7.37 7.81 -40.98
C HIS B 100 7.44 7.85 -39.47
N PRO B 101 6.61 8.66 -38.80
CA PRO B 101 6.67 8.74 -37.34
C PRO B 101 6.26 7.43 -36.69
N VAL B 102 6.76 7.21 -35.48
CA VAL B 102 6.61 5.94 -34.78
C VAL B 102 5.96 6.19 -33.43
N LEU B 103 4.97 5.38 -33.09
CA LEU B 103 4.34 5.39 -31.77
C LEU B 103 4.83 4.21 -30.95
N LEU B 104 4.83 4.38 -29.63
CA LEU B 104 5.27 3.36 -28.71
C LEU B 104 4.23 3.20 -27.60
N THR B 105 4.33 2.08 -26.88
CA THR B 105 3.51 1.85 -25.71
C THR B 105 4.41 1.44 -24.55
N GLU B 106 3.95 1.72 -23.33
CA GLU B 106 4.76 1.48 -22.15
C GLU B 106 3.85 1.27 -20.95
N ALA B 107 4.26 0.37 -20.05
CA ALA B 107 3.45 0.05 -18.89
C ALA B 107 3.47 1.19 -17.88
N PRO B 108 2.39 1.35 -17.11
CA PRO B 108 2.38 2.37 -16.06
C PRO B 108 3.21 1.97 -14.86
N LEU B 109 3.62 2.98 -14.08
CA LEU B 109 4.42 2.81 -12.87
C LEU B 109 5.73 2.07 -13.19
N ASN B 110 6.55 2.73 -14.01
CA ASN B 110 7.82 2.19 -14.44
C ASN B 110 8.92 3.24 -14.24
N PRO B 111 10.17 2.80 -14.06
CA PRO B 111 11.26 3.77 -13.86
C PRO B 111 11.38 4.73 -15.03
N LYS B 112 11.71 5.98 -14.71
CA LYS B 112 11.85 7.01 -15.73
C LYS B 112 13.06 6.77 -16.63
N ALA B 113 14.03 5.97 -16.18
CA ALA B 113 15.17 5.66 -17.03
C ALA B 113 14.75 4.81 -18.22
N ASN B 114 13.82 3.88 -18.03
CA ASN B 114 13.43 2.96 -19.09
C ASN B 114 12.82 3.71 -20.26
N ARG B 115 11.83 4.57 -19.99
CA ARG B 115 11.19 5.30 -21.07
C ARG B 115 12.09 6.38 -21.65
N GLU B 116 13.07 6.86 -20.89
CA GLU B 116 14.01 7.83 -21.44
C GLU B 116 14.94 7.18 -22.45
N LYS B 117 15.27 5.90 -22.26
CA LYS B 117 16.17 5.21 -23.18
C LYS B 117 15.53 5.05 -24.56
N MET B 118 14.24 4.71 -24.61
CA MET B 118 13.57 4.60 -25.91
C MET B 118 13.60 5.92 -26.66
N THR B 119 13.44 7.04 -25.93
CA THR B 119 13.49 8.34 -26.57
C THR B 119 14.83 8.57 -27.26
N GLN B 120 15.92 8.17 -26.60
CA GLN B 120 17.24 8.33 -27.18
C GLN B 120 17.42 7.47 -28.43
N ILE B 121 16.96 6.22 -28.37
CA ILE B 121 17.26 5.26 -29.44
C ILE B 121 16.58 5.66 -30.75
N MET B 122 15.30 6.03 -30.68
CA MET B 122 14.55 6.29 -31.91
C MET B 122 15.06 7.53 -32.65
N PHE B 123 15.66 8.48 -31.94
CA PHE B 123 15.95 9.77 -32.55
C PHE B 123 17.34 9.85 -33.18
N GLU B 124 18.28 9.04 -32.74
CA GLU B 124 19.62 9.04 -33.33
C GLU B 124 19.97 7.73 -34.02
N THR B 125 19.76 6.59 -33.35
CA THR B 125 20.03 5.31 -33.99
C THR B 125 19.09 5.06 -35.16
N PHE B 126 17.81 5.42 -34.99
CA PHE B 126 16.82 5.23 -36.05
C PHE B 126 16.44 6.53 -36.74
N ASN B 127 16.57 7.67 -36.06
CA ASN B 127 16.28 8.98 -36.64
C ASN B 127 14.84 9.09 -37.12
N THR B 128 13.91 8.75 -36.23
CA THR B 128 12.50 8.91 -36.55
C THR B 128 12.12 10.39 -36.53
N PRO B 129 11.29 10.84 -37.49
CA PRO B 129 10.87 12.25 -37.47
C PRO B 129 10.15 12.66 -36.21
N ALA B 130 9.34 11.77 -35.63
CA ALA B 130 8.61 12.06 -34.41
C ALA B 130 8.31 10.76 -33.69
N MET B 131 8.01 10.87 -32.40
CA MET B 131 7.71 9.68 -31.61
C MET B 131 6.88 10.10 -30.40
N TYR B 132 5.99 9.20 -29.98
CA TYR B 132 5.16 9.42 -28.80
C TYR B 132 5.08 8.13 -28.00
N VAL B 133 4.85 8.27 -26.70
CA VAL B 133 4.71 7.14 -25.79
C VAL B 133 3.41 7.32 -25.01
N ALA B 134 2.62 6.26 -24.93
CA ALA B 134 1.35 6.28 -24.22
C ALA B 134 1.25 5.06 -23.31
N ILE B 135 0.41 5.17 -22.27
CA ILE B 135 0.21 4.07 -21.35
C ILE B 135 -0.51 2.93 -22.07
N GLN B 136 -0.21 1.70 -21.65
CA GLN B 136 -0.80 0.54 -22.31
C GLN B 136 -2.29 0.40 -21.99
N ALA B 137 -2.66 0.57 -20.73
CA ALA B 137 -4.04 0.34 -20.32
C ALA B 137 -4.97 1.43 -20.85
N VAL B 138 -4.46 2.65 -21.00
CA VAL B 138 -5.27 3.71 -21.60
C VAL B 138 -5.63 3.35 -23.04
N LEU B 139 -4.67 2.79 -23.77
CA LEU B 139 -4.97 2.27 -25.11
C LEU B 139 -6.00 1.16 -25.07
N SER B 140 -6.03 0.38 -23.98
CA SER B 140 -6.93 -0.76 -23.92
C SER B 140 -8.39 -0.35 -23.77
N LEU B 141 -8.66 0.76 -23.09
CA LEU B 141 -10.05 1.19 -22.88
C LEU B 141 -10.73 1.51 -24.20
N TYR B 142 -10.31 2.58 -24.87
CA TYR B 142 -11.00 2.97 -26.09
C TYR B 142 -10.66 2.09 -27.29
N ALA B 143 -10.03 0.94 -27.04
CA ALA B 143 -10.10 -0.18 -27.97
C ALA B 143 -11.38 -0.97 -27.81
N SER B 144 -12.04 -0.85 -26.66
CA SER B 144 -13.37 -1.42 -26.44
C SER B 144 -14.48 -0.44 -26.81
N GLY B 145 -14.15 0.80 -27.15
CA GLY B 145 -15.11 1.80 -27.56
C GLY B 145 -15.50 2.79 -26.48
N ARG B 146 -15.25 2.47 -25.21
CA ARG B 146 -15.67 3.32 -24.11
C ARG B 146 -14.56 4.32 -23.76
N THR B 147 -14.85 5.17 -22.78
CA THR B 147 -13.88 6.13 -22.28
C THR B 147 -13.84 6.23 -20.76
N THR B 148 -14.63 5.43 -20.04
CA THR B 148 -14.68 5.49 -18.58
C THR B 148 -14.81 4.06 -18.06
N GLY B 149 -13.71 3.50 -17.60
CA GLY B 149 -13.70 2.14 -17.12
C GLY B 149 -12.35 1.68 -16.62
N ILE B 150 -12.33 0.75 -15.69
CA ILE B 150 -11.07 0.19 -15.20
C ILE B 150 -10.56 -0.85 -16.18
N VAL B 151 -9.30 -0.73 -16.58
CA VAL B 151 -8.63 -1.70 -17.45
C VAL B 151 -7.76 -2.58 -16.57
N MET B 152 -8.02 -3.88 -16.62
CA MET B 152 -7.22 -4.86 -15.90
C MET B 152 -6.44 -5.69 -16.91
N ASP B 153 -5.16 -5.40 -17.05
CA ASP B 153 -4.32 -6.02 -18.07
C ASP B 153 -3.32 -6.95 -17.40
N SER B 154 -3.13 -8.13 -17.99
CA SER B 154 -2.20 -9.12 -17.48
C SER B 154 -1.42 -9.70 -18.65
N GLY B 155 -0.12 -9.41 -18.70
CA GLY B 155 0.73 -9.94 -19.74
C GLY B 155 1.59 -11.09 -19.27
N ASP B 156 2.90 -10.96 -19.42
CA ASP B 156 3.83 -11.99 -18.95
C ASP B 156 4.27 -11.75 -17.52
N GLY B 157 4.66 -10.52 -17.19
CA GLY B 157 5.15 -10.22 -15.86
C GLY B 157 4.49 -9.05 -15.18
N VAL B 158 3.62 -8.34 -15.89
CA VAL B 158 2.98 -7.13 -15.38
C VAL B 158 1.47 -7.35 -15.33
N THR B 159 0.87 -7.07 -14.18
CA THR B 159 -0.58 -7.15 -13.98
C THR B 159 -1.02 -5.84 -13.36
N HIS B 160 -1.32 -4.85 -14.20
CA HIS B 160 -1.66 -3.51 -13.75
C HIS B 160 -3.13 -3.23 -13.97
N THR B 161 -3.78 -2.66 -12.95
CA THR B 161 -5.20 -2.31 -12.99
C THR B 161 -5.28 -0.78 -12.91
N VAL B 162 -5.56 -0.15 -14.05
CA VAL B 162 -5.53 1.32 -14.16
C VAL B 162 -6.98 1.81 -14.28
N PRO B 163 -7.53 2.41 -13.22
CA PRO B 163 -8.86 3.03 -13.35
C PRO B 163 -8.79 4.27 -14.23
N ILE B 164 -9.78 4.39 -15.11
CA ILE B 164 -9.83 5.47 -16.09
C ILE B 164 -11.21 6.11 -16.05
N TYR B 165 -11.24 7.45 -16.16
CA TYR B 165 -12.48 8.22 -16.22
C TYR B 165 -12.73 8.89 -17.56
N GLU B 166 -11.68 9.25 -18.29
CA GLU B 166 -11.81 9.96 -19.56
C GLU B 166 -10.53 9.71 -20.35
N GLY B 167 -10.30 10.53 -21.37
CA GLY B 167 -9.05 10.44 -22.11
C GLY B 167 -7.82 10.56 -21.23
N TYR B 168 -8.03 10.97 -19.99
CA TYR B 168 -6.98 11.04 -18.97
C TYR B 168 -7.18 9.91 -17.97
N ALA B 169 -6.08 9.27 -17.59
CA ALA B 169 -6.12 8.20 -16.61
C ALA B 169 -6.13 8.79 -15.20
N LEU B 170 -6.07 7.92 -14.19
CA LEU B 170 -6.03 8.31 -12.79
C LEU B 170 -4.78 7.74 -12.15
N PRO B 171 -3.68 8.47 -12.14
CA PRO B 171 -2.42 7.92 -11.60
C PRO B 171 -2.48 7.59 -10.12
N HIS B 172 -3.42 8.15 -9.37
CA HIS B 172 -3.48 7.91 -7.94
C HIS B 172 -3.79 6.45 -7.62
N ALA B 173 -4.69 5.83 -8.39
CA ALA B 173 -5.20 4.51 -8.06
C ALA B 173 -4.63 3.42 -8.95
N ILE B 174 -3.51 3.67 -9.63
CA ILE B 174 -2.87 2.67 -10.46
C ILE B 174 -2.23 1.62 -9.56
N LEU B 175 -2.58 0.37 -9.75
CA LEU B 175 -1.98 -0.72 -9.00
C LEU B 175 -1.11 -1.59 -9.91
N ARG B 176 -0.43 -2.55 -9.31
CA ARG B 176 0.48 -3.42 -10.06
C ARG B 176 0.65 -4.71 -9.30
N LEU B 177 0.88 -5.79 -10.04
CA LEU B 177 1.13 -7.10 -9.45
C LEU B 177 2.09 -7.88 -10.34
N ASP B 178 3.06 -8.53 -9.72
CA ASP B 178 4.00 -9.39 -10.44
C ASP B 178 3.55 -10.84 -10.32
N LEU B 179 2.44 -11.13 -11.02
CA LEU B 179 1.82 -12.44 -10.97
C LEU B 179 1.31 -12.88 -12.35
N ALA B 180 1.83 -12.28 -13.42
CA ALA B 180 1.26 -12.45 -14.74
C ALA B 180 1.72 -13.78 -15.35
N GLY B 181 1.53 -13.93 -16.66
CA GLY B 181 1.61 -15.24 -17.28
C GLY B 181 2.96 -15.92 -17.14
N ARG B 182 4.05 -15.15 -17.31
CA ARG B 182 5.38 -15.76 -17.28
C ARG B 182 5.65 -16.44 -15.95
N ASP B 183 5.17 -15.85 -14.85
CA ASP B 183 5.33 -16.48 -13.55
C ASP B 183 4.53 -17.77 -13.45
N LEU B 184 3.39 -17.85 -14.15
CA LEU B 184 2.58 -19.06 -14.10
C LEU B 184 3.21 -20.19 -14.90
N THR B 185 3.88 -19.87 -16.01
CA THR B 185 4.55 -20.90 -16.80
C THR B 185 5.64 -21.59 -15.97
N ASP B 186 6.41 -20.81 -15.22
CA ASP B 186 7.40 -21.41 -14.33
C ASP B 186 6.74 -22.23 -13.24
N TYR B 187 5.50 -21.90 -12.87
CA TYR B 187 4.77 -22.71 -11.90
C TYR B 187 4.25 -23.99 -12.53
N LEU B 188 3.84 -23.93 -13.81
CA LEU B 188 3.32 -25.12 -14.47
C LEU B 188 4.37 -26.21 -14.56
N MET B 189 5.59 -25.87 -14.96
CA MET B 189 6.66 -26.85 -15.00
C MET B 189 7.07 -27.31 -13.61
N LYS B 190 6.71 -26.55 -12.57
CA LYS B 190 6.96 -27.01 -11.21
C LYS B 190 5.97 -28.09 -10.80
N ILE B 191 4.70 -27.94 -11.20
CA ILE B 191 3.70 -28.96 -10.88
C ILE B 191 3.65 -30.08 -11.90
N LEU B 192 4.41 -29.98 -12.99
CA LEU B 192 4.50 -31.09 -13.92
C LEU B 192 5.44 -32.18 -13.41
N THR B 193 6.22 -31.86 -12.38
CA THR B 193 7.20 -32.82 -11.87
C THR B 193 6.59 -33.85 -10.93
N GLU B 194 5.43 -33.57 -10.33
CA GLU B 194 4.78 -34.58 -9.50
C GLU B 194 4.29 -35.74 -10.35
N ARG B 195 4.07 -35.49 -11.64
CA ARG B 195 3.65 -36.52 -12.59
C ARG B 195 4.83 -37.21 -13.25
N GLY B 196 6.06 -36.86 -12.89
CA GLY B 196 7.23 -37.50 -13.44
C GLY B 196 7.83 -36.85 -14.67
N TYR B 197 7.31 -35.72 -15.11
CA TYR B 197 7.82 -35.01 -16.27
C TYR B 197 8.63 -33.81 -15.80
N SER B 198 9.88 -33.73 -16.24
CA SER B 198 10.80 -32.68 -15.81
C SER B 198 11.15 -31.79 -16.99
N PHE B 199 10.98 -30.48 -16.81
CA PHE B 199 11.32 -29.49 -17.83
C PHE B 199 12.22 -28.45 -17.19
N THR B 200 13.44 -28.32 -17.71
CA THR B 200 14.42 -27.43 -17.11
C THR B 200 14.98 -26.39 -18.07
N THR B 201 15.28 -26.77 -19.30
CA THR B 201 15.96 -25.86 -20.21
C THR B 201 15.01 -24.77 -20.70
N THR B 202 15.60 -23.67 -21.17
CA THR B 202 14.82 -22.59 -21.76
C THR B 202 14.13 -23.04 -23.04
N ALA B 203 14.69 -24.04 -23.72
CA ALA B 203 14.02 -24.63 -24.87
C ALA B 203 12.74 -25.35 -24.44
N GLU B 204 12.79 -26.04 -23.31
CA GLU B 204 11.62 -26.71 -22.76
C GLU B 204 10.68 -25.77 -22.05
N ARG B 205 11.07 -24.51 -21.86
CA ARG B 205 10.15 -23.52 -21.31
C ARG B 205 9.07 -23.15 -22.32
N GLU B 206 9.45 -22.99 -23.58
CA GLU B 206 8.47 -22.66 -24.61
C GLU B 206 7.46 -23.79 -24.80
N ILE B 207 7.87 -25.03 -24.59
CA ILE B 207 6.94 -26.15 -24.70
C ILE B 207 5.86 -26.07 -23.63
N VAL B 208 6.27 -25.77 -22.39
CA VAL B 208 5.30 -25.67 -21.30
C VAL B 208 4.33 -24.53 -21.53
N ARG B 209 4.82 -23.43 -22.13
CA ARG B 209 3.93 -22.32 -22.45
C ARG B 209 2.83 -22.72 -23.42
N ASP B 210 3.13 -23.62 -24.36
CA ASP B 210 2.11 -24.09 -25.29
C ASP B 210 1.14 -25.07 -24.63
N ILE B 211 1.60 -25.84 -23.65
CA ILE B 211 0.68 -26.67 -22.87
C ILE B 211 -0.32 -25.79 -22.13
N LYS B 212 0.18 -24.72 -21.50
CA LYS B 212 -0.70 -23.80 -20.80
C LYS B 212 -1.63 -23.08 -21.76
N GLU B 213 -1.11 -22.68 -22.94
CA GLU B 213 -1.91 -21.89 -23.87
C GLU B 213 -3.00 -22.71 -24.57
N LYS B 214 -3.00 -24.03 -24.41
CA LYS B 214 -3.95 -24.87 -25.11
C LYS B 214 -4.80 -25.77 -24.22
N LEU B 215 -4.26 -26.26 -23.10
CA LEU B 215 -4.97 -27.22 -22.27
C LEU B 215 -5.25 -26.71 -20.86
N CYS B 216 -5.29 -25.40 -20.66
CA CYS B 216 -5.50 -24.84 -19.34
C CYS B 216 -6.77 -24.02 -19.29
N TYR B 217 -7.54 -24.17 -18.21
CA TYR B 217 -8.78 -23.45 -18.02
C TYR B 217 -8.91 -23.03 -16.56
N VAL B 218 -9.79 -22.08 -16.31
CA VAL B 218 -10.05 -21.56 -14.97
C VAL B 218 -11.29 -22.22 -14.41
N ALA B 219 -11.17 -22.83 -13.23
CA ALA B 219 -12.29 -23.51 -12.61
C ALA B 219 -13.19 -22.52 -11.89
N LEU B 220 -14.50 -22.71 -12.04
CA LEU B 220 -15.47 -21.83 -11.37
C LEU B 220 -15.38 -21.98 -9.86
N ASP B 221 -15.25 -23.20 -9.36
CA ASP B 221 -15.12 -23.47 -7.94
C ASP B 221 -13.96 -24.43 -7.74
N PHE B 222 -12.84 -23.93 -7.22
CA PHE B 222 -11.65 -24.76 -7.08
C PHE B 222 -11.86 -25.90 -6.10
N GLU B 223 -12.54 -25.63 -4.98
CA GLU B 223 -12.76 -26.67 -3.99
C GLU B 223 -13.58 -27.82 -4.56
N GLN B 224 -14.64 -27.50 -5.30
CA GLN B 224 -15.48 -28.56 -5.87
C GLN B 224 -14.76 -29.31 -6.99
N GLU B 225 -14.05 -28.57 -7.86
CA GLU B 225 -13.37 -29.21 -8.98
C GLU B 225 -12.25 -30.15 -8.54
N MET B 226 -11.72 -29.95 -7.34
CA MET B 226 -10.69 -30.87 -6.85
C MET B 226 -11.27 -32.24 -6.55
N ALA B 227 -12.49 -32.29 -6.00
CA ALA B 227 -13.10 -33.57 -5.69
C ALA B 227 -13.44 -34.36 -6.96
N THR B 228 -13.84 -33.64 -8.02
CA THR B 228 -14.20 -34.32 -9.27
C THR B 228 -12.99 -35.01 -9.88
N ALA B 229 -11.84 -34.35 -9.90
CA ALA B 229 -10.64 -34.95 -10.47
C ALA B 229 -10.17 -36.15 -9.66
N ALA B 230 -10.22 -36.04 -8.33
CA ALA B 230 -9.75 -37.14 -7.48
C ALA B 230 -10.69 -38.33 -7.54
N SER B 231 -12.00 -38.08 -7.62
CA SER B 231 -12.97 -39.18 -7.65
C SER B 231 -12.85 -40.00 -8.93
N SER B 232 -12.73 -39.34 -10.08
CA SER B 232 -12.64 -40.04 -11.34
C SER B 232 -11.83 -39.21 -12.33
N SER B 233 -11.27 -39.89 -13.32
CA SER B 233 -10.47 -39.24 -14.35
C SER B 233 -11.35 -38.74 -15.49
N SER B 234 -12.20 -37.78 -15.16
CA SER B 234 -13.14 -37.20 -16.11
C SER B 234 -12.67 -35.85 -16.64
N LEU B 235 -11.44 -35.43 -16.30
CA LEU B 235 -10.92 -34.14 -16.75
C LEU B 235 -9.56 -34.27 -17.43
N GLU B 236 -9.03 -35.49 -17.56
CA GLU B 236 -7.68 -35.67 -18.06
C GLU B 236 -7.60 -35.42 -19.56
N LYS B 237 -6.50 -34.80 -19.99
CA LYS B 237 -6.22 -34.55 -21.39
C LYS B 237 -4.81 -35.00 -21.72
N SER B 238 -4.56 -35.22 -23.00
CA SER B 238 -3.26 -35.67 -23.48
C SER B 238 -2.71 -34.65 -24.48
N TYR B 239 -1.41 -34.38 -24.36
CA TYR B 239 -0.73 -33.46 -25.25
C TYR B 239 0.50 -34.13 -25.84
N GLU B 240 0.81 -33.78 -27.09
CA GLU B 240 1.91 -34.40 -27.82
C GLU B 240 3.11 -33.47 -27.85
N LEU B 241 4.28 -34.01 -27.51
CA LEU B 241 5.51 -33.25 -27.53
C LEU B 241 6.09 -33.23 -28.95
N PRO B 242 6.92 -32.24 -29.27
CA PRO B 242 7.50 -32.19 -30.62
C PRO B 242 8.31 -33.42 -30.99
N ASP B 243 8.96 -34.07 -30.01
CA ASP B 243 9.71 -35.29 -30.31
C ASP B 243 8.79 -36.44 -30.70
N GLY B 244 7.62 -36.53 -30.07
CA GLY B 244 6.66 -37.57 -30.39
C GLY B 244 5.93 -38.16 -29.20
N GLN B 245 6.49 -38.01 -28.00
CA GLN B 245 5.84 -38.56 -26.82
C GLN B 245 4.59 -37.76 -26.48
N VAL B 246 3.72 -38.38 -25.69
CA VAL B 246 2.46 -37.77 -25.27
C VAL B 246 2.38 -37.83 -23.74
N ILE B 247 2.05 -36.69 -23.13
CA ILE B 247 1.90 -36.60 -21.68
C ILE B 247 0.44 -36.31 -21.36
N THR B 248 0.04 -36.67 -20.15
CA THR B 248 -1.32 -36.47 -19.67
C THR B 248 -1.30 -35.59 -18.43
N ILE B 249 -2.20 -34.60 -18.40
CA ILE B 249 -2.32 -33.68 -17.27
C ILE B 249 -3.71 -33.82 -16.68
N GLY B 250 -3.77 -33.97 -15.36
CA GLY B 250 -5.05 -34.11 -14.68
C GLY B 250 -5.52 -32.80 -14.08
N ASN B 251 -5.36 -32.64 -12.78
CA ASN B 251 -5.77 -31.40 -12.10
C ASN B 251 -4.78 -30.27 -12.33
N GLU B 252 -3.70 -30.50 -13.09
CA GLU B 252 -2.79 -29.42 -13.44
C GLU B 252 -3.38 -28.48 -14.48
N ARG B 253 -4.52 -28.82 -15.08
CA ARG B 253 -5.11 -27.97 -16.10
C ARG B 253 -5.64 -26.67 -15.50
N PHE B 254 -6.25 -26.74 -14.32
CA PHE B 254 -6.82 -25.55 -13.69
C PHE B 254 -6.05 -25.06 -12.48
N ARG B 255 -5.07 -25.82 -11.99
CA ARG B 255 -4.34 -25.38 -10.80
C ARG B 255 -3.43 -24.21 -11.13
N CYS B 256 -2.72 -24.25 -12.26
CA CYS B 256 -1.80 -23.16 -12.57
C CYS B 256 -2.51 -21.89 -13.03
N PRO B 257 -3.63 -21.94 -13.77
CA PRO B 257 -4.34 -20.68 -14.06
C PRO B 257 -4.89 -20.01 -12.83
N GLU B 258 -5.26 -20.77 -11.80
CA GLU B 258 -5.93 -20.19 -10.65
C GLU B 258 -4.98 -19.55 -9.66
N ALA B 259 -3.67 -19.72 -9.82
CA ALA B 259 -2.72 -19.08 -8.92
C ALA B 259 -2.83 -17.56 -8.98
N LEU B 260 -3.46 -17.03 -10.03
CA LEU B 260 -3.79 -15.62 -10.06
C LEU B 260 -4.72 -15.25 -8.92
N PHE B 261 -5.73 -16.07 -8.66
CA PHE B 261 -6.73 -15.76 -7.65
C PHE B 261 -6.34 -16.20 -6.24
N GLN B 262 -5.37 -17.11 -6.11
CA GLN B 262 -4.80 -17.48 -4.82
C GLN B 262 -3.29 -17.50 -4.95
N PRO B 263 -2.63 -16.35 -4.84
CA PRO B 263 -1.18 -16.30 -5.01
C PRO B 263 -0.39 -16.91 -3.87
N SER B 264 -1.06 -17.40 -2.82
CA SER B 264 -0.35 -18.06 -1.74
C SER B 264 0.34 -19.33 -2.19
N PHE B 265 -0.12 -19.94 -3.28
CA PHE B 265 0.54 -21.12 -3.81
C PHE B 265 1.93 -20.78 -4.35
N LEU B 266 2.07 -19.62 -4.99
CA LEU B 266 3.36 -19.17 -5.49
C LEU B 266 4.26 -18.62 -4.39
N GLY B 267 3.76 -18.50 -3.17
CA GLY B 267 4.56 -18.00 -2.08
C GLY B 267 4.68 -16.50 -2.01
N MET B 268 3.72 -15.77 -2.57
CA MET B 268 3.73 -14.31 -2.57
C MET B 268 2.62 -13.78 -1.67
N GLU B 269 2.95 -12.75 -0.88
CA GLU B 269 1.98 -12.15 0.03
C GLU B 269 0.92 -11.35 -0.70
N SER B 270 1.16 -10.98 -1.96
CA SER B 270 0.24 -10.11 -2.68
C SER B 270 -1.13 -10.77 -2.81
N ALA B 271 -2.17 -9.94 -2.74
CA ALA B 271 -3.53 -10.42 -2.84
C ALA B 271 -3.84 -10.85 -4.28
N GLY B 272 -4.93 -11.58 -4.44
CA GLY B 272 -5.28 -12.13 -5.73
C GLY B 272 -5.60 -11.06 -6.76
N ILE B 273 -5.50 -11.45 -8.02
CA ILE B 273 -5.81 -10.53 -9.12
C ILE B 273 -7.28 -10.13 -9.10
N HIS B 274 -8.14 -10.96 -8.52
CA HIS B 274 -9.54 -10.55 -8.34
C HIS B 274 -9.65 -9.43 -7.30
N GLU B 275 -8.87 -9.52 -6.23
CA GLU B 275 -8.94 -8.53 -5.16
C GLU B 275 -8.25 -7.23 -5.53
N THR B 276 -7.17 -7.30 -6.32
CA THR B 276 -6.46 -6.08 -6.70
C THR B 276 -7.30 -5.20 -7.62
N THR B 277 -8.31 -5.75 -8.29
CA THR B 277 -9.27 -4.93 -9.02
C THR B 277 -10.27 -4.29 -8.07
N PHE B 278 -10.69 -5.02 -7.04
CA PHE B 278 -11.62 -4.47 -6.06
C PHE B 278 -10.95 -3.40 -5.20
N ASN B 279 -9.71 -3.65 -4.77
CA ASN B 279 -9.00 -2.66 -3.97
C ASN B 279 -8.69 -1.41 -4.78
N SER B 280 -8.36 -1.57 -6.06
CA SER B 280 -8.07 -0.41 -6.90
C SER B 280 -9.30 0.46 -7.11
N ILE B 281 -10.50 -0.12 -6.96
CA ILE B 281 -11.72 0.67 -7.10
C ILE B 281 -11.90 1.60 -5.90
N MET B 282 -11.66 1.08 -4.69
CA MET B 282 -11.88 1.87 -3.47
C MET B 282 -10.92 3.02 -3.32
N LYS B 283 -9.85 3.08 -4.12
CA LYS B 283 -8.94 4.22 -4.08
C LYS B 283 -9.46 5.42 -4.86
N CYS B 284 -10.57 5.28 -5.59
CA CYS B 284 -11.15 6.37 -6.35
C CYS B 284 -12.30 6.99 -5.58
N ASP B 285 -12.94 7.99 -6.19
CA ASP B 285 -14.03 8.71 -5.54
C ASP B 285 -15.27 7.82 -5.43
N VAL B 286 -16.12 8.14 -4.45
CA VAL B 286 -17.33 7.36 -4.22
C VAL B 286 -18.33 7.57 -5.35
N ASP B 287 -18.46 8.80 -5.84
CA ASP B 287 -19.30 9.05 -7.00
C ASP B 287 -18.80 8.30 -8.22
N ILE B 288 -17.47 8.22 -8.37
CA ILE B 288 -16.87 7.66 -9.56
C ILE B 288 -17.10 6.16 -9.67
N ARG B 289 -17.27 5.48 -8.54
CA ARG B 289 -17.32 4.02 -8.51
C ARG B 289 -18.52 3.46 -9.26
N LYS B 290 -19.57 4.26 -9.46
CA LYS B 290 -20.75 3.77 -10.18
C LYS B 290 -20.39 3.40 -11.62
N ASP B 291 -19.68 4.28 -12.32
CA ASP B 291 -19.27 4.01 -13.69
C ASP B 291 -18.09 3.06 -13.76
N LEU B 292 -17.26 3.02 -12.71
CA LEU B 292 -16.06 2.19 -12.72
C LEU B 292 -16.33 0.73 -12.41
N TYR B 293 -17.52 0.39 -11.91
CA TYR B 293 -17.86 -1.00 -11.62
C TYR B 293 -18.51 -1.72 -12.79
N ALA B 294 -19.23 -1.02 -13.66
CA ALA B 294 -19.95 -1.64 -14.76
C ALA B 294 -19.11 -1.78 -16.01
N ASN B 295 -17.88 -1.26 -16.02
CA ASN B 295 -17.03 -1.26 -17.21
C ASN B 295 -15.67 -1.89 -16.91
N THR B 296 -15.66 -3.03 -16.21
CA THR B 296 -14.42 -3.70 -15.84
C THR B 296 -13.91 -4.53 -17.02
N VAL B 297 -13.41 -3.82 -18.03
CA VAL B 297 -12.91 -4.47 -19.23
C VAL B 297 -11.60 -5.20 -18.93
N LEU B 298 -11.50 -6.44 -19.42
CA LEU B 298 -10.30 -7.25 -19.25
C LEU B 298 -9.52 -7.27 -20.55
N SER B 299 -8.20 -7.13 -20.46
CA SER B 299 -7.32 -7.16 -21.62
C SER B 299 -6.08 -7.99 -21.28
N GLY B 300 -5.24 -8.18 -22.29
CA GLY B 300 -4.01 -8.92 -22.08
C GLY B 300 -4.16 -10.40 -22.36
N GLY B 301 -3.08 -11.01 -22.82
CA GLY B 301 -3.12 -12.40 -23.20
C GLY B 301 -3.41 -13.35 -22.05
N THR B 302 -2.90 -13.04 -20.86
CA THR B 302 -3.12 -13.91 -19.71
C THR B 302 -4.59 -13.99 -19.31
N THR B 303 -5.41 -13.01 -19.72
CA THR B 303 -6.83 -13.01 -19.40
C THR B 303 -7.66 -13.75 -20.44
N MET B 304 -7.06 -14.72 -21.15
CA MET B 304 -7.77 -15.50 -22.16
C MET B 304 -8.03 -16.94 -21.72
N TYR B 305 -7.93 -17.22 -20.43
CA TYR B 305 -8.28 -18.55 -19.95
C TYR B 305 -9.79 -18.76 -20.08
N PRO B 306 -10.22 -19.99 -20.38
CA PRO B 306 -11.65 -20.29 -20.40
C PRO B 306 -12.25 -20.18 -19.00
N GLY B 307 -13.25 -19.32 -18.85
CA GLY B 307 -13.91 -19.14 -17.59
C GLY B 307 -13.33 -18.06 -16.69
N ILE B 308 -12.37 -17.27 -17.17
CA ILE B 308 -11.79 -16.22 -16.34
C ILE B 308 -12.80 -15.09 -16.13
N ALA B 309 -13.55 -14.74 -17.16
CA ALA B 309 -14.55 -13.69 -17.02
C ALA B 309 -15.66 -14.10 -16.06
N ASP B 310 -16.10 -15.35 -16.16
CA ASP B 310 -17.13 -15.85 -15.24
C ASP B 310 -16.62 -15.89 -13.81
N ARG B 311 -15.38 -16.34 -13.61
CA ARG B 311 -14.83 -16.47 -12.26
C ARG B 311 -14.66 -15.11 -11.60
N MET B 312 -14.16 -14.13 -12.36
CA MET B 312 -13.94 -12.80 -11.79
C MET B 312 -15.25 -12.16 -11.35
N GLN B 313 -16.31 -12.30 -12.15
CA GLN B 313 -17.59 -11.69 -11.81
C GLN B 313 -18.15 -12.27 -10.51
N LYS B 314 -18.00 -13.58 -10.31
CA LYS B 314 -18.52 -14.21 -9.09
C LYS B 314 -17.77 -13.73 -7.86
N GLU B 315 -16.44 -13.66 -7.93
CA GLU B 315 -15.65 -13.30 -6.76
C GLU B 315 -15.74 -11.81 -6.44
N ILE B 316 -15.81 -10.96 -7.45
CA ILE B 316 -15.96 -9.52 -7.21
C ILE B 316 -17.27 -9.23 -6.50
N THR B 317 -18.32 -10.00 -6.82
CA THR B 317 -19.63 -9.78 -6.23
C THR B 317 -19.60 -9.95 -4.72
N ALA B 318 -18.87 -10.95 -4.23
CA ALA B 318 -18.83 -11.21 -2.80
C ALA B 318 -18.22 -10.02 -2.04
N LEU B 319 -17.15 -9.43 -2.58
CA LEU B 319 -16.52 -8.32 -1.89
C LEU B 319 -17.35 -7.04 -2.00
N ALA B 320 -17.86 -6.74 -3.19
CA ALA B 320 -18.59 -5.50 -3.39
C ALA B 320 -19.98 -5.57 -2.76
N PRO B 321 -20.52 -4.42 -2.33
CA PRO B 321 -21.89 -4.41 -1.81
C PRO B 321 -22.89 -4.72 -2.91
N SER B 322 -24.04 -5.28 -2.50
CA SER B 322 -25.07 -5.69 -3.45
C SER B 322 -25.69 -4.50 -4.18
N THR B 323 -25.52 -3.28 -3.69
CA THR B 323 -26.14 -2.12 -4.33
C THR B 323 -25.50 -1.76 -5.66
N MET B 324 -24.36 -2.36 -6.01
CA MET B 324 -23.64 -2.02 -7.23
C MET B 324 -23.63 -3.22 -8.16
N LYS B 325 -23.93 -2.99 -9.43
CA LYS B 325 -23.89 -4.05 -10.42
C LYS B 325 -22.46 -4.27 -10.91
N ILE B 326 -22.19 -5.49 -11.36
CA ILE B 326 -20.87 -5.89 -11.84
C ILE B 326 -21.00 -6.42 -13.26
N LYS B 327 -20.17 -5.91 -14.16
CA LYS B 327 -20.20 -6.32 -15.57
C LYS B 327 -18.76 -6.47 -16.04
N ILE B 328 -18.31 -7.71 -16.21
CA ILE B 328 -16.95 -8.00 -16.65
C ILE B 328 -16.98 -8.13 -18.17
N ILE B 329 -16.54 -7.07 -18.86
CA ILE B 329 -16.50 -7.10 -20.31
C ILE B 329 -15.35 -8.00 -20.77
N ALA B 330 -15.46 -8.49 -22.00
CA ALA B 330 -14.43 -9.32 -22.60
C ALA B 330 -14.51 -9.24 -24.12
N PRO B 331 -13.81 -8.29 -24.75
CA PRO B 331 -13.88 -8.16 -26.20
C PRO B 331 -13.30 -9.39 -26.87
N PRO B 332 -13.77 -9.72 -28.07
CA PRO B 332 -13.27 -10.93 -28.75
C PRO B 332 -11.77 -10.90 -29.02
N GLU B 333 -11.21 -9.73 -29.32
CA GLU B 333 -9.80 -9.56 -29.63
C GLU B 333 -9.05 -8.96 -28.44
N ARG B 334 -9.39 -9.38 -27.23
CA ARG B 334 -8.77 -8.83 -26.03
C ARG B 334 -7.27 -9.06 -25.98
N LYS B 335 -6.76 -10.05 -26.72
CA LYS B 335 -5.31 -10.29 -26.73
C LYS B 335 -4.57 -9.09 -27.31
N TYR B 336 -5.09 -8.49 -28.38
CA TYR B 336 -4.47 -7.34 -29.03
C TYR B 336 -5.22 -6.05 -28.76
N SER B 337 -5.79 -5.91 -27.56
CA SER B 337 -6.49 -4.67 -27.22
C SER B 337 -5.54 -3.49 -27.20
N VAL B 338 -4.32 -3.69 -26.70
CA VAL B 338 -3.37 -2.58 -26.58
C VAL B 338 -3.00 -2.06 -27.95
N TRP B 339 -2.78 -2.95 -28.92
CA TRP B 339 -2.34 -2.51 -30.23
C TRP B 339 -3.42 -1.70 -30.95
N ILE B 340 -4.65 -2.22 -30.99
CA ILE B 340 -5.71 -1.56 -31.75
C ILE B 340 -6.07 -0.23 -31.11
N GLY B 341 -6.01 -0.15 -29.78
CA GLY B 341 -6.31 1.11 -29.12
C GLY B 341 -5.37 2.23 -29.51
N GLY B 342 -4.08 1.92 -29.61
CA GLY B 342 -3.14 2.89 -30.12
C GLY B 342 -3.19 3.09 -31.61
N SER B 343 -3.78 2.12 -32.34
CA SER B 343 -3.86 2.24 -33.79
C SER B 343 -4.74 3.41 -34.21
N ILE B 344 -5.86 3.61 -33.52
CA ILE B 344 -6.77 4.70 -33.88
C ILE B 344 -6.22 6.07 -33.48
N LEU B 345 -5.25 6.11 -32.57
CA LEU B 345 -4.69 7.40 -32.16
C LEU B 345 -4.02 8.10 -33.33
N ALA B 346 -3.15 7.38 -34.06
CA ALA B 346 -2.46 7.98 -35.19
C ALA B 346 -3.41 8.30 -36.34
N SER B 347 -4.59 7.69 -36.37
CA SER B 347 -5.55 7.98 -37.43
C SER B 347 -6.10 9.39 -37.31
N LEU B 348 -6.25 9.90 -36.09
CA LEU B 348 -6.82 11.22 -35.90
C LEU B 348 -5.87 12.30 -36.42
N SER B 349 -6.45 13.30 -37.09
CA SER B 349 -5.66 14.44 -37.53
C SER B 349 -5.29 15.35 -36.36
N THR B 350 -6.10 15.34 -35.30
CA THR B 350 -5.81 16.15 -34.12
C THR B 350 -4.53 15.70 -33.41
N PHE B 351 -4.18 14.42 -33.50
CA PHE B 351 -3.03 13.89 -32.78
C PHE B 351 -1.71 14.40 -33.35
N GLN B 352 -1.73 14.98 -34.56
CA GLN B 352 -0.49 15.45 -35.18
C GLN B 352 0.19 16.51 -34.32
N GLN B 353 -0.61 17.39 -33.69
CA GLN B 353 -0.05 18.44 -32.86
C GLN B 353 0.56 17.94 -31.56
N MET B 354 0.33 16.67 -31.21
CA MET B 354 0.81 16.10 -29.95
C MET B 354 2.06 15.25 -30.15
N TRP B 355 2.93 15.65 -31.07
CA TRP B 355 4.13 14.89 -31.40
C TRP B 355 5.34 15.44 -30.66
N ILE B 356 6.37 14.61 -30.56
CA ILE B 356 7.67 15.01 -30.03
C ILE B 356 8.64 15.13 -31.18
N SER B 357 8.77 16.32 -31.74
CA SER B 357 9.60 16.52 -32.92
C SER B 357 11.08 16.43 -32.55
N LYS B 358 11.91 16.25 -33.58
CA LYS B 358 13.36 16.17 -33.36
C LYS B 358 13.91 17.48 -32.83
N GLN B 359 13.36 18.61 -33.27
CA GLN B 359 13.80 19.90 -32.76
C GLN B 359 13.52 20.02 -31.26
N GLU B 360 12.35 19.54 -30.82
CA GLU B 360 12.04 19.56 -29.40
C GLU B 360 12.97 18.63 -28.62
N TYR B 361 13.27 17.45 -29.17
CA TYR B 361 14.18 16.53 -28.50
C TYR B 361 15.59 17.08 -28.43
N ASP B 362 16.04 17.75 -29.49
CA ASP B 362 17.40 18.28 -29.51
C ASP B 362 17.61 19.32 -28.43
N GLU B 363 16.62 20.19 -28.21
CA GLU B 363 16.75 21.26 -27.23
C GLU B 363 16.49 20.80 -25.79
N SER B 364 16.02 19.57 -25.59
CA SER B 364 15.74 19.07 -24.25
C SER B 364 16.34 17.72 -23.93
N GLY B 365 16.75 16.93 -24.94
CA GLY B 365 17.31 15.63 -24.69
C GLY B 365 16.25 14.60 -24.35
N PRO B 366 16.67 13.47 -23.78
CA PRO B 366 15.70 12.43 -23.41
C PRO B 366 14.70 12.87 -22.34
N SER B 367 14.99 13.94 -21.61
CA SER B 367 14.09 14.39 -20.54
C SER B 367 12.80 15.00 -21.06
N ILE B 368 12.68 15.22 -22.38
CA ILE B 368 11.48 15.87 -22.92
C ILE B 368 10.25 15.01 -22.72
N VAL B 369 10.41 13.70 -22.64
CA VAL B 369 9.26 12.81 -22.60
C VAL B 369 8.47 12.98 -21.30
N HIS B 370 9.17 13.21 -20.19
CA HIS B 370 8.49 13.26 -18.89
C HIS B 370 7.52 14.43 -18.82
N ARG B 371 7.92 15.61 -19.32
CA ARG B 371 7.04 16.77 -19.27
C ARG B 371 5.93 16.69 -20.31
N LYS B 372 6.17 16.04 -21.44
CA LYS B 372 5.15 15.94 -22.48
C LYS B 372 4.19 14.79 -22.19
N CYS B 373 4.71 13.56 -22.15
CA CYS B 373 3.87 12.40 -21.90
C CYS B 373 3.70 12.15 -20.40
N ALA C 5 -0.12 2.00 42.38
CA ALA C 5 0.73 1.63 41.27
C ALA C 5 -0.06 1.61 39.96
N ALA C 6 -0.59 2.77 39.59
CA ALA C 6 -1.45 2.87 38.42
C ALA C 6 -0.65 2.60 37.15
N LEU C 7 -1.26 1.88 36.21
CA LEU C 7 -0.66 1.63 34.91
C LEU C 7 -1.29 2.55 33.87
N VAL C 8 -0.48 2.95 32.89
CA VAL C 8 -0.93 3.78 31.79
C VAL C 8 -0.58 3.09 30.50
N VAL C 9 -1.59 2.82 29.67
CA VAL C 9 -1.43 2.17 28.38
C VAL C 9 -2.01 3.09 27.32
N ASP C 10 -1.21 3.44 26.33
CA ASP C 10 -1.66 4.26 25.21
C ASP C 10 -1.66 3.39 23.96
N ASN C 11 -2.84 2.96 23.54
CA ASN C 11 -2.97 2.17 22.33
C ASN C 11 -2.92 3.05 21.10
N GLY C 12 -2.12 2.65 20.12
CA GLY C 12 -1.99 3.41 18.90
C GLY C 12 -1.97 2.49 17.69
N SER C 13 -2.21 3.09 16.53
CA SER C 13 -2.23 2.32 15.30
C SER C 13 -0.86 1.71 15.00
N GLY C 14 0.21 2.46 15.22
CA GLY C 14 1.55 1.99 14.91
C GLY C 14 2.27 1.34 16.06
N MET C 15 2.21 1.95 17.24
CA MET C 15 2.91 1.44 18.41
C MET C 15 2.02 1.64 19.63
N CYS C 16 2.33 0.92 20.70
CA CYS C 16 1.61 1.06 21.95
C CYS C 16 2.61 1.30 23.07
N LYS C 17 2.36 2.34 23.85
CA LYS C 17 3.26 2.75 24.92
C LYS C 17 2.66 2.36 26.26
N ALA C 18 3.43 1.64 27.07
CA ALA C 18 2.95 1.16 28.35
C ALA C 18 4.01 1.39 29.42
N GLY C 19 3.56 1.48 30.67
CA GLY C 19 4.48 1.68 31.77
C GLY C 19 3.79 1.79 33.12
N PHE C 20 4.22 2.75 33.93
CA PHE C 20 3.65 2.98 35.25
C PHE C 20 3.41 4.47 35.45
N ALA C 21 2.46 4.78 36.33
CA ALA C 21 2.15 6.17 36.63
C ALA C 21 3.28 6.81 37.40
N GLY C 22 3.54 8.09 37.12
CA GLY C 22 4.59 8.83 37.77
C GLY C 22 5.96 8.73 37.11
N ASP C 23 6.09 8.01 36.01
CA ASP C 23 7.36 7.87 35.33
C ASP C 23 7.50 8.93 34.24
N ASP C 24 8.72 9.02 33.68
CA ASP C 24 9.03 10.01 32.65
C ASP C 24 9.08 9.41 31.25
N ALA C 25 9.38 8.13 31.13
CA ALA C 25 9.42 7.46 29.84
C ALA C 25 8.66 6.14 29.92
N PRO C 26 8.02 5.73 28.83
CA PRO C 26 7.30 4.45 28.84
C PRO C 26 8.26 3.29 29.06
N ARG C 27 7.78 2.30 29.82
CA ARG C 27 8.60 1.12 30.09
C ARG C 27 8.78 0.27 28.85
N ALA C 28 7.74 0.13 28.04
CA ALA C 28 7.77 -0.71 26.85
C ALA C 28 7.13 0.05 25.69
N VAL C 29 7.88 0.19 24.60
CA VAL C 29 7.38 0.81 23.38
C VAL C 29 7.65 -0.17 22.25
N PHE C 30 6.66 -1.01 21.94
CA PHE C 30 6.79 -2.02 20.92
C PHE C 30 5.66 -1.91 19.91
N PRO C 31 5.89 -2.30 18.66
CA PRO C 31 4.84 -2.16 17.64
C PRO C 31 3.60 -2.96 17.99
N SER C 32 2.45 -2.41 17.59
CA SER C 32 1.16 -3.06 17.80
C SER C 32 0.81 -3.85 16.54
N ILE C 33 1.48 -4.98 16.38
CA ILE C 33 1.28 -5.87 15.23
C ILE C 33 1.09 -7.29 15.75
N VAL C 34 0.19 -8.03 15.11
CA VAL C 34 -0.02 -9.45 15.39
C VAL C 34 0.23 -10.19 14.09
N GLY C 35 1.16 -11.15 14.13
CA GLY C 35 1.52 -11.91 12.96
C GLY C 35 1.40 -13.41 13.21
N ARG C 36 1.05 -14.13 12.16
CA ARG C 36 0.96 -15.58 12.20
C ARG C 36 1.70 -16.17 11.02
N PRO C 37 2.38 -17.30 11.20
CA PRO C 37 3.14 -17.90 10.10
C PRO C 37 2.22 -18.33 8.96
N ARG C 38 2.75 -18.23 7.74
CA ARG C 38 2.00 -18.63 6.56
C ARG C 38 2.53 -19.92 5.93
N HIS C 39 3.73 -20.35 6.29
CA HIS C 39 4.33 -21.55 5.72
C HIS C 39 3.98 -22.76 6.59
N GLN C 40 4.65 -23.88 6.33
CA GLN C 40 4.42 -25.12 7.05
C GLN C 40 5.59 -25.42 7.97
N GLY C 41 5.29 -25.80 9.21
CA GLY C 41 6.32 -26.07 10.19
C GLY C 41 6.93 -27.45 10.06
N VAL C 42 7.81 -27.62 9.08
CA VAL C 42 8.43 -28.93 8.84
C VAL C 42 9.27 -29.36 10.02
N MET C 43 9.77 -28.41 10.80
CA MET C 43 10.65 -28.74 11.93
C MET C 43 9.80 -29.19 13.12
N VAL C 44 10.07 -30.40 13.60
CA VAL C 44 9.36 -30.91 14.76
C VAL C 44 10.02 -30.38 16.03
N GLY C 45 9.25 -30.35 17.12
CA GLY C 45 9.75 -29.86 18.39
C GLY C 45 9.52 -28.37 18.56
N MET C 46 10.16 -27.56 17.73
CA MET C 46 9.99 -26.12 17.77
C MET C 46 9.06 -25.66 16.65
N GLY C 47 8.94 -24.35 16.49
CA GLY C 47 8.03 -23.78 15.51
C GLY C 47 6.61 -23.59 15.99
N GLN C 48 6.35 -23.76 17.28
CA GLN C 48 5.01 -23.60 17.85
C GLN C 48 4.71 -22.11 18.05
N LYS C 49 3.64 -21.81 18.77
CA LYS C 49 3.26 -20.44 19.12
C LYS C 49 3.04 -19.60 17.86
N ASP C 50 2.01 -19.98 17.10
CA ASP C 50 1.69 -19.32 15.85
C ASP C 50 1.23 -17.87 16.05
N SER C 51 0.92 -17.46 17.27
CA SER C 51 0.51 -16.09 17.56
C SER C 51 1.73 -15.32 18.06
N TYR C 52 2.36 -14.57 17.17
CA TYR C 52 3.49 -13.71 17.51
C TYR C 52 3.01 -12.28 17.62
N VAL C 53 3.14 -11.70 18.82
CA VAL C 53 2.64 -10.36 19.11
C VAL C 53 3.77 -9.52 19.68
N GLY C 54 3.89 -8.30 19.18
CA GLY C 54 4.84 -7.35 19.73
C GLY C 54 6.16 -7.38 18.99
N ASP C 55 7.26 -7.43 19.76
CA ASP C 55 8.58 -7.36 19.15
C ASP C 55 8.98 -8.68 18.49
N GLU C 56 8.44 -9.80 18.96
CA GLU C 56 8.77 -11.10 18.36
C GLU C 56 8.35 -11.13 16.90
N ALA C 57 7.20 -10.55 16.57
CA ALA C 57 6.75 -10.52 15.19
C ALA C 57 7.71 -9.70 14.32
N GLN C 58 8.24 -8.61 14.85
CA GLN C 58 9.16 -7.78 14.07
C GLN C 58 10.43 -8.54 13.72
N SER C 59 10.98 -9.29 14.68
CA SER C 59 12.24 -10.00 14.44
C SER C 59 12.09 -11.07 13.37
N LYS C 60 10.98 -11.82 13.40
CA LYS C 60 10.73 -12.90 12.46
C LYS C 60 9.78 -12.50 11.34
N ARG C 61 9.77 -11.22 10.97
CA ARG C 61 8.77 -10.70 10.05
C ARG C 61 8.89 -11.25 8.64
N GLY C 62 10.00 -11.94 8.31
CA GLY C 62 10.15 -12.48 6.98
C GLY C 62 9.25 -13.66 6.67
N ILE C 63 8.73 -14.33 7.69
CA ILE C 63 7.89 -15.51 7.50
C ILE C 63 6.58 -15.36 8.24
N LEU C 64 6.11 -14.12 8.39
CA LEU C 64 4.87 -13.84 9.10
C LEU C 64 3.99 -12.93 8.26
N THR C 65 2.69 -12.98 8.54
CA THR C 65 1.71 -12.08 7.94
C THR C 65 1.49 -10.94 8.92
N LEU C 66 2.08 -9.79 8.64
CA LEU C 66 2.00 -8.64 9.54
C LEU C 66 0.66 -7.94 9.33
N LYS C 67 -0.23 -8.09 10.30
CA LYS C 67 -1.55 -7.47 10.26
C LYS C 67 -1.71 -6.54 11.44
N TYR C 68 -2.10 -5.30 11.16
CA TYR C 68 -2.30 -4.31 12.21
C TYR C 68 -3.71 -4.42 12.76
N PRO C 69 -3.88 -4.72 14.05
CA PRO C 69 -5.25 -4.81 14.60
C PRO C 69 -5.99 -3.48 14.59
N ILE C 70 -5.29 -2.35 14.47
CA ILE C 70 -5.90 -1.03 14.48
C ILE C 70 -5.65 -0.38 13.13
N GLU C 71 -6.72 0.12 12.50
CA GLU C 71 -6.60 0.83 11.25
C GLU C 71 -7.46 2.09 11.27
N GLY C 73 -7.47 4.38 13.41
CA GLY C 73 -7.97 4.61 14.76
C GLY C 73 -8.98 3.59 15.24
N ILE C 74 -9.96 3.29 14.40
CA ILE C 74 -10.99 2.32 14.77
C ILE C 74 -10.41 0.92 14.72
N VAL C 75 -10.82 0.08 15.67
CA VAL C 75 -10.33 -1.28 15.78
C VAL C 75 -11.07 -2.15 14.77
N THR C 76 -10.31 -2.77 13.86
CA THR C 76 -10.88 -3.66 12.86
C THR C 76 -10.83 -5.13 13.27
N ASN C 77 -10.32 -5.42 14.46
CA ASN C 77 -10.26 -6.81 14.94
C ASN C 77 -10.14 -6.76 16.46
N TRP C 78 -11.19 -7.21 17.15
CA TRP C 78 -11.23 -7.18 18.60
C TRP C 78 -10.78 -8.49 19.24
N ASP C 79 -10.26 -9.42 18.45
CA ASP C 79 -9.72 -10.66 18.98
C ASP C 79 -8.23 -10.54 19.28
N ASP C 80 -7.45 -10.02 18.32
CA ASP C 80 -6.02 -9.83 18.55
C ASP C 80 -5.74 -8.62 19.42
N MET C 81 -6.70 -7.70 19.55
CA MET C 81 -6.54 -6.59 20.48
C MET C 81 -6.45 -7.10 21.92
N GLU C 82 -7.27 -8.09 22.27
CA GLU C 82 -7.16 -8.71 23.57
C GLU C 82 -5.81 -9.39 23.75
N LYS C 83 -5.24 -9.93 22.66
CA LYS C 83 -3.91 -10.53 22.74
C LYS C 83 -2.85 -9.47 23.05
N ILE C 84 -2.94 -8.31 22.39
CA ILE C 84 -1.94 -7.26 22.60
C ILE C 84 -1.97 -6.79 24.04
N TRP C 85 -3.17 -6.55 24.60
CA TRP C 85 -3.27 -6.15 25.99
C TRP C 85 -2.76 -7.25 26.92
N HIS C 86 -3.07 -8.51 26.61
CA HIS C 86 -2.54 -9.61 27.40
C HIS C 86 -1.03 -9.66 27.32
N HIS C 87 -0.47 -9.44 26.13
CA HIS C 87 0.99 -9.40 25.99
C HIS C 87 1.58 -8.22 26.74
N THR C 88 0.94 -7.05 26.67
CA THR C 88 1.46 -5.87 27.34
C THR C 88 1.49 -6.06 28.86
N PHE C 89 0.42 -6.61 29.42
CA PHE C 89 0.33 -6.70 30.88
C PHE C 89 1.24 -7.78 31.43
N TYR C 90 1.37 -8.91 30.72
CA TYR C 90 2.06 -10.07 31.26
C TYR C 90 3.50 -10.22 30.76
N ASN C 91 3.79 -9.82 29.54
CA ASN C 91 5.13 -10.00 29.00
C ASN C 91 6.00 -8.74 29.17
N GLU C 92 5.56 -7.62 28.60
CA GLU C 92 6.37 -6.41 28.63
C GLU C 92 6.42 -5.82 30.04
N LEU C 93 5.26 -5.69 30.69
CA LEU C 93 5.19 -5.10 32.02
C LEU C 93 5.40 -6.11 33.13
N ARG C 94 5.01 -7.37 32.90
CA ARG C 94 5.13 -8.44 33.88
C ARG C 94 4.43 -8.06 35.19
N VAL C 95 3.12 -7.83 35.08
CA VAL C 95 2.31 -7.44 36.23
C VAL C 95 0.91 -7.99 36.05
N ALA C 96 0.26 -8.30 37.17
CA ALA C 96 -1.11 -8.79 37.17
C ALA C 96 -2.06 -7.62 37.37
N PRO C 97 -2.97 -7.36 36.42
CA PRO C 97 -3.86 -6.19 36.56
C PRO C 97 -4.91 -6.39 37.62
N GLU C 98 -4.84 -7.49 38.38
CA GLU C 98 -5.80 -7.75 39.44
C GLU C 98 -5.75 -6.72 40.56
N GLU C 99 -4.62 -6.03 40.73
CA GLU C 99 -4.47 -5.04 41.79
C GLU C 99 -3.98 -3.68 41.29
N HIS C 100 -3.72 -3.53 39.99
CA HIS C 100 -3.19 -2.28 39.46
C HIS C 100 -4.24 -1.58 38.61
N PRO C 101 -4.76 -0.42 39.03
CA PRO C 101 -5.67 0.33 38.17
C PRO C 101 -4.97 0.76 36.88
N VAL C 102 -5.75 0.80 35.81
CA VAL C 102 -5.23 1.01 34.46
C VAL C 102 -5.93 2.20 33.83
N LEU C 103 -5.16 3.08 33.21
CA LEU C 103 -5.70 4.20 32.45
C LEU C 103 -5.42 3.99 30.98
N LEU C 104 -6.40 4.32 30.13
CA LEU C 104 -6.28 4.15 28.69
C LEU C 104 -6.44 5.51 28.00
N THR C 105 -6.22 5.51 26.69
CA THR C 105 -6.41 6.69 25.87
C THR C 105 -7.30 6.35 24.69
N GLU C 106 -8.09 7.33 24.25
CA GLU C 106 -9.01 7.16 23.15
C GLU C 106 -8.77 8.25 22.11
N ALA C 107 -9.06 7.93 20.85
CA ALA C 107 -8.90 8.89 19.79
C ALA C 107 -10.05 9.91 19.82
N PRO C 108 -9.82 11.12 19.32
CA PRO C 108 -10.91 12.10 19.23
C PRO C 108 -12.00 11.63 18.29
N LEU C 109 -13.25 12.00 18.62
CA LEU C 109 -14.42 11.66 17.81
C LEU C 109 -14.53 10.15 17.60
N ASN C 110 -14.22 9.39 18.63
CA ASN C 110 -14.34 7.94 18.54
C ASN C 110 -15.81 7.52 18.58
N PRO C 111 -16.16 6.41 17.91
CA PRO C 111 -17.53 5.91 18.01
C PRO C 111 -17.85 5.47 19.44
N LYS C 112 -19.12 5.63 19.81
CA LYS C 112 -19.54 5.27 21.16
C LYS C 112 -19.48 3.77 21.39
N ALA C 113 -19.57 2.97 20.33
CA ALA C 113 -19.55 1.53 20.48
C ALA C 113 -18.16 1.03 20.88
N ASN C 114 -17.12 1.55 20.24
CA ASN C 114 -15.76 1.08 20.51
C ASN C 114 -15.35 1.36 21.95
N ARG C 115 -15.69 2.54 22.47
CA ARG C 115 -15.27 2.92 23.81
C ARG C 115 -15.91 2.04 24.87
N GLU C 116 -17.19 1.71 24.70
CA GLU C 116 -17.87 0.87 25.69
C GLU C 116 -17.34 -0.56 25.67
N LYS C 117 -16.87 -1.04 24.52
CA LYS C 117 -16.31 -2.39 24.46
C LYS C 117 -15.04 -2.51 25.29
N MET C 118 -14.20 -1.48 25.26
CA MET C 118 -12.95 -1.51 26.01
C MET C 118 -13.20 -1.64 27.51
N THR C 119 -14.32 -1.11 27.99
CA THR C 119 -14.67 -1.26 29.40
C THR C 119 -14.87 -2.72 29.76
N GLN C 120 -15.56 -3.47 28.90
CA GLN C 120 -15.84 -4.87 29.20
C GLN C 120 -14.55 -5.71 29.21
N ILE C 121 -13.63 -5.44 28.28
CA ILE C 121 -12.40 -6.22 28.21
C ILE C 121 -11.56 -6.01 29.46
N MET C 122 -11.42 -4.77 29.93
CA MET C 122 -10.69 -4.51 31.15
C MET C 122 -11.33 -5.19 32.35
N PHE C 123 -12.66 -5.11 32.46
CA PHE C 123 -13.34 -5.49 33.68
C PHE C 123 -13.72 -6.97 33.75
N GLU C 124 -13.64 -7.70 32.63
CA GLU C 124 -13.98 -9.11 32.62
C GLU C 124 -12.77 -9.98 32.30
N THR C 125 -12.09 -9.72 31.17
CA THR C 125 -10.93 -10.53 30.82
C THR C 125 -9.78 -10.31 31.80
N PHE C 126 -9.54 -9.07 32.20
CA PHE C 126 -8.49 -8.74 33.14
C PHE C 126 -9.00 -8.31 34.51
N ASN C 127 -10.27 -7.93 34.62
CA ASN C 127 -10.93 -7.55 35.87
C ASN C 127 -10.07 -6.63 36.72
N THR C 128 -9.66 -5.52 36.11
CA THR C 128 -8.91 -4.51 36.84
C THR C 128 -9.80 -3.87 37.91
N PRO C 129 -9.24 -3.50 39.06
CA PRO C 129 -10.06 -2.84 40.08
C PRO C 129 -10.67 -1.53 39.60
N ALA C 130 -9.99 -0.79 38.73
CA ALA C 130 -10.51 0.46 38.22
C ALA C 130 -9.96 0.69 36.83
N MET C 131 -10.62 1.57 36.08
CA MET C 131 -10.18 1.90 34.73
C MET C 131 -10.77 3.24 34.34
N TYR C 132 -9.98 4.05 33.64
CA TYR C 132 -10.41 5.33 33.13
C TYR C 132 -9.94 5.49 31.69
N VAL C 133 -10.70 6.26 30.91
CA VAL C 133 -10.38 6.52 29.51
C VAL C 133 -10.34 8.04 29.32
N ALA C 134 -9.29 8.51 28.65
CA ALA C 134 -9.08 9.94 28.43
C ALA C 134 -8.79 10.21 26.97
N ILE C 135 -9.08 11.44 26.54
CA ILE C 135 -8.86 11.83 25.16
C ILE C 135 -7.37 11.88 24.86
N GLN C 136 -6.98 11.43 23.66
CA GLN C 136 -5.56 11.42 23.31
C GLN C 136 -5.00 12.82 23.18
N ALA C 137 -5.77 13.74 22.60
CA ALA C 137 -5.24 15.08 22.34
C ALA C 137 -5.17 15.91 23.62
N VAL C 138 -6.08 15.69 24.56
CA VAL C 138 -6.05 16.45 25.81
C VAL C 138 -4.78 16.13 26.61
N LEU C 139 -4.37 14.86 26.62
CA LEU C 139 -3.19 14.47 27.37
C LEU C 139 -1.91 15.10 26.83
N SER C 140 -1.94 15.60 25.59
CA SER C 140 -0.76 16.27 25.04
C SER C 140 -0.47 17.57 25.78
N LEU C 141 -1.50 18.32 26.14
CA LEU C 141 -1.29 19.58 26.85
C LEU C 141 -0.94 19.35 28.32
N TYR C 142 -1.54 18.32 28.94
CA TYR C 142 -1.16 17.99 30.31
C TYR C 142 0.33 17.69 30.40
N ALA C 143 0.90 17.05 29.38
CA ALA C 143 2.34 16.82 29.33
C ALA C 143 3.11 18.07 28.93
N SER C 144 2.52 18.92 28.08
CA SER C 144 3.18 20.14 27.63
C SER C 144 3.05 21.28 28.63
N GLY C 145 2.65 21.00 29.86
CA GLY C 145 2.56 22.02 30.89
C GLY C 145 1.29 22.86 30.80
N ARG C 146 1.09 23.51 29.66
CA ARG C 146 -0.04 24.40 29.49
C ARG C 146 -1.35 23.64 29.52
N THR C 147 -2.39 24.29 30.03
CA THR C 147 -3.73 23.71 30.06
C THR C 147 -4.63 24.22 28.94
N THR C 148 -4.20 25.22 28.18
CA THR C 148 -4.95 25.74 27.05
C THR C 148 -4.06 25.75 25.82
N GLY C 149 -4.66 25.49 24.66
CA GLY C 149 -3.92 25.44 23.42
C GLY C 149 -4.66 24.57 22.41
N ILE C 150 -3.97 24.31 21.31
CA ILE C 150 -4.49 23.45 20.25
C ILE C 150 -3.46 22.38 19.95
N VAL C 151 -3.89 21.12 19.96
CA VAL C 151 -3.01 19.98 19.81
C VAL C 151 -3.09 19.49 18.38
N MET C 152 -1.99 19.61 17.63
CA MET C 152 -1.93 19.07 16.27
C MET C 152 -1.54 17.60 16.32
N ASP C 153 -2.40 16.81 16.98
CA ASP C 153 -2.13 15.40 17.18
C ASP C 153 -2.01 14.67 15.85
N SER C 154 -1.04 13.76 15.78
CA SER C 154 -0.82 12.95 14.60
C SER C 154 -0.42 11.55 15.05
N GLY C 155 -0.17 10.67 14.08
CA GLY C 155 0.20 9.31 14.40
C GLY C 155 0.32 8.40 13.19
N ASP C 156 -0.13 7.16 13.34
CA ASP C 156 -0.03 6.18 12.27
C ASP C 156 -1.27 6.14 11.40
N GLY C 157 -2.45 6.34 11.97
CA GLY C 157 -3.68 6.26 11.19
C GLY C 157 -4.57 7.48 11.23
N VAL C 158 -4.41 8.32 12.26
CA VAL C 158 -5.30 9.46 12.46
C VAL C 158 -4.48 10.73 12.57
N THR C 159 -5.11 11.86 12.24
CA THR C 159 -4.51 13.18 12.36
C THR C 159 -5.58 14.13 12.85
N HIS C 160 -5.53 14.52 14.11
CA HIS C 160 -6.57 15.30 14.75
C HIS C 160 -6.00 16.61 15.27
N THR C 161 -6.71 17.71 15.04
CA THR C 161 -6.38 19.01 15.59
C THR C 161 -7.49 19.39 16.57
N VAL C 162 -7.21 19.25 17.86
CA VAL C 162 -8.24 19.41 18.88
C VAL C 162 -7.91 20.61 19.76
N PRO C 163 -8.51 21.78 19.52
CA PRO C 163 -8.20 22.99 20.32
C PRO C 163 -8.90 23.02 21.67
N ILE C 164 -8.28 22.37 22.65
CA ILE C 164 -8.86 22.24 23.98
C ILE C 164 -8.80 23.57 24.71
N TYR C 165 -9.56 23.70 25.79
CA TYR C 165 -9.56 24.93 26.59
C TYR C 165 -9.82 24.53 28.04
N GLU C 166 -8.93 24.94 28.94
CA GLU C 166 -9.00 24.60 30.37
C GLU C 166 -9.04 23.08 30.57
N GLY C 167 -8.40 22.35 29.67
CA GLY C 167 -8.37 20.91 29.77
C GLY C 167 -9.63 20.20 29.29
N TYR C 168 -10.58 20.93 28.72
CA TYR C 168 -11.79 20.34 28.14
C TYR C 168 -11.78 20.62 26.65
N ALA C 169 -11.77 19.55 25.86
CA ALA C 169 -11.71 19.70 24.41
C ALA C 169 -13.01 20.29 23.88
N LEU C 170 -12.88 21.21 22.92
CA LEU C 170 -14.05 21.76 22.25
C LEU C 170 -14.55 20.77 21.21
N PRO C 171 -15.79 20.28 21.30
CA PRO C 171 -16.22 19.23 20.38
C PRO C 171 -16.48 19.72 18.97
N HIS C 172 -17.05 20.92 18.82
CA HIS C 172 -17.45 21.39 17.50
C HIS C 172 -16.27 21.83 16.65
N ALA C 173 -15.12 22.13 17.26
CA ALA C 173 -13.96 22.64 16.54
C ALA C 173 -12.97 21.55 16.16
N ILE C 174 -13.24 20.29 16.50
CA ILE C 174 -12.32 19.21 16.17
C ILE C 174 -12.43 18.90 14.68
N LEU C 175 -11.28 18.86 14.01
CA LEU C 175 -11.21 18.50 12.59
C LEU C 175 -10.35 17.25 12.45
N ARG C 176 -10.88 16.26 11.74
CA ARG C 176 -10.19 15.00 11.52
C ARG C 176 -9.70 14.93 10.08
N LEU C 177 -8.45 14.54 9.90
CA LEU C 177 -7.84 14.39 8.59
C LEU C 177 -7.32 12.97 8.44
N ASP C 178 -7.69 12.32 7.34
CA ASP C 178 -7.26 10.94 7.08
C ASP C 178 -5.92 10.97 6.35
N LEU C 179 -4.90 11.39 7.10
CA LEU C 179 -3.55 11.52 6.55
C LEU C 179 -2.57 11.38 7.72
N ALA C 180 -1.96 10.21 7.84
CA ALA C 180 -1.08 9.92 8.97
C ALA C 180 0.11 9.13 8.45
N GLY C 181 0.85 8.51 9.37
CA GLY C 181 2.10 7.86 8.99
C GLY C 181 1.92 6.74 7.98
N ARG C 182 0.88 5.92 8.15
CA ARG C 182 0.70 4.77 7.27
C ARG C 182 0.50 5.19 5.83
N ASP C 183 -0.28 6.25 5.60
CA ASP C 183 -0.44 6.76 4.24
C ASP C 183 0.88 7.30 3.70
N LEU C 184 1.67 7.94 4.55
CA LEU C 184 2.98 8.43 4.13
C LEU C 184 3.91 7.28 3.75
N THR C 185 3.90 6.20 4.55
CA THR C 185 4.71 5.03 4.21
C THR C 185 4.24 4.41 2.91
N ASP C 186 2.93 4.30 2.71
CA ASP C 186 2.40 3.73 1.48
C ASP C 186 2.74 4.61 0.28
N TYR C 187 2.70 5.93 0.45
CA TYR C 187 3.07 6.82 -0.64
C TYR C 187 4.55 6.70 -0.99
N LEU C 188 5.38 6.34 -0.01
CA LEU C 188 6.81 6.17 -0.28
C LEU C 188 7.04 5.02 -1.26
N MET C 189 6.30 3.93 -1.10
CA MET C 189 6.47 2.79 -2.00
C MET C 189 6.11 3.16 -3.44
N LYS C 190 5.04 3.93 -3.62
CA LYS C 190 4.61 4.29 -4.96
C LYS C 190 5.65 5.18 -5.65
N ILE C 191 6.25 6.10 -4.92
CA ILE C 191 7.23 7.00 -5.51
C ILE C 191 8.61 6.35 -5.61
N LEU C 192 8.91 5.37 -4.75
CA LEU C 192 10.20 4.68 -4.83
C LEU C 192 10.31 3.86 -6.11
N THR C 193 9.18 3.40 -6.65
CA THR C 193 9.22 2.60 -7.87
C THR C 193 9.77 3.39 -9.05
N GLU C 194 9.66 4.72 -9.01
CA GLU C 194 10.17 5.55 -10.09
C GLU C 194 11.67 5.40 -10.28
N ARG C 195 12.40 5.01 -9.24
CA ARG C 195 13.84 4.80 -9.36
C ARG C 195 14.19 3.36 -9.70
N GLY C 196 13.38 2.39 -9.30
CA GLY C 196 13.64 1.01 -9.62
C GLY C 196 13.59 0.07 -8.45
N TYR C 197 13.09 0.53 -7.31
CA TYR C 197 12.99 -0.28 -6.10
C TYR C 197 11.52 -0.51 -5.78
N SER C 198 11.16 -1.77 -5.55
CA SER C 198 9.78 -2.17 -5.33
C SER C 198 9.65 -2.90 -4.00
N PHE C 199 8.64 -2.52 -3.22
CA PHE C 199 8.33 -3.16 -1.94
C PHE C 199 6.84 -3.45 -1.89
N THR C 200 6.48 -4.73 -1.80
CA THR C 200 5.08 -5.13 -1.87
C THR C 200 4.58 -5.74 -0.57
N THR C 201 5.23 -6.78 -0.06
CA THR C 201 4.70 -7.51 1.08
C THR C 201 4.78 -6.69 2.36
N THR C 202 3.98 -7.10 3.35
CA THR C 202 3.98 -6.42 4.64
C THR C 202 5.32 -6.58 5.35
N ALA C 203 6.07 -7.63 5.03
CA ALA C 203 7.40 -7.79 5.61
C ALA C 203 8.33 -6.67 5.15
N GLU C 204 8.22 -6.27 3.89
CA GLU C 204 9.02 -5.18 3.36
C GLU C 204 8.42 -3.81 3.67
N ARG C 205 7.24 -3.76 4.29
CA ARG C 205 6.69 -2.48 4.72
C ARG C 205 7.56 -1.86 5.81
N GLU C 206 8.03 -2.68 6.75
CA GLU C 206 8.88 -2.16 7.81
C GLU C 206 10.19 -1.59 7.27
N ILE C 207 10.68 -2.13 6.15
CA ILE C 207 11.88 -1.58 5.52
C ILE C 207 11.60 -0.16 5.02
N VAL C 208 10.45 0.04 4.37
CA VAL C 208 10.09 1.37 3.89
C VAL C 208 9.83 2.31 5.06
N ARG C 209 9.24 1.80 6.15
CA ARG C 209 9.02 2.63 7.32
C ARG C 209 10.35 3.11 7.91
N ASP C 210 11.33 2.22 8.01
CA ASP C 210 12.63 2.60 8.56
C ASP C 210 13.33 3.63 7.68
N ILE C 211 13.21 3.48 6.35
CA ILE C 211 13.77 4.48 5.45
C ILE C 211 13.11 5.83 5.68
N LYS C 212 11.79 5.82 5.86
CA LYS C 212 11.06 7.07 6.08
C LYS C 212 11.49 7.74 7.38
N GLU C 213 11.67 6.95 8.45
CA GLU C 213 11.97 7.51 9.76
C GLU C 213 13.38 8.08 9.88
N LYS C 214 14.24 7.86 8.89
CA LYS C 214 15.64 8.27 9.01
C LYS C 214 16.07 9.29 7.96
N LEU C 215 15.68 9.10 6.70
CA LEU C 215 16.25 9.89 5.61
C LEU C 215 15.24 10.85 4.98
N CYS C 216 14.16 11.19 5.68
CA CYS C 216 13.15 12.10 5.17
C CYS C 216 13.05 13.34 6.04
N TYR C 217 13.04 14.51 5.40
CA TYR C 217 12.89 15.79 6.06
C TYR C 217 11.86 16.62 5.30
N VAL C 218 11.43 17.70 5.93
CA VAL C 218 10.42 18.60 5.36
C VAL C 218 11.13 19.82 4.82
N ALA C 219 10.97 20.08 3.53
CA ALA C 219 11.58 21.24 2.91
C ALA C 219 10.70 22.48 3.09
N LEU C 220 11.33 23.62 3.37
CA LEU C 220 10.58 24.85 3.57
C LEU C 220 9.89 25.29 2.30
N ASP C 221 10.55 25.17 1.16
CA ASP C 221 10.01 25.58 -0.13
C ASP C 221 10.28 24.50 -1.17
N PHE C 222 9.49 24.53 -2.24
CA PHE C 222 9.65 23.62 -3.35
C PHE C 222 10.00 24.29 -4.67
N GLU C 223 9.65 25.57 -4.85
CA GLU C 223 9.92 26.23 -6.12
C GLU C 223 11.41 26.33 -6.42
N GLN C 224 12.25 26.28 -5.38
CA GLN C 224 13.70 26.23 -5.55
C GLN C 224 14.31 24.88 -5.20
N GLU C 225 13.68 24.14 -4.29
CA GLU C 225 14.23 22.85 -3.89
C GLU C 225 14.19 21.84 -5.03
N MET C 226 13.11 21.85 -5.82
CA MET C 226 13.00 20.93 -6.94
C MET C 226 14.09 21.20 -7.98
N ALA C 227 14.37 22.47 -8.25
CA ALA C 227 15.47 22.80 -9.14
C ALA C 227 16.81 22.38 -8.55
N THR C 228 16.98 22.53 -7.24
CA THR C 228 18.23 22.15 -6.60
C THR C 228 18.46 20.64 -6.70
N ALA C 229 17.41 19.85 -6.48
CA ALA C 229 17.57 18.40 -6.51
C ALA C 229 17.93 17.91 -7.91
N ALA C 230 17.32 18.51 -8.95
CA ALA C 230 17.61 18.08 -10.31
C ALA C 230 18.98 18.57 -10.76
N SER C 231 19.37 19.78 -10.37
CA SER C 231 20.63 20.35 -10.84
C SER C 231 21.82 19.66 -10.20
N SER C 232 21.78 19.45 -8.89
CA SER C 232 22.90 18.91 -8.14
C SER C 232 22.50 17.65 -7.40
N SER C 233 23.49 16.79 -7.13
CA SER C 233 23.29 15.54 -6.41
C SER C 233 23.73 15.64 -4.96
N SER C 234 23.69 16.84 -4.38
CA SER C 234 24.22 17.05 -3.04
C SER C 234 23.31 16.47 -1.97
N LEU C 235 22.01 16.33 -2.26
CA LEU C 235 21.02 15.93 -1.28
C LEU C 235 20.77 14.43 -1.24
N GLU C 236 21.49 13.64 -2.05
CA GLU C 236 21.29 12.20 -2.07
C GLU C 236 21.82 11.55 -0.80
N LYS C 237 21.14 10.48 -0.38
CA LYS C 237 21.57 9.68 0.76
C LYS C 237 21.44 8.21 0.41
N SER C 238 22.22 7.39 1.11
CA SER C 238 22.27 5.95 0.85
C SER C 238 21.80 5.18 2.07
N TYR C 239 21.03 4.12 1.82
CA TYR C 239 20.54 3.24 2.88
C TYR C 239 20.81 1.79 2.48
N GLU C 240 21.05 0.96 3.50
CA GLU C 240 21.39 -0.45 3.30
C GLU C 240 20.25 -1.32 3.79
N LEU C 241 19.72 -2.16 2.90
CA LEU C 241 18.67 -3.09 3.26
C LEU C 241 19.22 -4.22 4.12
N PRO C 242 18.36 -4.93 4.85
CA PRO C 242 18.83 -6.12 5.57
C PRO C 242 19.43 -7.17 4.66
N ASP C 243 19.04 -7.19 3.39
CA ASP C 243 19.71 -8.03 2.40
C ASP C 243 21.16 -7.59 2.20
N GLY C 244 21.46 -6.32 2.44
CA GLY C 244 22.77 -5.77 2.19
C GLY C 244 22.89 -4.96 0.91
N GLN C 245 21.81 -4.80 0.16
CA GLN C 245 21.83 -4.00 -1.05
C GLN C 245 21.90 -2.51 -0.71
N VAL C 246 22.39 -1.73 -1.66
CA VAL C 246 22.56 -0.29 -1.51
C VAL C 246 21.54 0.42 -2.39
N ILE C 247 20.77 1.31 -1.78
CA ILE C 247 19.76 2.10 -2.48
C ILE C 247 19.98 3.58 -2.18
N THR C 248 19.82 4.41 -3.20
CA THR C 248 19.93 5.86 -3.05
C THR C 248 18.58 6.48 -3.35
N ILE C 249 18.05 7.24 -2.39
CA ILE C 249 16.72 7.82 -2.54
C ILE C 249 16.81 9.16 -3.25
N GLY C 250 17.50 10.12 -2.65
CA GLY C 250 17.69 11.41 -3.27
C GLY C 250 16.47 12.32 -3.27
N ASN C 251 15.87 12.50 -4.45
CA ASN C 251 14.78 13.47 -4.59
C ASN C 251 13.58 13.11 -3.72
N GLU C 252 13.31 11.82 -3.55
CA GLU C 252 12.12 11.39 -2.82
C GLU C 252 12.21 11.59 -1.32
N ARG C 253 13.25 12.26 -0.82
CA ARG C 253 13.40 12.42 0.62
C ARG C 253 12.33 13.34 1.19
N PHE C 254 12.14 14.50 0.57
CA PHE C 254 11.18 15.48 1.07
C PHE C 254 9.79 15.33 0.45
N ARG C 255 9.65 14.54 -0.60
CA ARG C 255 8.35 14.39 -1.25
C ARG C 255 7.43 13.42 -0.50
N CYS C 256 7.95 12.66 0.45
CA CYS C 256 7.13 11.76 1.24
C CYS C 256 6.37 12.49 2.35
N PRO C 257 7.02 13.34 3.17
CA PRO C 257 6.26 14.05 4.20
C PRO C 257 5.51 15.27 3.69
N GLU C 258 5.85 15.79 2.51
CA GLU C 258 5.13 16.94 1.97
C GLU C 258 3.69 16.61 1.59
N ALA C 259 3.34 15.33 1.49
CA ALA C 259 1.94 14.96 1.32
C ALA C 259 1.09 15.47 2.48
N LEU C 260 1.70 15.64 3.65
CA LEU C 260 0.96 16.16 4.80
C LEU C 260 0.44 17.57 4.53
N PHE C 261 1.24 18.40 3.85
CA PHE C 261 0.86 19.77 3.57
C PHE C 261 0.23 19.97 2.20
N GLN C 262 0.42 19.03 1.27
CA GLN C 262 -0.22 19.07 -0.04
C GLN C 262 -0.82 17.70 -0.33
N PRO C 263 -1.96 17.37 0.27
CA PRO C 263 -2.58 16.05 0.02
C PRO C 263 -3.08 15.87 -1.40
N SER C 264 -3.09 16.93 -2.22
CA SER C 264 -3.48 16.78 -3.61
C SER C 264 -2.51 15.90 -4.39
N PHE C 265 -1.30 15.70 -3.87
CA PHE C 265 -0.37 14.78 -4.50
C PHE C 265 -0.90 13.35 -4.45
N LEU C 266 -1.51 12.96 -3.33
CA LEU C 266 -2.10 11.63 -3.20
C LEU C 266 -3.45 11.51 -3.90
N GLY C 267 -4.02 12.61 -4.36
CA GLY C 267 -5.34 12.59 -4.95
C GLY C 267 -6.48 12.85 -3.99
N MET C 268 -6.19 13.35 -2.80
CA MET C 268 -7.20 13.64 -1.80
C MET C 268 -7.57 15.12 -1.84
N GLU C 269 -8.88 15.41 -1.82
CA GLU C 269 -9.34 16.78 -1.94
C GLU C 269 -9.10 17.58 -0.66
N SER C 270 -9.00 16.92 0.49
CA SER C 270 -8.84 17.62 1.76
C SER C 270 -7.52 18.40 1.78
N ALA C 271 -7.53 19.53 2.46
CA ALA C 271 -6.35 20.37 2.57
C ALA C 271 -5.36 19.78 3.57
N GLY C 272 -4.16 20.35 3.60
CA GLY C 272 -3.09 19.82 4.42
C GLY C 272 -3.27 20.09 5.89
N ILE C 273 -2.34 19.56 6.68
CA ILE C 273 -2.39 19.74 8.12
C ILE C 273 -2.14 21.19 8.51
N HIS C 274 -1.55 21.99 7.63
CA HIS C 274 -1.38 23.40 7.92
C HIS C 274 -2.70 24.16 7.82
N GLU C 275 -3.58 23.73 6.91
CA GLU C 275 -4.82 24.46 6.70
C GLU C 275 -5.91 24.00 7.67
N THR C 276 -5.84 22.74 8.12
CA THR C 276 -6.85 22.25 9.05
C THR C 276 -6.67 22.86 10.45
N THR C 277 -5.43 23.23 10.78
CA THR C 277 -5.22 23.96 12.03
C THR C 277 -5.86 25.34 11.98
N PHE C 278 -5.77 26.01 10.81
CA PHE C 278 -6.45 27.28 10.62
C PHE C 278 -7.96 27.15 10.80
N ASN C 279 -8.59 26.21 10.10
CA ASN C 279 -10.05 26.15 10.15
C ASN C 279 -10.55 25.72 11.52
N SER C 280 -9.80 24.86 12.20
CA SER C 280 -10.20 24.43 13.54
C SER C 280 -10.19 25.59 14.53
N ILE C 281 -9.33 26.58 14.29
CA ILE C 281 -9.29 27.75 15.18
C ILE C 281 -10.52 28.61 14.99
N MET C 282 -10.93 28.85 13.74
CA MET C 282 -12.04 29.76 13.47
C MET C 282 -13.34 29.24 14.07
N LYS C 283 -13.48 27.92 14.17
CA LYS C 283 -14.67 27.35 14.79
C LYS C 283 -14.79 27.71 16.27
N CYS C 284 -13.68 28.09 16.90
CA CYS C 284 -13.72 28.51 18.28
C CYS C 284 -14.21 29.96 18.39
N ASP C 285 -14.35 30.42 19.63
CA ASP C 285 -14.84 31.77 19.87
C ASP C 285 -13.79 32.81 19.51
N VAL C 286 -14.25 34.04 19.28
CA VAL C 286 -13.35 35.11 18.88
C VAL C 286 -12.45 35.53 20.02
N ASP C 287 -13.00 35.67 21.23
CA ASP C 287 -12.19 36.12 22.37
C ASP C 287 -11.11 35.11 22.72
N ILE C 288 -11.42 33.82 22.65
CA ILE C 288 -10.45 32.79 22.99
C ILE C 288 -9.48 32.49 21.86
N ARG C 289 -9.69 33.08 20.68
CA ARG C 289 -8.80 32.84 19.55
C ARG C 289 -7.39 33.37 19.82
N LYS C 290 -7.27 34.42 20.64
CA LYS C 290 -5.96 35.00 20.90
C LYS C 290 -5.04 34.01 21.60
N ASP C 291 -5.55 33.28 22.59
CA ASP C 291 -4.69 32.39 23.36
C ASP C 291 -4.32 31.13 22.57
N LEU C 292 -5.27 30.58 21.81
CA LEU C 292 -5.00 29.32 21.12
C LEU C 292 -4.10 29.51 19.90
N TYR C 293 -4.11 30.69 19.29
CA TYR C 293 -3.33 30.88 18.08
C TYR C 293 -1.83 30.78 18.34
N ALA C 294 -1.37 31.34 19.46
CA ALA C 294 0.04 31.37 19.80
C ALA C 294 0.46 30.21 20.68
N ASN C 295 -0.43 29.26 20.96
CA ASN C 295 -0.15 28.15 21.86
C ASN C 295 -0.27 26.80 21.16
N THR C 296 0.04 26.74 19.87
CA THR C 296 -0.05 25.49 19.15
C THR C 296 1.02 24.51 19.61
N VAL C 297 0.61 23.30 19.96
CA VAL C 297 1.49 22.27 20.48
C VAL C 297 1.38 21.04 19.57
N LEU C 298 2.52 20.57 19.07
CA LEU C 298 2.53 19.38 18.24
C LEU C 298 2.54 18.13 19.11
N SER C 299 2.25 16.99 18.49
CA SER C 299 2.27 15.70 19.16
C SER C 299 2.37 14.61 18.11
N GLY C 300 2.53 13.38 18.60
CA GLY C 300 2.56 12.23 17.71
C GLY C 300 3.87 12.06 16.97
N GLY C 301 4.22 10.82 16.64
CA GLY C 301 5.47 10.56 15.96
C GLY C 301 5.53 11.09 14.54
N THR C 302 4.39 11.28 13.89
CA THR C 302 4.36 11.77 12.53
C THR C 302 4.89 13.20 12.43
N THR C 303 4.99 13.91 13.54
CA THR C 303 5.48 15.29 13.55
C THR C 303 6.96 15.39 13.91
N MET C 304 7.73 14.33 13.70
CA MET C 304 9.16 14.33 13.99
C MET C 304 10.02 14.57 12.77
N TYR C 305 9.45 15.00 11.65
CA TYR C 305 10.28 15.34 10.51
C TYR C 305 11.03 16.62 10.80
N PRO C 306 12.36 16.66 10.63
CA PRO C 306 13.09 17.91 10.79
C PRO C 306 12.59 18.95 9.79
N GLY C 307 12.53 20.20 10.25
CA GLY C 307 12.00 21.26 9.42
C GLY C 307 10.50 21.32 9.35
N ILE C 308 9.79 20.71 10.31
CA ILE C 308 8.35 20.79 10.34
C ILE C 308 7.86 22.02 11.10
N ALA C 309 8.64 22.51 12.07
CA ALA C 309 8.23 23.67 12.83
C ALA C 309 8.32 24.94 12.00
N ASP C 310 9.41 25.11 11.25
CA ASP C 310 9.57 26.31 10.44
C ASP C 310 8.69 26.30 9.20
N ARG C 311 8.43 25.10 8.64
CA ARG C 311 7.57 25.03 7.47
C ARG C 311 6.13 25.38 7.82
N MET C 312 5.59 24.78 8.89
CA MET C 312 4.22 25.05 9.26
C MET C 312 4.02 26.50 9.69
N GLN C 313 4.99 27.05 10.42
CA GLN C 313 4.89 28.45 10.85
C GLN C 313 4.89 29.40 9.66
N LYS C 314 5.75 29.14 8.67
CA LYS C 314 5.78 30.00 7.49
C LYS C 314 4.48 29.92 6.71
N GLU C 315 3.96 28.72 6.50
CA GLU C 315 2.70 28.56 5.77
C GLU C 315 1.53 29.13 6.55
N ILE C 316 1.52 28.96 7.88
CA ILE C 316 0.46 29.50 8.70
C ILE C 316 0.53 31.01 8.82
N THR C 317 1.61 31.64 8.36
CA THR C 317 1.74 33.09 8.47
C THR C 317 0.87 33.82 7.45
N ALA C 318 0.91 33.38 6.19
CA ALA C 318 0.19 34.09 5.14
C ALA C 318 -1.32 34.07 5.38
N LEU C 319 -1.85 32.91 5.80
CA LEU C 319 -3.27 32.81 6.12
C LEU C 319 -3.63 33.54 7.41
N ALA C 320 -2.70 33.66 8.35
CA ALA C 320 -3.01 34.32 9.60
C ALA C 320 -3.10 35.84 9.39
N PRO C 321 -3.82 36.55 10.25
CA PRO C 321 -3.84 38.01 10.17
C PRO C 321 -2.47 38.60 10.49
N SER C 322 -2.20 39.76 9.91
CA SER C 322 -0.90 40.40 10.08
C SER C 322 -0.64 40.76 11.54
N THR C 323 -1.66 41.28 12.23
CA THR C 323 -1.49 41.65 13.63
C THR C 323 -1.32 40.42 14.53
N MET C 324 -1.85 39.27 14.09
CA MET C 324 -1.79 38.07 14.90
C MET C 324 -0.36 37.55 15.00
N LYS C 325 -0.07 36.89 16.13
CA LYS C 325 1.23 36.28 16.37
C LYS C 325 1.09 34.77 16.41
N ILE C 326 2.08 34.07 15.87
CA ILE C 326 2.06 32.62 15.73
C ILE C 326 3.32 32.04 16.35
N LYS C 327 3.17 30.99 17.15
CA LYS C 327 4.31 30.32 17.77
C LYS C 327 4.01 28.83 17.81
N ILE C 328 4.58 28.10 16.85
CA ILE C 328 4.46 26.64 16.82
C ILE C 328 5.46 26.06 17.81
N ILE C 329 4.96 25.21 18.71
CA ILE C 329 5.77 24.65 19.78
C ILE C 329 6.00 23.18 19.50
N ALA C 330 7.26 22.74 19.61
CA ALA C 330 7.65 21.37 19.34
C ALA C 330 8.41 20.84 20.55
N PRO C 331 7.72 20.25 21.52
CA PRO C 331 8.41 19.69 22.68
C PRO C 331 9.29 18.54 22.28
N PRO C 332 10.35 18.26 23.04
CA PRO C 332 11.26 17.16 22.67
C PRO C 332 10.61 15.80 22.76
N GLU C 333 9.48 15.67 23.46
CA GLU C 333 8.82 14.39 23.71
C GLU C 333 7.60 14.19 22.82
N ARG C 334 7.69 14.59 21.55
CA ARG C 334 6.56 14.46 20.64
C ARG C 334 6.08 13.02 20.55
N LYS C 335 7.01 12.07 20.47
CA LYS C 335 6.63 10.67 20.28
C LYS C 335 5.84 10.14 21.48
N TYR C 336 6.26 10.49 22.68
CA TYR C 336 5.64 9.99 23.91
C TYR C 336 4.81 11.06 24.61
N SER C 337 4.37 12.08 23.89
CA SER C 337 3.65 13.18 24.53
C SER C 337 2.35 12.71 25.17
N VAL C 338 1.60 11.86 24.46
CA VAL C 338 0.28 11.45 24.94
C VAL C 338 0.35 10.44 26.07
N TRP C 339 1.54 9.91 26.38
CA TRP C 339 1.70 8.96 27.48
C TRP C 339 2.02 9.66 28.79
N ILE C 340 2.99 10.58 28.77
CA ILE C 340 3.40 11.24 30.01
C ILE C 340 2.27 12.08 30.57
N GLY C 341 1.47 12.69 29.70
CA GLY C 341 0.29 13.42 30.17
C GLY C 341 -0.65 12.54 30.96
N GLY C 342 -0.82 11.29 30.53
CA GLY C 342 -1.58 10.34 31.32
C GLY C 342 -0.90 10.02 32.64
N SER C 343 0.44 9.97 32.63
CA SER C 343 1.18 9.75 33.86
C SER C 343 0.97 10.91 34.84
N ILE C 344 0.97 12.13 34.32
CA ILE C 344 0.70 13.30 35.15
C ILE C 344 -0.72 13.25 35.69
N LEU C 345 -1.68 12.89 34.85
CA LEU C 345 -3.09 12.86 35.27
C LEU C 345 -3.31 11.81 36.35
N ALA C 346 -2.73 10.62 36.18
CA ALA C 346 -2.97 9.55 37.13
C ALA C 346 -2.29 9.83 38.47
N SER C 347 -1.14 10.51 38.46
CA SER C 347 -0.39 10.75 39.68
C SER C 347 -1.06 11.75 40.61
N LEU C 348 -2.08 12.46 40.15
CA LEU C 348 -2.73 13.47 40.98
C LEU C 348 -3.42 12.84 42.18
N SER C 349 -3.44 13.58 43.28
CA SER C 349 -4.16 13.13 44.47
C SER C 349 -5.67 13.23 44.29
N THR C 350 -6.14 14.08 43.37
CA THR C 350 -7.56 14.23 43.10
C THR C 350 -8.07 13.22 42.09
N PHE C 351 -7.21 12.38 41.52
CA PHE C 351 -7.63 11.42 40.52
C PHE C 351 -8.37 10.22 41.13
N GLN C 352 -8.26 10.03 42.44
CA GLN C 352 -8.97 8.93 43.09
C GLN C 352 -10.48 9.11 43.02
N GLN C 353 -10.97 10.34 42.85
CA GLN C 353 -12.40 10.60 42.95
C GLN C 353 -13.18 9.94 41.83
N MET C 354 -12.76 10.15 40.58
CA MET C 354 -13.51 9.69 39.41
C MET C 354 -13.02 8.34 38.89
N TRP C 355 -12.46 7.50 39.76
CA TRP C 355 -12.19 6.12 39.39
C TRP C 355 -13.49 5.40 39.04
N ILE C 356 -13.44 4.59 37.98
CA ILE C 356 -14.56 3.69 37.66
C ILE C 356 -14.27 2.39 38.39
N SER C 357 -14.64 2.35 39.67
CA SER C 357 -14.33 1.19 40.49
C SER C 357 -15.16 -0.02 40.08
N LYS C 358 -14.66 -1.20 40.44
CA LYS C 358 -15.34 -2.44 40.07
C LYS C 358 -16.69 -2.55 40.75
N GLN C 359 -16.80 -2.05 41.98
CA GLN C 359 -18.06 -2.16 42.72
C GLN C 359 -19.18 -1.40 42.01
N GLU C 360 -18.89 -0.20 41.51
CA GLU C 360 -19.89 0.61 40.85
C GLU C 360 -20.08 0.25 39.38
N TYR C 361 -19.20 -0.57 38.81
CA TYR C 361 -19.38 -0.97 37.41
C TYR C 361 -20.51 -1.98 37.27
N ASP C 362 -20.59 -2.93 38.19
CA ASP C 362 -21.60 -3.97 38.09
C ASP C 362 -23.01 -3.38 38.23
N GLU C 363 -23.18 -2.40 39.12
CA GLU C 363 -24.49 -1.82 39.34
C GLU C 363 -25.02 -1.13 38.08
N SER C 364 -24.16 -0.38 37.40
CA SER C 364 -24.57 0.38 36.22
C SER C 364 -24.16 -0.27 34.91
N GLY C 365 -23.53 -1.43 34.95
CA GLY C 365 -23.13 -2.12 33.74
C GLY C 365 -22.04 -1.37 33.00
N PRO C 366 -21.80 -1.73 31.74
CA PRO C 366 -20.81 -1.01 30.94
C PRO C 366 -21.24 0.39 30.55
N SER C 367 -22.54 0.72 30.69
CA SER C 367 -23.02 2.06 30.35
C SER C 367 -22.49 3.13 31.29
N ILE C 368 -21.89 2.75 32.42
CA ILE C 368 -21.38 3.75 33.37
C ILE C 368 -20.26 4.55 32.75
N VAL C 369 -19.53 3.99 31.78
CA VAL C 369 -18.41 4.69 31.17
C VAL C 369 -18.89 5.88 30.34
N HIS C 370 -20.18 5.94 30.01
CA HIS C 370 -20.69 7.09 29.27
C HIS C 370 -21.00 8.27 30.16
N ARG C 371 -21.31 8.03 31.44
CA ARG C 371 -21.66 9.09 32.36
C ARG C 371 -20.60 9.36 33.42
N LYS C 372 -19.62 8.49 33.57
CA LYS C 372 -18.59 8.68 34.60
C LYS C 372 -17.36 9.37 34.04
N CYS C 373 -16.72 8.78 33.04
CA CYS C 373 -15.48 9.31 32.49
C CYS C 373 -15.70 10.34 31.39
N PHE C 374 -16.93 10.48 30.89
CA PHE C 374 -17.25 11.44 29.83
C PHE C 374 -16.38 11.27 28.59
N PRO D 269 3.42 78.44 -13.63
CA PRO D 269 4.00 78.26 -12.29
C PRO D 269 5.53 78.29 -12.30
N PHE D 270 6.16 77.16 -11.98
CA PHE D 270 7.62 77.07 -11.93
C PHE D 270 8.19 76.63 -13.27
N GLY D 271 7.77 77.30 -14.34
CA GLY D 271 8.29 77.07 -15.68
C GLY D 271 8.33 75.62 -16.12
N LEU D 272 7.39 74.80 -15.64
CA LEU D 272 7.36 73.37 -15.91
C LEU D 272 6.05 72.93 -16.54
N THR D 273 5.41 73.81 -17.32
CA THR D 273 4.15 73.50 -18.00
C THR D 273 4.26 73.81 -19.49
N PRO D 274 5.11 73.07 -20.23
CA PRO D 274 5.09 73.16 -21.71
C PRO D 274 4.08 72.17 -22.29
N LYS D 275 2.80 72.55 -22.24
CA LYS D 275 1.73 71.66 -22.64
C LYS D 275 1.92 71.21 -24.09
N LYS D 276 2.10 69.90 -24.27
CA LYS D 276 2.40 69.30 -25.56
C LYS D 276 1.10 68.92 -26.24
N VAL D 277 0.75 69.63 -27.31
CA VAL D 277 -0.44 69.30 -28.10
C VAL D 277 -0.12 68.11 -28.98
N TYR D 278 -0.99 67.10 -28.94
CA TYR D 278 -0.81 65.88 -29.71
C TYR D 278 -1.81 65.75 -30.85
N LYS D 279 -3.11 65.83 -30.54
CA LYS D 279 -4.19 65.71 -31.52
C LYS D 279 -4.02 64.47 -32.37
N PRO D 280 -4.20 63.28 -31.81
CA PRO D 280 -4.02 62.06 -32.60
C PRO D 280 -5.06 61.94 -33.72
N GLU D 281 -4.63 61.36 -34.84
CA GLU D 281 -5.53 61.19 -35.97
C GLU D 281 -6.64 60.20 -35.65
N VAL D 282 -6.32 59.13 -34.91
CA VAL D 282 -7.27 58.09 -34.56
C VAL D 282 -7.38 58.05 -33.04
N GLN D 283 -8.62 58.08 -32.54
CA GLN D 283 -8.85 58.03 -31.11
C GLN D 283 -8.40 56.69 -30.54
N LEU D 284 -7.82 56.73 -29.35
CA LEU D 284 -7.22 55.56 -28.71
C LEU D 284 -7.90 55.28 -27.37
N ARG D 285 -7.44 54.24 -26.70
CA ARG D 285 -7.96 53.85 -25.40
C ARG D 285 -7.29 54.70 -24.32
N ARG D 286 -8.02 55.66 -23.77
CA ARG D 286 -7.46 56.58 -22.80
C ARG D 286 -7.37 55.92 -21.44
N PRO D 287 -6.19 55.86 -20.82
CA PRO D 287 -6.09 55.34 -19.45
C PRO D 287 -6.44 56.41 -18.43
N ASN D 288 -7.14 55.99 -17.37
CA ASN D 288 -7.62 56.90 -16.34
C ASN D 288 -6.69 56.82 -15.14
N TRP D 289 -6.02 57.94 -14.83
CA TRP D 289 -5.18 58.06 -13.65
C TRP D 289 -5.66 59.22 -12.80
N SER D 290 -5.25 59.21 -11.53
CA SER D 290 -5.58 60.31 -10.64
C SER D 290 -4.91 61.59 -11.12
N LYS D 291 -5.68 62.67 -11.21
CA LYS D 291 -5.17 63.92 -11.75
C LYS D 291 -4.17 64.56 -10.81
N PHE D 292 -3.06 65.05 -11.36
CA PHE D 292 -2.04 65.76 -10.61
C PHE D 292 -1.90 67.14 -11.25
N VAL D 293 -2.66 68.10 -10.73
CA VAL D 293 -2.62 69.46 -11.26
C VAL D 293 -1.26 70.08 -10.98
N ALA D 294 -0.83 70.98 -11.86
CA ALA D 294 0.47 71.61 -11.73
C ALA D 294 0.40 72.81 -10.78
N GLU D 295 -0.13 72.60 -9.58
CA GLU D 295 -0.21 73.66 -8.58
C GLU D 295 0.40 73.18 -7.27
N ASP D 296 0.22 71.88 -6.96
CA ASP D 296 0.73 71.31 -5.72
C ASP D 296 2.16 70.80 -5.91
N LEU D 297 2.37 69.89 -6.86
CA LEU D 297 3.70 69.31 -7.09
C LEU D 297 4.61 70.22 -7.90
N SER D 298 4.09 71.31 -8.46
CA SER D 298 4.90 72.17 -9.32
C SER D 298 5.87 73.05 -8.53
N GLN D 299 5.75 73.10 -7.20
CA GLN D 299 6.64 73.96 -6.42
C GLN D 299 8.06 73.38 -6.40
N ASP D 300 8.23 72.20 -5.79
CA ASP D 300 9.53 71.52 -5.80
C ASP D 300 9.26 70.04 -5.53
N CYS D 301 9.25 69.24 -6.60
CA CYS D 301 9.00 67.81 -6.50
C CYS D 301 9.68 67.12 -7.68
N PHE D 302 9.37 65.85 -7.88
CA PHE D 302 9.86 65.11 -9.03
C PHE D 302 9.06 65.50 -10.28
N TRP D 303 9.56 65.06 -11.43
CA TRP D 303 8.93 65.24 -12.74
C TRP D 303 8.83 66.70 -13.16
N THR D 304 9.65 67.59 -12.58
CA THR D 304 9.65 68.97 -13.03
C THR D 304 10.42 69.14 -14.33
N LYS D 305 11.46 68.33 -14.53
CA LYS D 305 12.35 68.43 -15.68
C LYS D 305 12.35 67.12 -16.48
N VAL D 306 11.17 66.58 -16.76
CA VAL D 306 11.07 65.36 -17.55
C VAL D 306 11.72 65.57 -18.91
N LYS D 307 12.57 64.62 -19.30
CA LYS D 307 13.23 64.66 -20.60
C LYS D 307 12.28 64.08 -21.64
N GLU D 308 11.22 64.85 -21.92
CA GLU D 308 10.23 64.41 -22.90
C GLU D 308 10.81 64.37 -24.31
N ASP D 309 11.70 65.32 -24.64
CA ASP D 309 12.30 65.33 -25.97
C ASP D 309 13.17 64.11 -26.21
N ARG D 310 13.79 63.56 -25.16
CA ARG D 310 14.67 62.40 -25.33
C ARG D 310 13.89 61.16 -25.73
N PHE D 311 12.58 61.13 -25.51
CA PHE D 311 11.73 60.04 -25.99
C PHE D 311 10.83 60.43 -27.15
N GLU D 312 10.56 61.73 -27.34
CA GLU D 312 9.65 62.16 -28.38
C GLU D 312 10.28 61.98 -29.76
N ASN D 313 9.51 61.39 -30.67
CA ASN D 313 9.90 61.23 -32.07
C ASN D 313 8.66 60.85 -32.85
N ASN D 314 8.83 60.64 -34.16
CA ASN D 314 7.71 60.35 -35.04
C ASN D 314 7.37 58.87 -35.12
N GLU D 315 8.38 58.00 -35.02
CA GLU D 315 8.15 56.57 -35.19
C GLU D 315 7.33 55.98 -34.05
N LEU D 316 7.56 56.46 -32.82
CA LEU D 316 6.87 55.88 -31.66
C LEU D 316 5.37 56.09 -31.74
N PHE D 317 4.93 57.29 -32.10
CA PHE D 317 3.50 57.58 -32.15
C PHE D 317 2.80 56.79 -33.25
N ALA D 318 3.46 56.64 -34.40
CA ALA D 318 2.86 55.89 -35.51
C ALA D 318 2.69 54.42 -35.14
N LYS D 319 3.67 53.83 -34.49
CA LYS D 319 3.56 52.42 -34.11
C LYS D 319 2.60 52.25 -32.94
N LEU D 320 2.65 53.15 -31.95
CA LEU D 320 1.81 53.00 -30.77
C LEU D 320 0.33 53.14 -31.13
N THR D 321 0.00 54.05 -32.04
CA THR D 321 -1.41 54.24 -32.42
C THR D 321 -1.95 53.08 -33.23
N LEU D 322 -1.08 52.24 -33.81
CA LEU D 322 -1.55 51.09 -34.56
C LEU D 322 -2.05 49.99 -33.64
N ALA D 323 -1.34 49.75 -32.53
CA ALA D 323 -1.73 48.67 -31.63
C ALA D 323 -3.00 49.01 -30.87
N PHE D 324 -3.18 50.27 -30.49
CA PHE D 324 -4.30 50.71 -29.68
C PHE D 324 -5.33 51.50 -30.49
N SER D 325 -5.51 51.14 -31.76
CA SER D 325 -6.46 51.83 -32.62
C SER D 325 -7.88 51.42 -32.23
N ALA D 326 -8.68 52.38 -31.79
CA ALA D 326 -10.05 52.11 -31.37
C ALA D 326 -11.01 52.24 -32.54
N LEU D 354 -13.36 19.40 -36.51
CA LEU D 354 -13.33 19.55 -35.07
C LEU D 354 -13.75 20.96 -34.66
N LYS D 355 -13.94 21.81 -35.67
CA LYS D 355 -14.16 23.23 -35.41
C LYS D 355 -15.44 23.47 -34.63
N VAL D 356 -16.54 22.83 -35.05
CA VAL D 356 -17.82 23.06 -34.38
C VAL D 356 -17.81 22.49 -32.97
N LEU D 357 -17.14 21.35 -32.78
CA LEU D 357 -17.07 20.73 -31.46
C LEU D 357 -16.01 21.40 -30.60
N ASP D 358 -16.13 21.22 -29.30
CA ASP D 358 -15.13 21.74 -28.37
C ASP D 358 -13.94 20.77 -28.30
N SER D 359 -13.00 21.07 -27.41
CA SER D 359 -11.78 20.28 -27.33
C SER D 359 -12.06 18.85 -26.90
N LYS D 360 -12.91 18.66 -25.89
CA LYS D 360 -13.12 17.33 -25.33
C LYS D 360 -13.94 16.45 -26.27
N THR D 361 -15.02 16.99 -26.83
CA THR D 361 -15.91 16.16 -27.65
C THR D 361 -15.31 15.87 -29.02
N ALA D 362 -14.51 16.78 -29.57
CA ALA D 362 -13.97 16.57 -30.91
C ALA D 362 -13.06 15.34 -30.95
N GLN D 363 -12.19 15.18 -29.95
CA GLN D 363 -11.31 14.02 -29.91
C GLN D 363 -12.07 12.76 -29.49
N ASN D 364 -12.94 12.88 -28.49
CA ASN D 364 -13.68 11.72 -28.01
C ASN D 364 -14.60 11.16 -29.10
N LEU D 365 -15.28 12.04 -29.83
CA LEU D 365 -16.12 11.57 -30.93
C LEU D 365 -15.28 10.96 -32.05
N SER D 366 -14.13 11.57 -32.35
CA SER D 366 -13.24 10.99 -33.34
C SER D 366 -12.72 9.63 -32.90
N ILE D 367 -12.40 9.50 -31.60
CA ILE D 367 -11.99 8.20 -31.07
C ILE D 367 -13.14 7.20 -31.17
N PHE D 368 -14.34 7.63 -30.78
CA PHE D 368 -15.48 6.71 -30.78
C PHE D 368 -15.90 6.32 -32.19
N LEU D 369 -15.91 7.28 -33.12
CA LEU D 369 -16.30 6.97 -34.48
C LEU D 369 -15.35 5.98 -35.13
N GLY D 370 -14.07 6.02 -34.75
CA GLY D 370 -13.12 5.03 -35.21
C GLY D 370 -13.04 3.78 -34.38
N SER D 371 -13.77 3.71 -33.26
CA SER D 371 -13.70 2.55 -32.39
C SER D 371 -14.32 1.33 -33.06
N PHE D 372 -15.52 1.48 -33.62
CA PHE D 372 -16.18 0.37 -34.31
C PHE D 372 -15.87 0.35 -35.81
N ARG D 373 -15.18 1.37 -36.32
CA ARG D 373 -14.74 1.46 -37.71
C ARG D 373 -15.80 1.00 -38.71
N MET D 374 -17.02 1.49 -38.51
CA MET D 374 -18.11 1.21 -39.43
C MET D 374 -18.75 2.52 -39.86
N PRO D 375 -19.33 2.57 -41.06
CA PRO D 375 -19.95 3.81 -41.53
C PRO D 375 -21.09 4.25 -40.61
N TYR D 376 -21.16 5.56 -40.36
CA TYR D 376 -22.23 6.10 -39.54
C TYR D 376 -23.56 6.18 -40.27
N GLN D 377 -23.54 6.15 -41.60
CA GLN D 377 -24.79 6.17 -42.36
C GLN D 377 -25.61 4.91 -42.07
N GLU D 378 -24.95 3.75 -42.00
CA GLU D 378 -25.65 2.54 -41.61
C GLU D 378 -25.99 2.57 -40.12
N ILE D 379 -25.15 3.23 -39.32
CA ILE D 379 -25.44 3.37 -37.89
C ILE D 379 -26.71 4.18 -37.68
N LYS D 380 -26.87 5.28 -38.43
CA LYS D 380 -28.08 6.08 -38.33
C LYS D 380 -29.30 5.27 -38.73
N ASN D 381 -29.18 4.46 -39.79
CA ASN D 381 -30.28 3.59 -40.18
C ASN D 381 -30.52 2.49 -39.15
N VAL D 382 -29.43 2.00 -38.53
CA VAL D 382 -29.58 0.94 -37.52
C VAL D 382 -30.37 1.45 -36.32
N ILE D 383 -30.05 2.64 -35.83
CA ILE D 383 -30.80 3.20 -34.72
C ILE D 383 -32.21 3.60 -35.16
N LEU D 384 -32.36 4.02 -36.42
CA LEU D 384 -33.69 4.33 -36.94
C LEU D 384 -34.56 3.07 -37.01
N GLU D 385 -33.98 1.96 -37.44
CA GLU D 385 -34.69 0.70 -37.54
C GLU D 385 -34.59 -0.15 -36.28
N VAL D 386 -33.83 0.30 -35.29
CA VAL D 386 -33.60 -0.44 -34.05
C VAL D 386 -33.15 -1.86 -34.38
N ASN D 387 -31.98 -1.98 -35.00
CA ASN D 387 -31.44 -3.28 -35.39
C ASN D 387 -30.73 -3.89 -34.19
N GLU D 388 -31.26 -5.01 -33.69
CA GLU D 388 -30.75 -5.59 -32.46
C GLU D 388 -29.36 -6.19 -32.62
N ALA D 389 -28.94 -6.51 -33.85
CA ALA D 389 -27.62 -7.09 -34.04
C ALA D 389 -26.53 -6.04 -33.85
N VAL D 390 -26.63 -4.92 -34.55
CA VAL D 390 -25.61 -3.88 -34.45
C VAL D 390 -25.70 -3.18 -33.10
N LEU D 391 -26.91 -2.83 -32.67
CA LEU D 391 -27.08 -2.09 -31.43
C LEU D 391 -26.78 -2.98 -30.23
N THR D 392 -26.07 -2.42 -29.25
CA THR D 392 -25.75 -3.12 -28.02
C THR D 392 -25.85 -2.13 -26.86
N GLU D 393 -26.04 -2.67 -25.66
CA GLU D 393 -26.18 -1.82 -24.48
C GLU D 393 -24.93 -0.97 -24.26
N SER D 394 -23.76 -1.57 -24.40
CA SER D 394 -22.52 -0.80 -24.27
C SER D 394 -22.37 0.21 -25.40
N MET D 395 -22.75 -0.18 -26.62
CA MET D 395 -22.64 0.73 -27.76
C MET D 395 -23.54 1.95 -27.59
N ILE D 396 -24.77 1.73 -27.09
CA ILE D 396 -25.70 2.84 -26.95
C ILE D 396 -25.42 3.64 -25.68
N GLN D 397 -24.79 3.03 -24.67
CA GLN D 397 -24.55 3.74 -23.42
C GLN D 397 -23.50 4.83 -23.59
N ASN D 398 -22.42 4.52 -24.28
CA ASN D 398 -21.35 5.50 -24.51
C ASN D 398 -21.57 6.30 -25.79
N LEU D 399 -22.65 6.03 -26.52
CA LEU D 399 -23.00 6.87 -27.65
C LEU D 399 -23.55 8.22 -27.17
N ILE D 400 -24.58 8.18 -26.33
CA ILE D 400 -25.23 9.41 -25.87
C ILE D 400 -24.23 10.32 -25.16
N LYS D 401 -23.21 9.73 -24.53
CA LYS D 401 -22.11 10.51 -23.99
C LYS D 401 -21.42 11.33 -25.08
N GLN D 402 -21.41 10.83 -26.32
CA GLN D 402 -20.74 11.52 -27.42
C GLN D 402 -21.62 12.53 -28.16
N MET D 403 -22.95 12.47 -27.98
CA MET D 403 -23.77 13.59 -28.42
C MET D 403 -23.41 14.85 -27.65
N PRO D 404 -23.16 15.97 -28.33
CA PRO D 404 -23.07 17.27 -27.65
C PRO D 404 -24.45 17.78 -27.28
N GLU D 405 -24.53 19.03 -26.84
CA GLU D 405 -25.83 19.62 -26.56
C GLU D 405 -26.68 19.64 -27.82
N PRO D 406 -28.01 19.54 -27.68
CA PRO D 406 -28.86 19.44 -28.88
C PRO D 406 -28.74 20.63 -29.82
N GLU D 407 -28.37 21.80 -29.30
CA GLU D 407 -28.21 22.97 -30.17
C GLU D 407 -27.09 22.75 -31.17
N GLN D 408 -25.98 22.15 -30.75
CA GLN D 408 -24.80 22.04 -31.60
C GLN D 408 -25.08 21.25 -32.87
N LEU D 409 -26.10 20.39 -32.87
CA LEU D 409 -26.42 19.54 -34.01
C LEU D 409 -27.37 20.21 -34.99
N LYS D 410 -27.72 21.48 -34.79
CA LYS D 410 -28.73 22.13 -35.61
C LYS D 410 -28.13 22.85 -36.81
N MET D 411 -27.20 23.79 -36.58
CA MET D 411 -26.69 24.61 -37.69
C MET D 411 -25.80 23.80 -38.63
N LEU D 412 -25.35 22.62 -38.22
CA LEU D 412 -24.53 21.80 -39.11
C LEU D 412 -25.31 21.39 -40.35
N SER D 413 -26.59 21.04 -40.18
CA SER D 413 -27.43 20.72 -41.31
C SER D 413 -27.62 21.93 -42.21
N GLU D 414 -27.81 23.12 -41.61
CA GLU D 414 -27.95 24.35 -42.40
C GLU D 414 -26.64 24.76 -43.05
N LEU D 415 -25.51 24.27 -42.56
CA LEU D 415 -24.21 24.64 -43.11
C LEU D 415 -23.78 23.64 -44.18
N TYR D 419 -19.33 20.01 -47.31
CA TYR D 419 -19.57 18.94 -46.34
C TYR D 419 -18.31 18.10 -46.14
N ASP D 420 -17.64 17.77 -47.25
CA ASP D 420 -16.42 16.97 -47.17
C ASP D 420 -15.28 17.71 -46.50
N ASP D 421 -15.32 19.05 -46.47
CA ASP D 421 -14.25 19.81 -45.84
C ASP D 421 -14.21 19.56 -44.33
N LEU D 422 -15.36 19.39 -43.70
CA LEU D 422 -15.42 19.17 -42.27
C LEU D 422 -14.85 17.79 -41.92
N ALA D 423 -14.37 17.69 -40.67
CA ALA D 423 -13.72 16.46 -40.22
C ALA D 423 -14.75 15.35 -39.99
N GLU D 424 -14.24 14.15 -39.72
CA GLU D 424 -15.11 13.00 -39.52
C GLU D 424 -16.02 13.19 -38.31
N SER D 425 -15.57 13.93 -37.30
CA SER D 425 -16.42 14.21 -36.15
C SER D 425 -17.54 15.18 -36.53
N GLU D 426 -17.21 16.22 -37.29
CA GLU D 426 -18.23 17.17 -37.73
C GLU D 426 -19.17 16.54 -38.75
N GLN D 427 -18.63 15.71 -39.66
CA GLN D 427 -19.47 15.08 -40.66
C GLN D 427 -20.41 14.06 -40.04
N PHE D 428 -19.99 13.38 -38.97
CA PHE D 428 -20.86 12.46 -38.28
C PHE D 428 -22.08 13.18 -37.69
N GLY D 429 -21.85 14.36 -37.10
CA GLY D 429 -22.95 15.11 -36.52
C GLY D 429 -23.98 15.55 -37.56
N VAL D 430 -23.50 15.86 -38.77
CA VAL D 430 -24.41 16.29 -39.83
C VAL D 430 -25.38 15.16 -40.18
N VAL D 431 -24.85 13.94 -40.34
CA VAL D 431 -25.71 12.80 -40.67
C VAL D 431 -26.61 12.45 -39.50
N MET D 432 -26.04 12.37 -38.30
CA MET D 432 -26.85 12.05 -37.13
C MET D 432 -27.86 13.14 -36.82
N GLY D 433 -27.46 14.41 -36.93
CA GLY D 433 -28.34 15.51 -36.57
C GLY D 433 -29.53 15.67 -37.49
N THR D 434 -29.49 15.06 -38.68
CA THR D 434 -30.62 15.16 -39.60
C THR D 434 -31.85 14.42 -39.10
N VAL D 435 -31.68 13.42 -38.25
CA VAL D 435 -32.80 12.67 -37.69
C VAL D 435 -33.51 13.54 -36.66
N PRO D 436 -34.81 13.78 -36.82
CA PRO D 436 -35.53 14.63 -35.85
C PRO D 436 -35.61 13.97 -34.48
N ARG D 437 -35.61 14.81 -33.45
CA ARG D 437 -35.72 14.38 -32.06
C ARG D 437 -34.63 13.37 -31.71
N LEU D 438 -33.38 13.81 -31.88
CA LEU D 438 -32.24 12.94 -31.63
C LEU D 438 -32.16 12.53 -30.16
N ARG D 439 -32.23 13.51 -29.26
CA ARG D 439 -32.05 13.23 -27.84
C ARG D 439 -33.10 12.26 -27.29
N PRO D 440 -34.40 12.43 -27.56
CA PRO D 440 -35.35 11.44 -27.03
C PRO D 440 -35.27 10.09 -27.73
N ARG D 441 -35.11 10.08 -29.06
CA ARG D 441 -35.18 8.82 -29.80
C ARG D 441 -34.05 7.88 -29.41
N LEU D 442 -32.82 8.41 -29.29
CA LEU D 442 -31.73 7.59 -28.79
C LEU D 442 -31.97 7.18 -27.34
N ASN D 443 -32.53 8.08 -26.54
CA ASN D 443 -32.97 7.70 -25.19
C ASN D 443 -34.13 6.72 -25.25
N ALA D 444 -34.98 6.83 -26.27
CA ALA D 444 -36.13 5.94 -26.39
C ALA D 444 -35.71 4.49 -26.57
N ILE D 445 -34.53 4.28 -27.17
CA ILE D 445 -34.06 2.91 -27.40
C ILE D 445 -33.71 2.23 -26.07
N LEU D 446 -33.11 2.97 -25.15
CA LEU D 446 -32.46 2.39 -23.98
C LEU D 446 -33.43 2.19 -22.80
N PHE D 447 -34.49 1.43 -23.05
CA PHE D 447 -35.19 0.73 -21.98
C PHE D 447 -35.18 -0.78 -22.19
N LYS D 448 -35.61 -1.27 -23.35
CA LYS D 448 -35.71 -2.71 -23.55
C LYS D 448 -34.35 -3.39 -23.53
N LEU D 449 -33.28 -2.64 -23.80
CA LEU D 449 -31.94 -3.21 -23.71
C LEU D 449 -31.54 -3.49 -22.27
N GLN D 450 -32.20 -2.88 -21.29
CA GLN D 450 -31.91 -3.09 -19.88
C GLN D 450 -33.12 -3.44 -19.04
N PHE D 451 -34.35 -3.22 -19.52
CA PHE D 451 -35.53 -3.54 -18.72
C PHE D 451 -35.59 -5.03 -18.40
N SER D 452 -35.29 -5.88 -19.38
CA SER D 452 -35.26 -7.31 -19.14
C SER D 452 -34.18 -7.67 -18.12
N GLU D 453 -33.05 -6.98 -18.17
CA GLU D 453 -31.96 -7.26 -17.24
C GLU D 453 -32.32 -6.87 -15.81
N GLN D 454 -33.02 -5.76 -15.62
CA GLN D 454 -33.35 -5.30 -14.28
C GLN D 454 -34.41 -6.19 -13.62
N VAL D 455 -35.42 -6.61 -14.39
CA VAL D 455 -36.51 -7.40 -13.81
C VAL D 455 -36.02 -8.78 -13.40
N GLU D 456 -35.00 -9.29 -14.11
CA GLU D 456 -34.49 -10.62 -13.78
C GLU D 456 -33.49 -10.55 -12.63
N ASN D 457 -33.08 -9.34 -12.24
CA ASN D 457 -32.15 -9.20 -11.12
C ASN D 457 -32.90 -8.96 -9.82
N ILE D 458 -34.01 -8.22 -9.87
CA ILE D 458 -34.84 -8.03 -8.70
C ILE D 458 -35.51 -9.33 -8.29
N LYS D 459 -35.79 -10.21 -9.25
CA LYS D 459 -36.55 -11.43 -8.96
C LYS D 459 -35.87 -12.35 -7.96
N PRO D 460 -34.59 -12.72 -8.11
CA PRO D 460 -33.95 -13.51 -7.05
C PRO D 460 -33.73 -12.74 -5.77
N GLU D 461 -33.76 -11.40 -5.82
CA GLU D 461 -33.61 -10.61 -4.60
C GLU D 461 -34.88 -10.65 -3.76
N ILE D 462 -36.05 -10.78 -4.39
CA ILE D 462 -37.30 -10.69 -3.65
C ILE D 462 -37.74 -12.06 -3.15
N VAL D 463 -37.60 -13.09 -4.00
CA VAL D 463 -38.08 -14.43 -3.67
C VAL D 463 -37.23 -15.01 -2.55
N SER D 464 -35.95 -14.64 -2.49
CA SER D 464 -35.07 -15.17 -1.45
C SER D 464 -35.43 -14.61 -0.09
N VAL D 465 -35.71 -13.31 0.00
CA VAL D 465 -36.06 -12.70 1.28
C VAL D 465 -37.39 -13.26 1.77
N THR D 466 -38.38 -13.34 0.89
CA THR D 466 -39.69 -13.85 1.27
C THR D 466 -39.60 -15.31 1.73
N ALA D 467 -38.84 -16.12 1.00
CA ALA D 467 -38.62 -17.49 1.42
C ALA D 467 -37.90 -17.55 2.76
N ALA D 468 -36.92 -16.66 2.97
CA ALA D 468 -36.25 -16.58 4.25
C ALA D 468 -37.21 -16.18 5.36
N CYS D 469 -38.11 -15.23 5.07
CA CYS D 469 -39.11 -14.84 6.05
C CYS D 469 -40.04 -16.01 6.38
N GLU D 470 -40.50 -16.73 5.37
CA GLU D 470 -41.38 -17.86 5.60
C GLU D 470 -40.65 -18.99 6.32
N GLU D 471 -39.39 -19.26 5.93
CA GLU D 471 -38.63 -20.32 6.57
C GLU D 471 -38.40 -20.03 8.04
N LEU D 472 -38.08 -18.77 8.36
CA LEU D 472 -37.87 -18.40 9.77
C LEU D 472 -39.19 -18.40 10.52
N ARG D 473 -40.30 -18.16 9.83
CA ARG D 473 -41.60 -18.14 10.48
C ARG D 473 -41.95 -19.49 11.10
N LYS D 474 -41.65 -20.57 10.38
CA LYS D 474 -41.99 -21.92 10.82
C LYS D 474 -40.87 -22.62 11.57
N SER D 475 -39.77 -21.93 11.84
CA SER D 475 -38.60 -22.55 12.44
C SER D 475 -38.85 -22.79 13.93
N GLU D 476 -39.06 -24.06 14.30
CA GLU D 476 -39.21 -24.40 15.71
C GLU D 476 -37.87 -24.44 16.43
N ASN D 477 -36.81 -24.86 15.74
CA ASN D 477 -35.49 -24.93 16.37
C ASN D 477 -35.01 -23.54 16.78
N PHE D 478 -35.32 -22.52 15.97
CA PHE D 478 -35.01 -21.15 16.36
C PHE D 478 -35.71 -20.76 17.65
N SER D 479 -36.98 -21.15 17.78
CA SER D 479 -37.71 -20.90 19.02
C SER D 479 -37.09 -21.67 20.19
N SER D 480 -36.71 -22.92 19.94
CA SER D 480 -36.10 -23.72 21.01
C SER D 480 -34.77 -23.13 21.45
N LEU D 481 -33.95 -22.68 20.51
CA LEU D 481 -32.68 -22.05 20.87
C LEU D 481 -32.89 -20.74 21.62
N LEU D 482 -33.85 -19.94 21.18
CA LEU D 482 -34.08 -18.64 21.80
C LEU D 482 -34.49 -18.79 23.27
N GLU D 483 -35.32 -19.79 23.57
CA GLU D 483 -35.76 -20.00 24.95
C GLU D 483 -34.59 -20.30 25.86
N LEU D 484 -33.64 -21.11 25.39
CA LEU D 484 -32.52 -21.52 26.24
C LEU D 484 -31.66 -20.32 26.66
N THR D 485 -31.41 -19.41 25.72
CA THR D 485 -30.61 -18.22 26.05
C THR D 485 -31.32 -17.37 27.10
N LEU D 486 -32.63 -17.20 26.96
CA LEU D 486 -33.37 -16.32 27.86
C LEU D 486 -33.36 -16.85 29.29
N LEU D 487 -33.56 -18.15 29.47
CA LEU D 487 -33.64 -18.71 30.81
C LEU D 487 -32.28 -18.68 31.50
N VAL D 488 -31.23 -19.13 30.81
CA VAL D 488 -29.90 -19.12 31.40
C VAL D 488 -29.44 -17.69 31.63
N GLY D 489 -29.70 -16.81 30.65
CA GLY D 489 -29.35 -15.40 30.83
C GLY D 489 -30.05 -14.77 32.01
N ASN D 490 -31.33 -15.09 32.19
CA ASN D 490 -32.06 -14.54 33.33
C ASN D 490 -31.51 -15.06 34.66
N TYR D 491 -30.94 -16.27 34.66
CA TYR D 491 -30.39 -16.81 35.90
C TYR D 491 -29.20 -15.99 36.37
N MET D 492 -28.27 -15.68 35.45
CA MET D 492 -27.08 -14.92 35.82
C MET D 492 -27.38 -13.44 36.02
N ASN D 493 -28.36 -12.89 35.29
CA ASN D 493 -28.73 -11.49 35.45
C ASN D 493 -29.53 -11.23 36.72
N ALA D 494 -29.71 -12.23 37.57
CA ALA D 494 -30.50 -12.06 38.78
C ALA D 494 -29.86 -11.05 39.72
N GLY D 495 -30.70 -10.31 40.43
CA GLY D 495 -30.21 -9.29 41.35
C GLY D 495 -29.46 -8.17 40.69
N SER D 496 -29.88 -7.77 39.49
CA SER D 496 -29.23 -6.69 38.75
C SER D 496 -30.31 -5.89 38.05
N ARG D 497 -29.90 -5.03 37.13
CA ARG D 497 -30.84 -4.22 36.36
C ARG D 497 -31.57 -5.01 35.29
N ASN D 498 -31.18 -6.26 35.04
CA ASN D 498 -31.82 -7.11 34.04
C ASN D 498 -32.33 -8.41 34.65
N ALA D 499 -32.76 -8.38 35.91
CA ALA D 499 -33.23 -9.57 36.57
C ALA D 499 -34.62 -9.96 36.07
N GLY D 500 -34.76 -11.21 35.63
CA GLY D 500 -36.04 -11.70 35.14
C GLY D 500 -36.55 -10.99 33.91
N ALA D 501 -35.68 -10.77 32.93
CA ALA D 501 -36.08 -10.08 31.71
C ALA D 501 -37.00 -10.95 30.87
N PHE D 502 -38.13 -10.39 30.46
CA PHE D 502 -39.08 -11.11 29.60
C PHE D 502 -38.86 -10.73 28.14
N GLY D 503 -37.64 -10.99 27.67
CA GLY D 503 -37.29 -10.73 26.28
C GLY D 503 -36.07 -9.85 26.13
N PHE D 504 -35.34 -10.05 25.03
CA PHE D 504 -34.20 -9.21 24.70
C PHE D 504 -34.26 -8.85 23.22
N ASN D 505 -33.60 -7.76 22.87
CA ASN D 505 -33.57 -7.32 21.49
C ASN D 505 -32.77 -8.29 20.63
N ILE D 506 -33.01 -8.22 19.33
CA ILE D 506 -32.29 -9.04 18.36
C ILE D 506 -30.85 -8.54 18.32
N SER D 507 -29.94 -9.34 17.77
CA SER D 507 -28.52 -9.11 17.62
C SER D 507 -27.76 -9.31 18.92
N PHE D 508 -28.44 -9.64 20.02
CA PHE D 508 -27.74 -9.98 21.25
C PHE D 508 -27.10 -11.35 21.20
N LEU D 509 -27.64 -12.26 20.39
CA LEU D 509 -27.07 -13.60 20.30
C LEU D 509 -25.64 -13.57 19.78
N CYS D 510 -25.37 -12.72 18.78
CA CYS D 510 -24.01 -12.57 18.29
C CYS D 510 -23.08 -11.97 19.35
N LYS D 511 -23.64 -11.32 20.36
CA LYS D 511 -22.86 -10.77 21.46
C LYS D 511 -22.63 -11.78 22.58
N LEU D 512 -23.20 -12.98 22.47
CA LEU D 512 -22.95 -14.01 23.47
C LEU D 512 -21.51 -14.51 23.42
N ARG D 513 -20.90 -14.49 22.24
CA ARG D 513 -19.50 -14.90 22.12
C ARG D 513 -18.59 -13.99 22.92
N ASP D 514 -18.91 -12.70 22.97
CA ASP D 514 -18.09 -11.75 23.71
C ASP D 514 -18.08 -12.01 25.20
N THR D 515 -19.05 -12.77 25.71
CA THR D 515 -19.09 -13.13 27.13
C THR D 515 -18.16 -14.30 27.38
N LYS D 516 -17.19 -14.13 28.27
CA LYS D 516 -16.26 -15.17 28.65
C LYS D 516 -16.64 -15.75 30.00
N SER D 517 -15.80 -16.65 30.50
CA SER D 517 -16.06 -17.36 31.74
C SER D 517 -14.87 -17.20 32.68
N ALA D 518 -14.87 -17.99 33.75
CA ALA D 518 -13.76 -18.00 34.70
C ALA D 518 -12.46 -18.37 34.00
N ASP D 519 -12.50 -19.39 33.16
CA ASP D 519 -11.36 -19.74 32.31
C ASP D 519 -11.60 -19.18 30.91
N GLN D 520 -10.57 -18.54 30.35
CA GLN D 520 -10.74 -17.78 29.12
C GLN D 520 -11.06 -18.67 27.92
N LYS D 521 -10.70 -19.95 27.97
CA LYS D 521 -11.02 -20.84 26.85
C LYS D 521 -12.52 -21.13 26.77
N MET D 522 -13.20 -21.11 27.91
CA MET D 522 -14.61 -21.49 27.97
C MET D 522 -15.49 -20.28 27.71
N THR D 523 -16.42 -20.41 26.77
CA THR D 523 -17.22 -19.29 26.27
C THR D 523 -18.71 -19.56 26.49
N LEU D 524 -19.47 -18.47 26.59
CA LEU D 524 -20.92 -18.61 26.80
C LEU D 524 -21.61 -19.08 25.52
N LEU D 525 -21.19 -18.58 24.36
CA LEU D 525 -21.75 -19.08 23.11
C LEU D 525 -21.45 -20.55 22.93
N HIS D 526 -20.23 -20.98 23.24
CA HIS D 526 -19.89 -22.40 23.17
C HIS D 526 -20.61 -23.18 24.27
N PHE D 527 -20.98 -22.53 25.37
CA PHE D 527 -21.69 -23.22 26.44
C PHE D 527 -23.02 -23.76 25.96
N LEU D 528 -23.77 -22.96 25.21
CA LEU D 528 -25.06 -23.41 24.71
C LEU D 528 -24.90 -24.56 23.73
N ALA D 529 -23.91 -24.47 22.83
CA ALA D 529 -23.66 -25.57 21.91
C ALA D 529 -23.22 -26.82 22.65
N GLU D 530 -22.36 -26.66 23.67
CA GLU D 530 -21.97 -27.82 24.48
C GLU D 530 -23.15 -28.37 25.26
N LEU D 531 -24.00 -27.50 25.81
CA LEU D 531 -25.18 -27.97 26.52
C LEU D 531 -26.18 -28.63 25.58
N CYS D 532 -26.37 -28.04 24.39
CA CYS D 532 -27.35 -28.60 23.45
C CYS D 532 -26.95 -30.00 22.99
N GLU D 533 -25.67 -30.19 22.65
CA GLU D 533 -25.22 -31.48 22.16
C GLU D 533 -25.27 -32.56 23.22
N ASN D 534 -25.33 -32.19 24.49
CA ASN D 534 -25.30 -33.17 25.57
C ASN D 534 -26.67 -33.78 25.84
N ASP D 535 -27.64 -32.95 26.23
CA ASP D 535 -28.93 -33.44 26.69
C ASP D 535 -30.13 -32.83 25.98
N HIS D 536 -29.94 -31.84 25.12
CA HIS D 536 -31.04 -31.18 24.40
C HIS D 536 -30.73 -31.15 22.91
N PRO D 537 -30.84 -32.30 22.24
CA PRO D 537 -30.47 -32.37 20.82
C PRO D 537 -31.47 -31.68 19.90
N GLU D 538 -31.29 -31.87 18.59
CA GLU D 538 -32.16 -31.43 17.50
C GLU D 538 -32.26 -29.92 17.42
N VAL D 539 -31.57 -29.20 18.31
CA VAL D 539 -31.49 -27.75 18.18
C VAL D 539 -30.38 -27.35 17.20
N LEU D 540 -29.40 -28.22 16.98
CA LEU D 540 -28.29 -27.95 16.08
C LEU D 540 -28.72 -27.86 14.62
N LYS D 541 -29.94 -28.25 14.30
CA LYS D 541 -30.42 -28.28 12.91
C LYS D 541 -31.00 -26.96 12.45
N PHE D 542 -31.05 -25.94 13.31
CA PHE D 542 -31.62 -24.66 12.90
C PHE D 542 -30.88 -23.99 11.74
N PRO D 543 -29.54 -24.04 11.63
CA PRO D 543 -28.91 -23.41 10.44
C PRO D 543 -29.38 -24.01 9.13
N ASP D 544 -29.67 -25.31 9.09
CA ASP D 544 -30.15 -25.92 7.85
C ASP D 544 -31.57 -25.48 7.52
N GLU D 545 -32.34 -25.07 8.52
CA GLU D 545 -33.70 -24.60 8.28
C GLU D 545 -33.72 -23.30 7.47
N LEU D 546 -32.63 -22.53 7.49
CA LEU D 546 -32.55 -21.27 6.78
C LEU D 546 -31.48 -21.39 5.70
N ALA D 547 -31.90 -21.31 4.44
CA ALA D 547 -31.00 -21.48 3.32
C ALA D 547 -30.86 -20.27 2.42
N HIS D 548 -31.79 -19.31 2.49
CA HIS D 548 -31.72 -18.10 1.67
C HIS D 548 -31.41 -16.85 2.49
N VAL D 549 -30.99 -17.02 3.75
CA VAL D 549 -30.65 -15.87 4.57
C VAL D 549 -29.44 -15.14 4.02
N GLU D 550 -28.48 -15.88 3.44
CA GLU D 550 -27.28 -15.24 2.90
C GLU D 550 -27.65 -14.26 1.79
N LYS D 551 -28.50 -14.68 0.86
CA LYS D 551 -28.99 -13.76 -0.16
C LYS D 551 -29.95 -12.74 0.44
N ALA D 552 -30.71 -13.14 1.46
CA ALA D 552 -31.56 -12.19 2.16
C ALA D 552 -30.72 -11.12 2.87
N SER D 553 -29.59 -11.52 3.44
CA SER D 553 -28.71 -10.57 4.10
C SER D 553 -27.99 -9.67 3.09
N ARG D 554 -27.72 -10.21 1.90
CA ARG D 554 -26.96 -9.45 0.90
C ARG D 554 -27.72 -8.22 0.44
N VAL D 555 -29.03 -8.35 0.20
CA VAL D 555 -29.83 -7.27 -0.36
C VAL D 555 -30.75 -6.73 0.71
N SER D 556 -31.12 -5.46 0.56
CA SER D 556 -32.02 -4.77 1.48
C SER D 556 -33.18 -4.15 0.72
N ALA D 557 -34.31 -4.03 1.41
CA ALA D 557 -35.50 -3.46 0.78
C ALA D 557 -35.28 -2.01 0.36
N GLU D 558 -34.44 -1.28 1.08
CA GLU D 558 -34.19 0.12 0.76
C GLU D 558 -33.61 0.25 -0.64
N ASN D 559 -32.66 -0.62 -1.00
CA ASN D 559 -32.10 -0.59 -2.34
C ASN D 559 -33.16 -0.93 -3.38
N LEU D 560 -34.04 -1.89 -3.07
CA LEU D 560 -35.06 -2.30 -4.03
C LEU D 560 -36.05 -1.17 -4.30
N GLN D 561 -36.43 -0.42 -3.26
CA GLN D 561 -37.42 0.64 -3.45
C GLN D 561 -36.91 1.72 -4.38
N LYS D 562 -35.63 2.09 -4.27
CA LYS D 562 -35.07 3.08 -5.18
C LYS D 562 -35.10 2.58 -6.62
N SER D 563 -34.73 1.32 -6.84
CA SER D 563 -34.72 0.76 -8.19
C SER D 563 -36.13 0.72 -8.77
N LEU D 564 -37.11 0.32 -7.97
CA LEU D 564 -38.48 0.26 -8.46
C LEU D 564 -39.01 1.65 -8.83
N ASP D 565 -38.68 2.66 -8.02
CA ASP D 565 -39.13 4.01 -8.32
C ASP D 565 -38.52 4.51 -9.62
N GLN D 566 -37.26 4.17 -9.88
CA GLN D 566 -36.59 4.65 -11.09
C GLN D 566 -37.24 4.10 -12.35
N MET D 567 -37.53 2.79 -12.38
CA MET D 567 -38.07 2.19 -13.59
C MET D 567 -39.50 2.67 -13.86
N LYS D 568 -40.22 3.09 -12.82
CA LYS D 568 -41.54 3.69 -13.04
C LYS D 568 -41.41 4.98 -13.85
N LYS D 569 -40.38 5.78 -13.58
CA LYS D 569 -40.16 6.98 -14.37
C LYS D 569 -39.70 6.66 -15.78
N GLN D 570 -39.05 5.51 -15.96
CA GLN D 570 -38.55 5.14 -17.29
C GLN D 570 -39.71 4.93 -18.27
N ILE D 571 -40.68 4.11 -17.88
CA ILE D 571 -41.82 3.85 -18.77
C ILE D 571 -42.62 5.12 -19.00
N ALA D 572 -42.71 5.98 -17.99
CA ALA D 572 -43.47 7.22 -18.13
C ALA D 572 -42.90 8.08 -19.27
N ASP D 573 -41.58 8.05 -19.45
CA ASP D 573 -40.98 8.77 -20.56
C ASP D 573 -41.46 8.23 -21.90
N VAL D 574 -41.61 6.91 -22.00
CA VAL D 574 -42.12 6.30 -23.23
C VAL D 574 -43.56 6.72 -23.47
N GLU D 575 -44.36 6.80 -22.40
CA GLU D 575 -45.75 7.22 -22.54
C GLU D 575 -45.84 8.64 -23.07
N ARG D 576 -45.02 9.56 -22.54
CA ARG D 576 -44.96 10.90 -23.11
C ARG D 576 -44.40 10.88 -24.52
N ASP D 577 -43.46 9.98 -24.81
CA ASP D 577 -42.94 9.85 -26.16
C ASP D 577 -44.02 9.41 -27.13
N VAL D 578 -44.87 8.46 -26.73
CA VAL D 578 -45.91 7.96 -27.61
C VAL D 578 -46.89 9.08 -27.97
N GLN D 579 -47.32 9.85 -26.97
CA GLN D 579 -48.24 10.95 -27.23
C GLN D 579 -47.57 12.07 -28.02
N ASN D 580 -46.32 12.39 -27.69
CA ASN D 580 -45.63 13.49 -28.37
C ASN D 580 -45.25 13.10 -29.80
N PHE D 581 -44.98 11.83 -30.06
CA PHE D 581 -44.57 11.35 -31.38
C PHE D 581 -45.54 10.27 -31.83
N PRO D 582 -46.65 10.65 -32.46
CA PRO D 582 -47.59 9.65 -32.99
C PRO D 582 -46.95 8.81 -34.09
N ALA D 583 -47.38 7.57 -34.18
CA ALA D 583 -46.87 6.66 -35.20
C ALA D 583 -47.41 7.01 -36.57
N ASP D 586 -43.51 2.65 -37.80
CA ASP D 586 -44.10 2.53 -39.13
C ASP D 586 -43.13 1.89 -40.11
N GLU D 587 -43.28 2.22 -41.39
CA GLU D 587 -42.39 1.65 -42.40
C GLU D 587 -41.01 2.30 -42.37
N LYS D 588 -40.96 3.62 -42.22
CA LYS D 588 -39.67 4.31 -42.25
C LYS D 588 -38.81 3.93 -41.05
N ASP D 589 -39.39 3.94 -39.86
CA ASP D 589 -38.70 3.55 -38.63
C ASP D 589 -39.31 2.25 -38.13
N LYS D 590 -38.47 1.23 -37.97
CA LYS D 590 -38.93 -0.07 -37.52
C LYS D 590 -39.18 -0.12 -36.01
N PHE D 591 -39.29 1.04 -35.37
CA PHE D 591 -39.66 1.07 -33.95
C PHE D 591 -41.03 0.45 -33.72
N VAL D 592 -41.96 0.62 -34.67
CA VAL D 592 -43.33 0.13 -34.66
C VAL D 592 -43.83 -0.22 -33.26
N GLU D 593 -43.98 -1.51 -32.99
CA GLU D 593 -44.45 -2.00 -31.70
C GLU D 593 -43.31 -2.39 -30.77
N LYS D 594 -42.06 -2.11 -31.15
CA LYS D 594 -40.93 -2.50 -30.31
C LYS D 594 -40.90 -1.74 -28.98
N MET D 595 -41.61 -0.61 -28.88
CA MET D 595 -41.68 0.14 -27.64
C MET D 595 -43.09 0.27 -27.10
N THR D 596 -44.07 0.63 -27.94
CA THR D 596 -45.43 0.77 -27.47
C THR D 596 -46.01 -0.55 -26.98
N SER D 597 -45.73 -1.65 -27.68
CA SER D 597 -46.13 -2.97 -27.22
C SER D 597 -45.21 -3.52 -26.15
N PHE D 598 -43.95 -3.05 -26.09
CA PHE D 598 -43.07 -3.45 -25.01
C PHE D 598 -43.58 -2.94 -23.67
N VAL D 599 -44.12 -1.72 -23.65
CA VAL D 599 -44.69 -1.17 -22.43
C VAL D 599 -45.87 -2.02 -21.97
N LYS D 600 -46.65 -2.56 -22.91
CA LYS D 600 -47.80 -3.37 -22.56
C LYS D 600 -47.37 -4.59 -21.75
N ASP D 601 -46.33 -5.29 -22.20
CA ASP D 601 -45.80 -6.40 -21.41
C ASP D 601 -44.96 -5.92 -20.24
N ALA D 602 -44.34 -4.74 -20.35
CA ALA D 602 -43.60 -4.19 -19.24
C ALA D 602 -44.52 -3.86 -18.07
N GLN D 603 -45.63 -3.17 -18.35
CA GLN D 603 -46.59 -2.85 -17.31
C GLN D 603 -47.19 -4.12 -16.71
N GLU D 604 -47.44 -5.13 -17.55
CA GLU D 604 -47.90 -6.42 -17.04
C GLU D 604 -46.85 -7.04 -16.13
N GLN D 605 -45.59 -7.06 -16.58
CA GLN D 605 -44.52 -7.58 -15.74
C GLN D 605 -44.30 -6.70 -14.51
N TYR D 606 -44.38 -5.38 -14.70
CA TYR D 606 -44.17 -4.46 -13.58
C TYR D 606 -45.19 -4.71 -12.46
N ASN D 607 -46.45 -4.89 -12.83
CA ASN D 607 -47.51 -5.05 -11.83
C ASN D 607 -47.24 -6.25 -10.92
N LYS D 608 -46.64 -7.31 -11.47
CA LYS D 608 -46.29 -8.45 -10.64
C LYS D 608 -45.19 -8.10 -9.65
N LEU D 609 -44.26 -7.23 -10.05
CA LEU D 609 -43.18 -6.80 -9.15
C LEU D 609 -43.74 -5.96 -8.00
N ARG D 610 -44.72 -5.11 -8.28
CA ARG D 610 -45.30 -4.29 -7.23
C ARG D 610 -45.97 -5.15 -6.16
N MET D 611 -46.68 -6.19 -6.56
CA MET D 611 -47.27 -7.11 -5.60
C MET D 611 -46.19 -7.82 -4.80
N MET D 612 -45.13 -8.29 -5.49
CA MET D 612 -44.08 -9.02 -4.80
C MET D 612 -43.30 -8.10 -3.87
N HIS D 613 -43.02 -6.88 -4.31
CA HIS D 613 -42.37 -5.90 -3.43
C HIS D 613 -43.26 -5.57 -2.24
N SER D 614 -44.56 -5.38 -2.48
CA SER D 614 -45.50 -5.17 -1.38
C SER D 614 -45.61 -6.39 -0.50
N ASN D 615 -45.20 -7.57 -0.98
CA ASN D 615 -45.27 -8.77 -0.16
C ASN D 615 -44.27 -8.72 0.98
N MET D 616 -43.12 -8.03 0.79
CA MET D 616 -42.23 -7.80 1.93
C MET D 616 -42.91 -6.96 3.00
N GLU D 617 -43.49 -5.83 2.61
CA GLU D 617 -44.04 -4.91 3.60
C GLU D 617 -45.12 -5.58 4.44
N THR D 618 -45.97 -6.41 3.81
CA THR D 618 -46.92 -7.20 4.57
C THR D 618 -46.20 -8.22 5.44
N LEU D 619 -45.19 -8.89 4.89
CA LEU D 619 -44.50 -9.94 5.64
C LEU D 619 -43.52 -9.37 6.66
N TYR D 620 -42.71 -8.38 6.26
CA TYR D 620 -41.66 -7.91 7.15
C TYR D 620 -42.23 -7.15 8.34
N LYS D 621 -43.28 -6.36 8.11
CA LYS D 621 -43.89 -5.64 9.23
C LYS D 621 -44.47 -6.61 10.25
N GLU D 622 -45.11 -7.69 9.79
CA GLU D 622 -45.51 -8.75 10.70
C GLU D 622 -44.29 -9.41 11.32
N LEU D 623 -43.24 -9.62 10.53
CA LEU D 623 -41.98 -10.09 11.09
C LEU D 623 -41.40 -9.07 12.07
N GLY D 624 -41.53 -7.79 11.74
CA GLY D 624 -41.10 -6.76 12.68
C GLY D 624 -41.88 -6.80 13.98
N ASP D 625 -43.20 -7.01 13.89
CA ASP D 625 -44.01 -7.17 15.09
C ASP D 625 -43.72 -8.48 15.79
N TYR D 626 -43.30 -9.50 15.04
CA TYR D 626 -43.01 -10.80 15.63
C TYR D 626 -41.85 -10.71 16.62
N PHE D 627 -40.77 -10.06 16.21
CA PHE D 627 -39.59 -9.89 17.06
C PHE D 627 -39.56 -8.54 17.76
N VAL D 628 -40.59 -7.72 17.57
CA VAL D 628 -40.72 -6.39 18.15
C VAL D 628 -39.53 -5.56 17.66
N PHE D 629 -39.67 -4.99 16.47
CA PHE D 629 -38.76 -3.98 15.95
C PHE D 629 -39.38 -3.31 14.73
N ASP D 630 -39.45 -1.98 14.75
CA ASP D 630 -40.04 -1.27 13.63
C ASP D 630 -39.09 -1.32 12.43
N PRO D 631 -39.62 -1.49 11.22
CA PRO D 631 -38.74 -1.45 10.03
C PRO D 631 -38.32 -0.04 9.66
N LYS D 632 -37.93 0.75 10.66
CA LYS D 632 -37.39 2.08 10.45
C LYS D 632 -36.03 2.26 11.11
N LYS D 633 -35.85 1.73 12.33
CA LYS D 633 -34.54 1.67 12.95
C LYS D 633 -33.76 0.43 12.54
N LEU D 634 -34.43 -0.56 11.97
CA LEU D 634 -33.80 -1.80 11.54
C LEU D 634 -34.31 -2.14 10.15
N SER D 635 -33.41 -2.63 9.30
CA SER D 635 -33.78 -2.95 7.92
C SER D 635 -33.43 -4.39 7.58
N VAL D 636 -33.64 -4.78 6.33
CA VAL D 636 -33.39 -6.16 5.92
C VAL D 636 -31.91 -6.48 5.97
N GLU D 637 -31.06 -5.54 5.54
CA GLU D 637 -29.63 -5.82 5.49
C GLU D 637 -29.04 -6.05 6.87
N GLU D 638 -29.31 -5.12 7.80
CA GLU D 638 -28.67 -5.21 9.12
C GLU D 638 -29.17 -6.40 9.91
N PHE D 639 -30.49 -6.63 9.90
CA PHE D 639 -31.05 -7.70 10.71
C PHE D 639 -30.58 -9.08 10.25
N PHE D 640 -30.64 -9.33 8.94
CA PHE D 640 -30.31 -10.66 8.44
C PHE D 640 -28.81 -10.91 8.43
N MET D 641 -28.03 -9.88 8.11
CA MET D 641 -26.57 -10.01 8.18
C MET D 641 -26.15 -10.35 9.60
N ASP D 642 -26.83 -9.74 10.58
CA ASP D 642 -26.59 -10.11 11.97
C ASP D 642 -26.96 -11.56 12.21
N LEU D 643 -28.07 -12.02 11.63
CA LEU D 643 -28.45 -13.42 11.75
C LEU D 643 -27.62 -14.32 10.85
N HIS D 644 -27.23 -13.82 9.68
CA HIS D 644 -26.33 -14.58 8.81
C HIS D 644 -25.00 -14.84 9.51
N ASN D 645 -24.48 -13.82 10.19
CA ASN D 645 -23.24 -13.99 10.93
C ASN D 645 -23.43 -14.89 12.14
N PHE D 646 -24.63 -14.86 12.75
CA PHE D 646 -24.89 -15.72 13.89
C PHE D 646 -24.85 -17.19 13.50
N ARG D 647 -25.37 -17.52 12.33
CA ARG D 647 -25.31 -18.90 11.85
C ARG D 647 -23.88 -19.37 11.71
N ASN D 648 -23.00 -18.50 11.19
CA ASN D 648 -21.58 -18.85 11.09
C ASN D 648 -20.97 -19.07 12.47
N MET D 649 -21.34 -18.22 13.43
CA MET D 649 -20.77 -18.35 14.77
C MET D 649 -21.14 -19.68 15.41
N PHE D 650 -22.39 -20.11 15.27
CA PHE D 650 -22.83 -21.33 15.95
C PHE D 650 -22.17 -22.56 15.34
N LEU D 651 -22.12 -22.65 14.02
CA LEU D 651 -21.48 -23.79 13.38
C LEU D 651 -19.99 -23.84 13.71
N GLN D 652 -19.35 -22.67 13.76
CA GLN D 652 -17.96 -22.62 14.24
C GLN D 652 -17.89 -22.96 15.72
N ALA D 653 -18.85 -22.48 16.52
CA ALA D 653 -18.84 -22.75 17.95
C ALA D 653 -18.95 -24.25 18.24
N VAL D 654 -19.86 -24.93 17.54
CA VAL D 654 -19.96 -26.37 17.71
C VAL D 654 -18.77 -27.08 17.08
N LYS D 655 -18.09 -26.44 16.12
CA LYS D 655 -16.89 -27.03 15.54
C LYS D 655 -15.75 -27.05 16.56
N GLU D 656 -15.55 -25.93 17.25
CA GLU D 656 -14.49 -25.86 18.25
C GLU D 656 -14.79 -26.76 19.45
N ASN D 657 -16.08 -26.98 19.75
CA ASN D 657 -16.44 -27.93 20.80
C ASN D 657 -15.98 -29.33 20.42
N GLN D 658 -16.17 -29.72 19.15
CA GLN D 658 -15.67 -31.01 18.70
C GLN D 658 -14.14 -31.07 18.75
N LYS D 659 -13.48 -29.98 18.38
CA LYS D 659 -12.02 -29.96 18.42
C LYS D 659 -11.50 -30.12 19.85
N ARG D 660 -12.11 -29.40 20.81
CA ARG D 660 -11.70 -29.55 22.20
C ARG D 660 -11.97 -30.96 22.70
N ARG D 661 -13.11 -31.54 22.31
CA ARG D 661 -13.40 -32.92 22.69
C ARG D 661 -12.37 -33.88 22.09
N GLU D 662 -11.88 -33.58 20.88
CA GLU D 662 -10.86 -34.41 20.27
C GLU D 662 -9.58 -34.43 21.09
N THR D 663 -9.15 -33.26 21.57
CA THR D 663 -8.01 -33.22 22.49
C THR D 663 -8.35 -33.88 23.82
N GLU D 664 -9.60 -33.72 24.28
CA GLU D 664 -10.02 -34.37 25.51
C GLU D 664 -9.96 -35.89 25.38
N GLU D 665 -10.40 -36.42 24.24
CA GLU D 665 -10.29 -37.85 24.01
C GLU D 665 -8.84 -38.28 23.86
N LYS D 666 -8.01 -37.43 23.25
CA LYS D 666 -6.61 -37.76 23.05
C LYS D 666 -5.87 -37.95 24.37
N MET D 667 -6.09 -37.04 25.33
CA MET D 667 -5.41 -37.15 26.61
C MET D 667 -5.96 -38.28 27.45
N ARG D 668 -7.27 -38.55 27.34
CA ARG D 668 -7.86 -39.66 28.09
C ARG D 668 -7.27 -40.99 27.64
N ARG D 669 -7.13 -41.19 26.33
CA ARG D 669 -6.56 -42.44 25.82
C ARG D 669 -5.10 -42.58 26.21
N ALA D 670 -4.34 -41.49 26.17
CA ALA D 670 -2.93 -41.52 26.52
C ALA D 670 -2.73 -41.71 28.02
N PRO E 269 -50.03 -7.63 33.60
CA PRO E 269 -50.52 -7.33 32.25
C PRO E 269 -51.26 -8.52 31.64
N PHE E 270 -50.70 -9.08 30.57
CA PHE E 270 -51.32 -10.21 29.87
C PHE E 270 -50.91 -11.54 30.50
N GLY E 271 -51.07 -11.65 31.82
CA GLY E 271 -50.79 -12.85 32.58
C GLY E 271 -49.50 -13.57 32.22
N LEU E 272 -48.46 -12.81 31.86
CA LEU E 272 -47.23 -13.40 31.35
C LEU E 272 -46.01 -12.87 32.10
N THR E 273 -46.16 -12.53 33.38
CA THR E 273 -45.04 -12.05 34.19
C THR E 273 -44.92 -12.85 35.49
N PRO E 274 -44.60 -14.16 35.39
CA PRO E 274 -44.22 -14.91 36.61
C PRO E 274 -42.72 -14.81 36.87
N LYS E 275 -42.32 -13.67 37.46
CA LYS E 275 -40.90 -13.42 37.69
C LYS E 275 -40.29 -14.52 38.54
N LYS E 276 -39.16 -15.05 38.08
CA LYS E 276 -38.51 -16.19 38.70
C LYS E 276 -37.40 -15.69 39.61
N VAL E 277 -37.59 -15.86 40.92
CA VAL E 277 -36.55 -15.50 41.88
C VAL E 277 -35.48 -16.58 41.85
N TYR E 278 -34.23 -16.18 41.63
CA TYR E 278 -33.12 -17.11 41.50
C TYR E 278 -32.14 -16.99 42.67
N LYS E 279 -31.61 -15.79 42.91
CA LYS E 279 -30.65 -15.52 43.99
C LYS E 279 -29.50 -16.51 43.95
N PRO E 280 -28.61 -16.42 42.94
CA PRO E 280 -27.50 -17.38 42.87
C PRO E 280 -26.57 -17.25 44.06
N GLU E 281 -26.06 -18.40 44.51
CA GLU E 281 -25.13 -18.41 45.64
C GLU E 281 -23.83 -17.71 45.27
N VAL E 282 -23.34 -17.92 44.06
CA VAL E 282 -22.10 -17.32 43.58
C VAL E 282 -22.45 -16.42 42.39
N GLN E 283 -21.94 -15.18 42.43
CA GLN E 283 -22.20 -14.24 41.35
C GLN E 283 -21.57 -14.73 40.06
N LEU E 284 -22.33 -14.64 38.97
CA LEU E 284 -21.89 -15.06 37.65
C LEU E 284 -21.73 -13.86 36.74
N ARG E 285 -21.12 -14.09 35.58
CA ARG E 285 -21.04 -13.07 34.56
C ARG E 285 -22.44 -12.67 34.11
N ARG E 286 -22.70 -11.37 34.03
CA ARG E 286 -24.01 -10.87 33.65
C ARG E 286 -23.96 -10.29 32.25
N PRO E 287 -24.55 -10.95 31.25
CA PRO E 287 -24.58 -10.38 29.89
C PRO E 287 -25.59 -9.23 29.82
N ASN E 288 -25.18 -8.15 29.17
CA ASN E 288 -26.01 -6.96 29.07
C ASN E 288 -26.73 -6.97 27.73
N TRP E 289 -28.02 -7.29 27.75
CA TRP E 289 -28.87 -7.23 26.58
C TRP E 289 -29.78 -6.00 26.66
N SER E 290 -30.32 -5.61 25.51
CA SER E 290 -31.25 -4.48 25.48
C SER E 290 -32.54 -4.87 26.16
N LYS E 291 -32.90 -4.12 27.21
CA LYS E 291 -34.03 -4.49 28.05
C LYS E 291 -35.34 -4.43 27.27
N PHE E 292 -36.18 -5.44 27.46
CA PHE E 292 -37.53 -5.47 26.92
C PHE E 292 -38.49 -5.52 28.11
N VAL E 293 -38.91 -4.33 28.56
CA VAL E 293 -39.91 -4.26 29.61
C VAL E 293 -41.20 -4.90 29.11
N ALA E 294 -41.93 -5.54 30.02
CA ALA E 294 -43.13 -6.27 29.63
C ALA E 294 -44.28 -5.32 29.36
N GLU E 295 -44.06 -4.33 28.47
CA GLU E 295 -45.12 -3.44 28.03
C GLU E 295 -45.26 -3.46 26.51
N ASP E 296 -44.14 -3.33 25.79
CA ASP E 296 -44.18 -3.21 24.34
C ASP E 296 -44.45 -4.56 23.67
N LEU E 297 -43.98 -5.64 24.30
CA LEU E 297 -44.19 -6.98 23.77
C LEU E 297 -45.24 -7.77 24.55
N SER E 298 -45.70 -7.27 25.70
CA SER E 298 -46.60 -8.02 26.57
C SER E 298 -47.96 -8.26 25.94
N GLN E 299 -48.40 -7.42 25.00
CA GLN E 299 -49.77 -7.50 24.53
C GLN E 299 -50.00 -8.75 23.68
N ASP E 300 -49.33 -8.83 22.53
CA ASP E 300 -49.45 -10.02 21.69
C ASP E 300 -48.21 -10.08 20.79
N CYS E 301 -47.24 -10.91 21.15
CA CYS E 301 -46.02 -11.08 20.39
C CYS E 301 -45.47 -12.47 20.66
N PHE E 302 -44.24 -12.71 20.25
CA PHE E 302 -43.56 -13.96 20.57
C PHE E 302 -43.15 -13.96 22.03
N TRP E 303 -42.79 -15.15 22.52
CA TRP E 303 -42.27 -15.39 23.86
C TRP E 303 -43.29 -15.11 24.96
N THR E 304 -44.58 -15.04 24.63
CA THR E 304 -45.59 -14.86 25.66
C THR E 304 -45.74 -16.13 26.51
N LYS E 305 -45.53 -17.29 25.91
CA LYS E 305 -45.71 -18.58 26.57
C LYS E 305 -44.42 -19.40 26.55
N VAL E 306 -43.30 -18.77 26.89
CA VAL E 306 -42.03 -19.48 26.97
C VAL E 306 -42.15 -20.64 27.94
N LYS E 307 -41.80 -21.84 27.48
CA LYS E 307 -41.79 -23.03 28.33
C LYS E 307 -40.50 -23.03 29.13
N GLU E 308 -40.47 -22.20 30.17
CA GLU E 308 -39.29 -22.14 31.03
C GLU E 308 -39.14 -23.40 31.86
N ASP E 309 -40.23 -24.12 32.10
CA ASP E 309 -40.16 -25.31 32.96
C ASP E 309 -39.43 -26.46 32.30
N ARG E 310 -39.57 -26.62 30.97
CA ARG E 310 -38.93 -27.73 30.29
C ARG E 310 -37.41 -27.63 30.29
N PHE E 311 -36.87 -26.45 30.59
CA PHE E 311 -35.44 -26.26 30.72
C PHE E 311 -34.98 -26.15 32.18
N GLU E 312 -35.84 -25.68 33.07
CA GLU E 312 -35.46 -25.48 34.46
C GLU E 312 -35.23 -26.80 35.18
N ASN E 313 -34.14 -26.87 35.93
CA ASN E 313 -33.81 -28.01 36.77
C ASN E 313 -32.68 -27.57 37.71
N ASN E 314 -32.20 -28.51 38.52
CA ASN E 314 -31.16 -28.18 39.49
C ASN E 314 -29.76 -28.57 39.04
N GLU E 315 -29.63 -29.49 38.06
CA GLU E 315 -28.30 -29.84 37.59
C GLU E 315 -27.68 -28.72 36.76
N LEU E 316 -28.47 -28.11 35.87
CA LEU E 316 -27.92 -27.13 34.94
C LEU E 316 -27.38 -25.91 35.67
N PHE E 317 -28.12 -25.40 36.65
CA PHE E 317 -27.65 -24.24 37.40
C PHE E 317 -26.37 -24.54 38.17
N ALA E 318 -26.28 -25.74 38.75
CA ALA E 318 -25.06 -26.13 39.44
C ALA E 318 -23.89 -26.24 38.47
N LYS E 319 -24.12 -26.74 37.26
CA LYS E 319 -23.06 -26.82 36.26
C LYS E 319 -22.75 -25.44 35.68
N LEU E 320 -23.79 -24.64 35.41
CA LEU E 320 -23.57 -23.33 34.81
C LEU E 320 -22.77 -22.42 35.73
N THR E 321 -23.08 -22.43 37.03
CA THR E 321 -22.35 -21.59 37.97
C THR E 321 -20.90 -22.03 38.15
N LEU E 322 -20.58 -23.28 37.78
CA LEU E 322 -19.21 -23.76 37.92
C LEU E 322 -18.31 -23.12 36.88
N ALA E 323 -18.75 -23.07 35.63
CA ALA E 323 -17.90 -22.56 34.56
C ALA E 323 -17.76 -21.05 34.63
N PHE E 324 -18.81 -20.35 35.06
CA PHE E 324 -18.84 -18.89 35.05
C PHE E 324 -18.84 -18.31 36.47
N SER E 325 -18.08 -18.93 37.37
CA SER E 325 -17.98 -18.45 38.75
C SER E 325 -16.98 -17.31 38.81
N ALA E 326 -17.47 -16.10 39.06
CA ALA E 326 -16.61 -14.93 39.15
C ALA E 326 -15.83 -14.91 40.47
N LEU E 354 -8.69 20.35 47.92
CA LEU E 354 -9.18 21.63 47.40
C LEU E 354 -10.11 22.27 48.42
N LYS E 355 -9.67 23.40 48.97
CA LYS E 355 -10.44 24.12 49.99
C LYS E 355 -10.78 25.55 49.59
N VAL E 356 -9.86 26.26 48.93
CA VAL E 356 -10.07 27.67 48.62
C VAL E 356 -10.18 27.85 47.11
N LEU E 357 -9.30 27.17 46.36
CA LEU E 357 -9.26 27.33 44.92
C LEU E 357 -10.53 26.81 44.27
N ASP E 358 -10.89 27.42 43.14
CA ASP E 358 -12.09 27.06 42.40
C ASP E 358 -11.83 25.77 41.60
N SER E 359 -12.80 25.39 40.76
CA SER E 359 -12.69 24.14 40.02
C SER E 359 -11.65 24.25 38.91
N LYS E 360 -11.63 25.38 38.20
CA LYS E 360 -10.77 25.50 37.03
C LYS E 360 -9.30 25.55 37.40
N THR E 361 -8.94 26.38 38.38
CA THR E 361 -7.53 26.57 38.70
C THR E 361 -6.96 25.41 39.50
N ALA E 362 -7.77 24.78 40.35
CA ALA E 362 -7.25 23.73 41.24
C ALA E 362 -6.68 22.55 40.46
N GLN E 363 -7.40 22.10 39.44
CA GLN E 363 -6.89 21.01 38.62
C GLN E 363 -5.78 21.50 37.69
N ASN E 364 -5.94 22.70 37.12
CA ASN E 364 -4.92 23.22 36.21
C ASN E 364 -3.60 23.45 36.93
N LEU E 365 -3.65 24.00 38.15
CA LEU E 365 -2.42 24.18 38.92
C LEU E 365 -1.79 22.84 39.27
N SER E 366 -2.59 21.86 39.67
CA SER E 366 -2.06 20.54 39.99
C SER E 366 -1.43 19.90 38.77
N ILE E 367 -2.03 20.07 37.60
CA ILE E 367 -1.43 19.55 36.37
C ILE E 367 -0.11 20.25 36.09
N PHE E 368 -0.08 21.57 36.21
CA PHE E 368 1.12 22.31 35.88
C PHE E 368 2.27 21.96 36.83
N LEU E 369 1.97 21.77 38.12
CA LEU E 369 3.01 21.39 39.06
C LEU E 369 3.64 20.05 38.70
N GLY E 370 2.82 19.07 38.31
CA GLY E 370 3.36 17.79 37.89
C GLY E 370 3.92 17.76 36.49
N SER E 371 3.74 18.84 35.74
CA SER E 371 4.22 18.86 34.36
C SER E 371 5.74 18.82 34.30
N PHE E 372 6.40 19.70 35.06
CA PHE E 372 7.86 19.67 35.11
C PHE E 372 8.36 18.64 36.13
N ARG E 373 7.59 18.37 37.17
CA ARG E 373 7.90 17.38 38.19
C ARG E 373 9.26 17.70 38.84
N MET E 374 9.23 18.80 39.58
CA MET E 374 10.40 19.27 40.30
C MET E 374 9.94 20.13 41.47
N PRO E 375 10.63 20.09 42.61
CA PRO E 375 10.13 20.79 43.80
C PRO E 375 9.96 22.28 43.57
N TYR E 376 8.86 22.82 44.09
CA TYR E 376 8.53 24.22 43.88
C TYR E 376 9.35 25.17 44.75
N GLN E 377 9.93 24.68 45.84
CA GLN E 377 10.80 25.54 46.64
C GLN E 377 12.00 25.99 45.80
N GLU E 378 12.60 25.06 45.06
CA GLU E 378 13.66 25.44 44.15
C GLU E 378 13.15 26.37 43.07
N ILE E 379 11.97 26.06 42.50
CA ILE E 379 11.40 26.92 41.46
C ILE E 379 11.18 28.32 41.99
N LYS E 380 10.69 28.43 43.22
CA LYS E 380 10.59 29.73 43.86
C LYS E 380 11.95 30.40 43.94
N ASN E 381 13.02 29.62 44.14
CA ASN E 381 14.36 30.19 44.13
C ASN E 381 14.79 30.55 42.71
N VAL E 382 14.40 29.77 41.71
CA VAL E 382 14.74 30.11 40.33
C VAL E 382 14.18 31.46 39.94
N ILE E 383 12.89 31.69 40.18
CA ILE E 383 12.29 32.96 39.80
C ILE E 383 12.86 34.09 40.64
N LEU E 384 13.15 33.82 41.92
CA LEU E 384 13.79 34.83 42.75
C LEU E 384 15.23 35.09 42.32
N GLU E 385 15.99 34.02 42.03
CA GLU E 385 17.38 34.16 41.64
C GLU E 385 17.58 34.36 40.14
N VAL E 386 16.52 34.19 39.34
CA VAL E 386 16.59 34.33 37.89
C VAL E 386 17.69 33.43 37.35
N ASN E 387 17.47 32.11 37.39
CA ASN E 387 18.40 31.14 36.83
C ASN E 387 17.98 30.87 35.39
N GLU E 388 18.84 31.26 34.44
CA GLU E 388 18.51 31.13 33.03
C GLU E 388 18.38 29.68 32.59
N ALA E 389 18.90 28.72 33.36
CA ALA E 389 18.84 27.32 32.97
C ALA E 389 17.44 26.75 33.16
N VAL E 390 16.96 26.74 34.40
CA VAL E 390 15.64 26.17 34.70
C VAL E 390 14.55 27.04 34.08
N LEU E 391 14.66 28.35 34.23
CA LEU E 391 13.64 29.25 33.71
C LEU E 391 13.63 29.24 32.18
N THR E 392 12.45 29.05 31.61
CA THR E 392 12.23 29.15 30.18
C THR E 392 11.04 30.06 29.94
N GLU E 393 10.94 30.62 28.73
CA GLU E 393 9.80 31.47 28.41
C GLU E 393 8.49 30.69 28.54
N SER E 394 8.46 29.47 28.01
CA SER E 394 7.23 28.68 28.05
C SER E 394 6.82 28.33 29.47
N MET E 395 7.81 28.15 30.36
CA MET E 395 7.50 27.77 31.74
C MET E 395 6.71 28.85 32.46
N ILE E 396 7.01 30.12 32.20
CA ILE E 396 6.47 31.19 33.02
C ILE E 396 5.27 31.87 32.36
N GLN E 397 5.15 31.82 31.03
CA GLN E 397 4.02 32.47 30.38
C GLN E 397 2.71 31.81 30.80
N ASN E 398 2.69 30.49 30.88
CA ASN E 398 1.54 29.78 31.42
C ASN E 398 1.54 29.76 32.94
N LEU E 399 2.69 30.02 33.57
CA LEU E 399 2.72 30.15 35.03
C LEU E 399 1.90 31.35 35.47
N ILE E 400 2.16 32.52 34.89
CA ILE E 400 1.45 33.74 35.29
C ILE E 400 -0.05 33.58 35.02
N LYS E 401 -0.42 32.75 34.04
CA LYS E 401 -1.82 32.41 33.86
C LYS E 401 -2.31 31.54 35.02
N GLN E 402 -1.44 30.69 35.56
CA GLN E 402 -1.84 29.79 36.64
C GLN E 402 -1.98 30.53 37.97
N MET E 403 -1.29 31.66 38.12
CA MET E 403 -1.46 32.48 39.32
C MET E 403 -2.92 32.91 39.47
N PRO E 404 -3.53 32.67 40.64
CA PRO E 404 -4.88 33.19 40.88
C PRO E 404 -4.86 34.67 41.22
N GLU E 405 -6.01 35.20 41.62
CA GLU E 405 -6.10 36.61 41.99
C GLU E 405 -5.14 36.89 43.15
N PRO E 406 -4.50 38.07 43.16
CA PRO E 406 -3.49 38.34 44.22
C PRO E 406 -4.04 38.21 45.62
N GLU E 407 -5.33 38.47 45.83
CA GLU E 407 -5.91 38.28 47.14
C GLU E 407 -5.89 36.81 47.56
N GLN E 408 -6.08 35.90 46.62
CA GLN E 408 -6.24 34.49 46.94
C GLN E 408 -5.01 33.93 47.65
N LEU E 409 -3.82 34.32 47.19
CA LEU E 409 -2.58 33.81 47.79
C LEU E 409 -2.28 34.41 49.15
N LYS E 410 -3.06 35.40 49.60
CA LYS E 410 -2.75 36.11 50.84
C LYS E 410 -3.07 35.26 52.08
N MET E 411 -4.31 34.80 52.22
CA MET E 411 -4.70 34.07 53.42
C MET E 411 -3.96 32.74 53.53
N LEU E 412 -3.44 32.24 52.40
CA LEU E 412 -2.71 30.99 52.41
C LEU E 412 -1.48 31.07 53.29
N SER E 413 -0.73 32.18 53.18
CA SER E 413 0.40 32.40 54.07
C SER E 413 -0.05 32.56 55.51
N GLU E 414 -1.16 33.28 55.73
CA GLU E 414 -1.68 33.49 57.07
C GLU E 414 -2.27 32.21 57.66
N LEU E 415 -2.62 31.24 56.83
CA LEU E 415 -3.19 29.99 57.32
C LEU E 415 -2.12 28.91 57.44
N TYR E 419 -0.41 22.63 57.19
CA TYR E 419 0.21 22.92 55.90
C TYR E 419 0.17 21.70 54.98
N ASP E 420 0.56 20.55 55.52
CA ASP E 420 0.57 19.32 54.74
C ASP E 420 -0.83 18.84 54.39
N ASP E 421 -1.85 19.26 55.16
CA ASP E 421 -3.21 18.80 54.90
C ASP E 421 -3.72 19.29 53.55
N LEU E 422 -3.35 20.51 53.17
CA LEU E 422 -3.83 21.10 51.93
C LEU E 422 -3.24 20.39 50.72
N ALA E 423 -3.92 20.55 49.58
CA ALA E 423 -3.54 19.85 48.37
C ALA E 423 -2.23 20.39 47.80
N GLU E 424 -1.73 19.69 46.77
CA GLU E 424 -0.46 20.08 46.16
C GLU E 424 -0.55 21.47 45.54
N SER E 425 -1.72 21.85 45.02
CA SER E 425 -1.88 23.20 44.50
C SER E 425 -2.01 24.21 45.64
N GLU E 426 -2.69 23.82 46.72
CA GLU E 426 -2.84 24.72 47.85
C GLU E 426 -1.52 24.91 48.59
N GLN E 427 -0.76 23.83 48.79
CA GLN E 427 0.54 23.95 49.43
C GLN E 427 1.49 24.78 48.58
N PHE E 428 1.45 24.63 47.27
CA PHE E 428 2.23 25.47 46.38
C PHE E 428 1.75 26.91 46.41
N GLY E 429 0.47 27.13 46.73
CA GLY E 429 -0.05 28.47 46.84
C GLY E 429 0.62 29.27 47.96
N VAL E 430 0.92 28.60 49.07
CA VAL E 430 1.62 29.27 50.16
C VAL E 430 3.04 29.64 49.74
N VAL E 431 3.71 28.74 49.02
CA VAL E 431 5.11 28.97 48.64
C VAL E 431 5.23 30.19 47.73
N MET E 432 4.35 30.30 46.74
CA MET E 432 4.42 31.44 45.84
C MET E 432 3.97 32.73 46.54
N GLY E 433 3.03 32.61 47.48
CA GLY E 433 2.50 33.81 48.13
C GLY E 433 3.48 34.47 49.07
N THR E 434 4.49 33.73 49.54
CA THR E 434 5.47 34.30 50.46
C THR E 434 6.26 35.43 49.80
N VAL E 435 6.59 35.26 48.53
CA VAL E 435 7.42 36.24 47.82
C VAL E 435 6.68 37.58 47.74
N PRO E 436 7.28 38.67 48.21
CA PRO E 436 6.61 39.96 48.16
C PRO E 436 6.40 40.44 46.74
N ARG E 437 5.27 41.11 46.50
CA ARG E 437 4.91 41.67 45.20
C ARG E 437 5.05 40.63 44.10
N LEU E 438 4.26 39.56 44.22
CA LEU E 438 4.36 38.45 43.27
C LEU E 438 4.00 38.91 41.86
N ARG E 439 2.82 39.52 41.69
CA ARG E 439 2.30 39.86 40.38
C ARG E 439 3.27 40.70 39.55
N PRO E 440 3.85 41.78 40.07
CA PRO E 440 4.84 42.51 39.26
C PRO E 440 6.14 41.76 39.06
N ARG E 441 6.51 40.87 39.98
CA ARG E 441 7.83 40.25 39.93
C ARG E 441 7.96 39.33 38.72
N LEU E 442 7.01 38.40 38.54
CA LEU E 442 7.05 37.55 37.34
C LEU E 442 6.84 38.38 36.08
N ASN E 443 5.93 39.37 36.13
CA ASN E 443 5.79 40.29 35.01
C ASN E 443 7.11 41.00 34.73
N ALA E 444 7.91 41.24 35.77
CA ALA E 444 9.26 41.75 35.57
C ALA E 444 10.18 40.69 34.98
N ILE E 445 9.89 39.42 35.19
CA ILE E 445 10.72 38.37 34.63
C ILE E 445 10.48 38.22 33.13
N LEU E 446 9.26 38.50 32.66
CA LEU E 446 8.97 38.41 31.23
C LEU E 446 9.45 39.66 30.50
N PHE E 447 10.70 40.06 30.74
CA PHE E 447 11.29 41.18 30.01
C PHE E 447 12.49 40.74 29.18
N LYS E 448 13.52 40.17 29.79
CA LYS E 448 14.70 39.77 29.04
C LYS E 448 14.42 38.62 28.07
N LEU E 449 13.40 37.81 28.35
CA LEU E 449 13.01 36.76 27.43
C LEU E 449 12.28 37.30 26.21
N GLN E 450 11.89 38.58 26.22
CA GLN E 450 11.28 39.23 25.08
C GLN E 450 12.04 40.48 24.63
N PHE E 451 12.63 41.23 25.56
CA PHE E 451 13.34 42.44 25.17
C PHE E 451 14.51 42.12 24.25
N SER E 452 15.27 41.07 24.57
CA SER E 452 16.31 40.61 23.66
C SER E 452 15.70 40.00 22.40
N GLU E 453 14.53 39.38 22.54
CA GLU E 453 13.86 38.79 21.39
C GLU E 453 13.21 39.87 20.52
N GLN E 454 12.64 40.90 21.14
CA GLN E 454 11.93 41.93 20.38
C GLN E 454 12.88 42.69 19.46
N VAL E 455 14.07 43.04 19.96
CA VAL E 455 14.99 43.85 19.17
C VAL E 455 15.46 43.07 17.94
N GLU E 456 15.84 41.80 18.13
CA GLU E 456 16.32 41.01 17.01
C GLU E 456 15.20 40.64 16.04
N ASN E 457 13.95 40.60 16.51
CA ASN E 457 12.83 40.34 15.61
C ASN E 457 12.49 41.56 14.78
N ILE E 458 12.67 42.76 15.34
CA ILE E 458 12.22 43.98 14.67
C ILE E 458 13.36 44.63 13.88
N LYS E 459 14.60 44.50 14.34
CA LYS E 459 15.72 45.22 13.73
C LYS E 459 15.90 44.92 12.24
N PRO E 460 15.87 43.67 11.77
CA PRO E 460 15.90 43.46 10.32
C PRO E 460 14.76 44.14 9.59
N GLU E 461 13.57 44.19 10.19
CA GLU E 461 12.47 44.95 9.60
C GLU E 461 12.78 46.44 9.60
N ILE E 462 13.35 46.95 10.69
CA ILE E 462 13.65 48.37 10.79
C ILE E 462 14.72 48.78 9.77
N VAL E 463 15.76 47.97 9.61
CA VAL E 463 16.84 48.33 8.71
C VAL E 463 16.49 48.07 7.24
N SER E 464 15.51 47.21 6.97
CA SER E 464 15.15 46.90 5.59
C SER E 464 14.39 48.03 4.92
N VAL E 465 13.53 48.73 5.68
CA VAL E 465 12.71 49.79 5.09
C VAL E 465 13.58 50.93 4.59
N THR E 466 14.53 51.37 5.42
CA THR E 466 15.41 52.46 5.02
C THR E 466 16.29 52.07 3.85
N ALA E 467 16.81 50.84 3.85
CA ALA E 467 17.67 50.41 2.75
C ALA E 467 16.93 50.45 1.43
N ALA E 468 15.66 50.06 1.42
CA ALA E 468 14.85 50.17 0.21
C ALA E 468 14.64 51.63 -0.17
N CYS E 469 14.44 52.50 0.82
CA CYS E 469 14.21 53.91 0.54
C CYS E 469 15.43 54.56 -0.11
N GLU E 470 16.63 54.29 0.42
CA GLU E 470 17.83 54.85 -0.18
C GLU E 470 18.08 54.24 -1.55
N GLU E 471 17.84 52.94 -1.71
CA GLU E 471 18.00 52.30 -3.02
C GLU E 471 17.02 52.89 -4.02
N LEU E 472 15.78 53.13 -3.60
CA LEU E 472 14.79 53.74 -4.48
C LEU E 472 15.11 55.21 -4.74
N ARG E 473 15.76 55.87 -3.78
CA ARG E 473 16.10 57.28 -3.96
C ARG E 473 17.08 57.47 -5.11
N LYS E 474 18.08 56.59 -5.23
CA LYS E 474 19.10 56.71 -6.26
C LYS E 474 18.78 55.89 -7.50
N SER E 475 17.59 55.28 -7.57
CA SER E 475 17.22 54.44 -8.70
C SER E 475 16.97 55.31 -9.92
N GLU E 476 17.98 55.41 -10.79
CA GLU E 476 17.83 56.15 -12.04
C GLU E 476 16.94 55.42 -13.03
N ASN E 477 16.97 54.09 -13.03
CA ASN E 477 16.14 53.32 -13.94
C ASN E 477 14.65 53.54 -13.66
N PHE E 478 14.27 53.65 -12.39
CA PHE E 478 12.89 53.96 -12.05
C PHE E 478 12.49 55.31 -12.61
N SER E 479 13.38 56.30 -12.54
CA SER E 479 13.10 57.61 -13.12
C SER E 479 12.93 57.52 -14.62
N SER E 480 13.79 56.75 -15.30
CA SER E 480 13.67 56.59 -16.74
C SER E 480 12.38 55.89 -17.12
N LEU E 481 12.00 54.86 -16.37
CA LEU E 481 10.74 54.16 -16.64
C LEU E 481 9.55 55.08 -16.40
N LEU E 482 9.59 55.88 -15.33
CA LEU E 482 8.47 56.77 -15.02
C LEU E 482 8.27 57.82 -16.11
N GLU E 483 9.37 58.31 -16.67
CA GLU E 483 9.27 59.31 -17.74
C GLU E 483 8.58 58.73 -18.98
N LEU E 484 8.87 57.46 -19.29
CA LEU E 484 8.29 56.84 -20.47
C LEU E 484 6.76 56.74 -20.35
N THR E 485 6.27 56.34 -19.18
CA THR E 485 4.82 56.20 -19.00
C THR E 485 4.12 57.56 -19.10
N LEU E 486 4.72 58.60 -18.52
CA LEU E 486 4.07 59.91 -18.48
C LEU E 486 3.92 60.50 -19.88
N LEU E 487 5.01 60.50 -20.65
CA LEU E 487 4.96 61.07 -22.00
C LEU E 487 4.07 60.24 -22.92
N VAL E 488 4.19 58.91 -22.85
CA VAL E 488 3.33 58.05 -23.67
C VAL E 488 1.88 58.19 -23.24
N GLY E 489 1.64 58.21 -21.93
CA GLY E 489 0.27 58.30 -21.43
C GLY E 489 -0.41 59.60 -21.83
N ASN E 490 0.35 60.71 -21.84
CA ASN E 490 -0.22 61.98 -22.25
C ASN E 490 -0.63 61.99 -23.72
N TYR E 491 0.05 61.19 -24.56
CA TYR E 491 -0.32 61.12 -25.98
C TYR E 491 -1.71 60.52 -26.14
N MET E 492 -2.04 59.49 -25.37
CA MET E 492 -3.35 58.87 -25.43
C MET E 492 -4.43 59.71 -24.75
N ASN E 493 -4.07 60.51 -23.75
CA ASN E 493 -5.04 61.29 -23.00
C ASN E 493 -5.32 62.66 -23.61
N ALA E 494 -4.71 62.97 -24.75
CA ALA E 494 -4.93 64.26 -25.39
C ALA E 494 -6.39 64.41 -25.80
N GLY E 495 -6.90 65.64 -25.68
CA GLY E 495 -8.30 65.90 -25.99
C GLY E 495 -9.27 65.24 -25.03
N SER E 496 -8.91 65.18 -23.74
CA SER E 496 -9.76 64.56 -22.73
C SER E 496 -9.58 65.33 -21.43
N ARG E 497 -10.08 64.76 -20.34
CA ARG E 497 -9.98 65.39 -19.03
C ARG E 497 -8.60 65.28 -18.42
N ASN E 498 -7.70 64.47 -19.00
CA ASN E 498 -6.35 64.31 -18.50
C ASN E 498 -5.31 64.65 -19.58
N ALA E 499 -5.64 65.61 -20.44
CA ALA E 499 -4.74 65.99 -21.53
C ALA E 499 -3.59 66.81 -20.99
N GLY E 500 -2.37 66.44 -21.38
CA GLY E 500 -1.19 67.16 -20.93
C GLY E 500 -0.98 67.11 -19.44
N ALA E 501 -1.19 65.96 -18.82
CA ALA E 501 -1.03 65.83 -17.37
C ALA E 501 0.45 65.85 -17.00
N PHE E 502 0.81 66.73 -16.10
CA PHE E 502 2.20 66.87 -15.63
C PHE E 502 2.41 66.07 -14.35
N GLY E 503 2.15 64.77 -14.44
CA GLY E 503 2.31 63.88 -13.30
C GLY E 503 1.06 63.08 -13.00
N PHE E 504 1.23 61.96 -12.30
CA PHE E 504 0.11 61.12 -11.90
C PHE E 504 0.41 60.49 -10.55
N ASN E 505 -0.64 60.04 -9.88
CA ASN E 505 -0.51 59.44 -8.57
C ASN E 505 0.16 58.07 -8.66
N ILE E 506 0.75 57.65 -7.53
CA ILE E 506 1.40 56.36 -7.44
C ILE E 506 0.33 55.27 -7.51
N SER E 507 0.75 54.03 -7.75
CA SER E 507 -0.06 52.83 -7.89
C SER E 507 -0.75 52.76 -9.25
N PHE E 508 -0.56 53.75 -10.11
CA PHE E 508 -1.15 53.68 -11.46
C PHE E 508 -0.40 52.70 -12.35
N LEU E 509 0.88 52.44 -12.05
CA LEU E 509 1.67 51.55 -12.90
C LEU E 509 1.09 50.15 -12.92
N CYS E 510 0.62 49.65 -11.78
CA CYS E 510 -0.02 48.35 -11.74
C CYS E 510 -1.37 48.35 -12.43
N LYS E 511 -1.98 49.51 -12.61
CA LYS E 511 -3.25 49.63 -13.32
C LYS E 511 -3.06 49.69 -14.83
N LEU E 512 -1.81 49.70 -15.31
CA LEU E 512 -1.57 49.71 -16.75
C LEU E 512 -1.96 48.38 -17.38
N ARG E 513 -1.92 47.29 -16.63
CA ARG E 513 -2.30 45.99 -17.16
C ARG E 513 -3.78 45.95 -17.54
N ASP E 514 -4.63 46.60 -16.75
CA ASP E 514 -6.05 46.61 -17.03
C ASP E 514 -6.38 47.30 -18.36
N THR E 515 -5.48 48.15 -18.87
CA THR E 515 -5.69 48.78 -20.16
C THR E 515 -5.32 47.82 -21.27
N LYS E 516 -6.27 47.55 -22.16
CA LYS E 516 -6.06 46.64 -23.27
C LYS E 516 -5.83 47.42 -24.56
N SER E 517 -5.75 46.71 -25.68
CA SER E 517 -5.50 47.31 -26.98
C SER E 517 -6.57 46.90 -27.99
N ALA E 518 -6.34 47.19 -29.27
CA ALA E 518 -7.27 46.74 -30.30
C ALA E 518 -7.36 45.22 -30.33
N ASP E 519 -6.22 44.54 -30.20
CA ASP E 519 -6.18 43.10 -30.03
C ASP E 519 -6.04 42.79 -28.54
N GLN E 520 -6.82 41.82 -28.06
CA GLN E 520 -6.83 41.51 -26.64
C GLN E 520 -5.50 40.95 -26.15
N LYS E 521 -4.68 40.41 -27.04
CA LYS E 521 -3.38 39.86 -26.63
C LYS E 521 -2.43 40.95 -26.17
N MET E 522 -2.36 42.06 -26.90
CA MET E 522 -1.46 43.14 -26.55
C MET E 522 -1.97 43.89 -25.33
N THR E 523 -1.03 44.35 -24.50
CA THR E 523 -1.35 45.09 -23.28
C THR E 523 -0.48 46.34 -23.22
N LEU E 524 -1.03 47.39 -22.58
CA LEU E 524 -0.31 48.65 -22.48
C LEU E 524 0.99 48.49 -21.69
N LEU E 525 0.92 47.78 -20.55
CA LEU E 525 2.13 47.54 -19.78
C LEU E 525 3.10 46.63 -20.53
N HIS E 526 2.56 45.61 -21.21
CA HIS E 526 3.41 44.75 -22.03
C HIS E 526 4.02 45.51 -23.19
N PHE E 527 3.30 46.49 -23.74
CA PHE E 527 3.85 47.30 -24.82
C PHE E 527 5.09 48.06 -24.35
N LEU E 528 5.06 48.60 -23.13
CA LEU E 528 6.23 49.27 -22.58
C LEU E 528 7.38 48.28 -22.39
N ALA E 529 7.07 47.06 -21.94
CA ALA E 529 8.10 46.04 -21.82
C ALA E 529 8.68 45.66 -23.18
N GLU E 530 7.82 45.55 -24.19
CA GLU E 530 8.31 45.26 -25.54
C GLU E 530 9.06 46.44 -26.13
N LEU E 531 8.60 47.67 -25.85
CA LEU E 531 9.24 48.84 -26.42
C LEU E 531 10.65 49.03 -25.89
N CYS E 532 10.84 48.86 -24.57
CA CYS E 532 12.15 49.11 -23.97
C CYS E 532 13.19 48.11 -24.48
N GLU E 533 12.80 46.85 -24.62
CA GLU E 533 13.73 45.84 -25.13
C GLU E 533 14.14 46.09 -26.58
N ASN E 534 13.40 46.95 -27.30
CA ASN E 534 13.69 47.19 -28.71
C ASN E 534 14.74 48.28 -28.87
N ASP E 535 14.48 49.47 -28.32
CA ASP E 535 15.36 50.62 -28.56
C ASP E 535 15.74 51.39 -27.30
N HIS E 536 15.18 51.09 -26.13
CA HIS E 536 15.47 51.81 -24.90
C HIS E 536 15.87 50.83 -23.80
N PRO E 537 17.09 50.29 -23.87
CA PRO E 537 17.52 49.29 -22.89
C PRO E 537 17.89 49.90 -21.54
N GLU E 538 18.42 49.07 -20.64
CA GLU E 538 18.99 49.47 -19.37
C GLU E 538 17.89 49.83 -18.36
N VAL E 539 16.64 49.86 -18.81
CA VAL E 539 15.54 50.12 -17.88
C VAL E 539 14.98 48.85 -17.28
N LEU E 540 15.35 47.68 -17.83
CA LEU E 540 14.92 46.41 -17.28
C LEU E 540 15.64 46.05 -15.99
N LYS E 541 16.64 46.82 -15.58
CA LYS E 541 17.44 46.52 -14.40
C LYS E 541 16.90 47.18 -13.13
N PHE E 542 15.80 47.93 -13.21
CA PHE E 542 15.24 48.52 -12.01
C PHE E 542 14.79 47.49 -10.98
N PRO E 543 14.22 46.32 -11.34
CA PRO E 543 13.92 45.32 -10.29
C PRO E 543 15.16 44.87 -9.53
N ASP E 544 16.30 44.77 -10.21
CA ASP E 544 17.52 44.35 -9.53
C ASP E 544 18.06 45.46 -8.62
N GLU E 545 17.76 46.72 -8.93
CA GLU E 545 18.22 47.83 -8.11
C GLU E 545 17.58 47.84 -6.73
N LEU E 546 16.43 47.21 -6.56
CA LEU E 546 15.75 47.12 -5.28
C LEU E 546 15.77 45.66 -4.84
N ALA E 547 16.44 45.39 -3.71
CA ALA E 547 16.61 44.04 -3.21
C ALA E 547 15.82 43.74 -1.95
N HIS E 548 15.51 44.74 -1.13
CA HIS E 548 14.77 44.55 0.11
C HIS E 548 13.29 44.87 -0.05
N VAL E 549 12.73 44.63 -1.23
CA VAL E 549 11.33 44.98 -1.49
C VAL E 549 10.40 44.14 -0.64
N GLU E 550 10.66 42.84 -0.52
CA GLU E 550 9.70 41.95 0.14
C GLU E 550 9.71 42.14 1.66
N LYS E 551 10.87 42.46 2.23
CA LYS E 551 10.97 42.59 3.69
C LYS E 551 10.33 43.88 4.17
N ALA E 552 10.57 44.98 3.46
CA ALA E 552 10.04 46.27 3.89
C ALA E 552 8.54 46.38 3.64
N SER E 553 8.06 45.85 2.52
CA SER E 553 6.64 45.95 2.20
C SER E 553 5.79 45.10 3.14
N ARG E 554 6.37 44.06 3.74
CA ARG E 554 5.61 43.19 4.62
C ARG E 554 5.30 43.84 5.96
N VAL E 555 5.98 44.93 6.30
CA VAL E 555 5.79 45.59 7.59
C VAL E 555 5.38 47.04 7.34
N SER E 556 4.86 47.67 8.40
CA SER E 556 4.44 49.07 8.34
C SER E 556 4.99 49.80 9.55
N ALA E 557 5.22 51.10 9.37
CA ALA E 557 5.69 51.93 10.47
C ALA E 557 4.67 52.00 11.61
N GLU E 558 3.38 51.88 11.28
CA GLU E 558 2.35 51.91 12.32
C GLU E 558 2.52 50.77 13.31
N ASN E 559 2.82 49.57 12.82
CA ASN E 559 3.03 48.44 13.70
C ASN E 559 4.24 48.65 14.61
N LEU E 560 5.32 49.22 14.06
CA LEU E 560 6.51 49.46 14.86
C LEU E 560 6.26 50.50 15.93
N GLN E 561 5.46 51.53 15.62
CA GLN E 561 5.14 52.54 16.63
C GLN E 561 4.39 51.94 17.81
N LYS E 562 3.43 51.06 17.53
CA LYS E 562 2.70 50.40 18.62
C LYS E 562 3.62 49.51 19.45
N SER E 563 4.49 48.75 18.77
CA SER E 563 5.40 47.87 19.49
C SER E 563 6.39 48.66 20.34
N LEU E 564 6.92 49.75 19.80
CA LEU E 564 7.85 50.59 20.55
C LEU E 564 7.16 51.23 21.75
N ASP E 565 5.90 51.66 21.58
CA ASP E 565 5.16 52.27 22.67
C ASP E 565 4.96 51.29 23.83
N GLN E 566 4.63 50.04 23.50
CA GLN E 566 4.45 49.03 24.55
C GLN E 566 5.75 48.78 25.30
N MET E 567 6.87 48.73 24.59
CA MET E 567 8.16 48.51 25.25
C MET E 567 8.49 49.63 26.23
N LYS E 568 8.12 50.87 25.89
CA LYS E 568 8.31 51.98 26.83
C LYS E 568 7.50 51.74 28.10
N LYS E 569 6.24 51.29 27.95
CA LYS E 569 5.44 50.98 29.12
C LYS E 569 6.02 49.82 29.93
N GLN E 570 6.55 48.81 29.25
CA GLN E 570 7.16 47.68 29.96
C GLN E 570 8.36 48.13 30.78
N ILE E 571 9.21 48.99 30.21
CA ILE E 571 10.37 49.49 30.94
C ILE E 571 9.96 50.45 32.05
N ALA E 572 8.78 51.06 31.96
CA ALA E 572 8.35 51.98 33.01
C ALA E 572 8.00 51.23 34.29
N ASP E 573 7.49 50.01 34.17
CA ASP E 573 7.12 49.24 35.35
C ASP E 573 8.33 48.91 36.22
N VAL E 574 9.50 48.72 35.61
CA VAL E 574 10.69 48.37 36.38
C VAL E 574 11.12 49.55 37.25
N GLU E 575 11.12 50.76 36.69
CA GLU E 575 11.55 51.93 37.45
C GLU E 575 10.65 52.16 38.66
N ARG E 576 9.34 51.98 38.48
CA ARG E 576 8.44 52.02 39.64
C ARG E 576 8.75 50.89 40.61
N ASP E 577 9.04 49.70 40.09
CA ASP E 577 9.35 48.56 40.95
C ASP E 577 10.61 48.79 41.75
N VAL E 578 11.65 49.35 41.12
CA VAL E 578 12.91 49.60 41.82
C VAL E 578 12.71 50.60 42.95
N GLN E 579 12.02 51.70 42.67
CA GLN E 579 11.74 52.68 43.72
C GLN E 579 10.85 52.10 44.81
N ASN E 580 9.83 51.34 44.41
CA ASN E 580 8.93 50.75 45.40
C ASN E 580 9.62 49.63 46.17
N PHE E 581 10.48 48.86 45.52
CA PHE E 581 11.16 47.73 46.16
C PHE E 581 12.66 47.99 46.19
N PRO E 582 13.21 48.44 47.32
CA PRO E 582 14.65 48.69 47.40
C PRO E 582 15.43 47.39 47.32
N ALA E 583 16.65 47.50 46.80
CA ALA E 583 17.54 46.34 46.67
C ALA E 583 18.10 45.92 48.02
N ASP E 586 19.65 41.27 46.66
CA ASP E 586 20.41 40.81 47.82
C ASP E 586 20.77 39.34 47.72
N GLU E 587 21.23 38.76 48.82
CA GLU E 587 21.60 37.35 48.85
C GLU E 587 20.37 36.47 48.64
N LYS E 588 19.23 36.86 49.24
CA LYS E 588 18.01 36.07 49.09
C LYS E 588 17.53 36.07 47.64
N ASP E 589 17.58 37.22 46.97
CA ASP E 589 17.07 37.37 45.61
C ASP E 589 18.23 37.78 44.70
N LYS E 590 18.72 36.83 43.90
CA LYS E 590 19.82 37.10 42.98
C LYS E 590 19.40 37.95 41.79
N PHE E 591 18.12 38.31 41.69
CA PHE E 591 17.69 39.18 40.61
C PHE E 591 18.40 40.55 40.67
N VAL E 592 18.82 40.96 41.87
CA VAL E 592 19.54 42.19 42.19
C VAL E 592 19.76 43.09 40.97
N GLU E 593 20.89 42.93 40.28
CA GLU E 593 21.19 43.72 39.09
C GLU E 593 20.73 43.05 37.80
N LYS E 594 20.20 41.83 37.87
CA LYS E 594 19.80 41.13 36.65
C LYS E 594 18.65 41.84 35.94
N MET E 595 17.94 42.73 36.64
CA MET E 595 16.80 43.43 36.09
C MET E 595 17.01 44.95 36.03
N THR E 596 17.56 45.55 37.09
CA THR E 596 17.77 47.00 37.08
C THR E 596 18.94 47.37 36.19
N SER E 597 20.03 46.58 36.22
CA SER E 597 21.13 46.81 35.30
C SER E 597 20.80 46.31 33.90
N PHE E 598 19.81 45.43 33.77
CA PHE E 598 19.26 45.11 32.45
C PHE E 598 18.67 46.36 31.81
N VAL E 599 17.97 47.17 32.60
CA VAL E 599 17.42 48.43 32.10
C VAL E 599 18.55 49.34 31.60
N LYS E 600 19.69 49.32 32.29
CA LYS E 600 20.80 50.17 31.90
C LYS E 600 21.26 49.84 30.47
N ASP E 601 21.33 48.56 30.13
CA ASP E 601 21.60 48.19 28.75
C ASP E 601 20.35 48.22 27.89
N ALA E 602 19.17 48.04 28.49
CA ALA E 602 17.93 48.13 27.73
C ALA E 602 17.68 49.57 27.26
N GLN E 603 17.81 50.53 28.18
CA GLN E 603 17.62 51.93 27.80
C GLN E 603 18.62 52.36 26.74
N GLU E 604 19.86 51.89 26.85
CA GLU E 604 20.86 52.16 25.82
C GLU E 604 20.44 51.54 24.50
N GLN E 605 20.00 50.28 24.53
CA GLN E 605 19.55 49.63 23.30
C GLN E 605 18.21 50.19 22.82
N TYR E 606 17.31 50.50 23.75
CA TYR E 606 16.04 51.10 23.36
C TYR E 606 16.24 52.49 22.78
N ASN E 607 17.26 53.22 23.25
CA ASN E 607 17.54 54.55 22.69
C ASN E 607 17.87 54.44 21.21
N LYS E 608 18.75 53.50 20.84
CA LYS E 608 19.09 53.33 19.44
C LYS E 608 17.88 52.94 18.60
N LEU E 609 16.83 52.42 19.22
CA LEU E 609 15.60 52.13 18.50
C LEU E 609 14.77 53.39 18.25
N ARG E 610 15.09 54.50 18.91
CA ARG E 610 14.30 55.71 18.74
C ARG E 610 14.77 56.53 17.54
N MET E 611 16.05 56.92 17.52
CA MET E 611 16.53 57.78 16.43
C MET E 611 16.43 57.10 15.08
N MET E 612 16.71 55.79 15.02
CA MET E 612 16.64 55.11 13.73
C MET E 612 15.20 55.02 13.26
N HIS E 613 14.28 54.66 14.16
CA HIS E 613 12.86 54.75 13.84
C HIS E 613 12.45 56.19 13.58
N SER E 614 13.11 57.15 14.21
CA SER E 614 12.90 58.55 13.85
C SER E 614 13.45 58.84 12.46
N ASN E 615 14.54 58.17 12.07
CA ASN E 615 15.04 58.29 10.70
C ASN E 615 14.03 57.78 9.69
N MET E 616 13.16 56.86 10.09
CA MET E 616 12.06 56.45 9.22
C MET E 616 11.16 57.63 8.87
N GLU E 617 10.73 58.37 9.89
CA GLU E 617 9.82 59.49 9.67
C GLU E 617 10.47 60.58 8.83
N THR E 618 11.74 60.89 9.11
CA THR E 618 12.44 61.91 8.32
C THR E 618 12.59 61.49 6.87
N LEU E 619 12.95 60.22 6.64
CA LEU E 619 13.18 59.76 5.28
C LEU E 619 11.87 59.50 4.53
N TYR E 620 10.86 58.96 5.21
CA TYR E 620 9.60 58.65 4.53
C TYR E 620 8.84 59.92 4.17
N LYS E 621 8.83 60.92 5.07
CA LYS E 621 8.17 62.17 4.76
C LYS E 621 8.85 62.88 3.59
N GLU E 622 10.18 62.84 3.55
CA GLU E 622 10.90 63.33 2.37
C GLU E 622 10.55 62.50 1.14
N LEU E 623 10.47 61.18 1.30
CA LEU E 623 10.03 60.32 0.20
C LEU E 623 8.58 60.59 -0.16
N GLY E 624 7.75 60.89 0.85
CA GLY E 624 6.37 61.25 0.56
C GLY E 624 6.25 62.51 -0.28
N ASP E 625 7.06 63.52 0.04
CA ASP E 625 7.09 64.72 -0.79
C ASP E 625 7.72 64.44 -2.15
N TYR E 626 8.63 63.46 -2.22
CA TYR E 626 9.24 63.10 -3.49
C TYR E 626 8.19 62.58 -4.48
N PHE E 627 7.28 61.74 -4.01
CA PHE E 627 6.23 61.19 -4.84
C PHE E 627 4.90 61.90 -4.69
N VAL E 628 4.88 63.00 -3.93
CA VAL E 628 3.68 63.82 -3.71
C VAL E 628 2.57 62.97 -3.09
N PHE E 629 2.76 62.59 -1.82
CA PHE E 629 1.72 61.91 -1.07
C PHE E 629 2.06 62.01 0.41
N ASP E 630 1.11 62.48 1.21
CA ASP E 630 1.33 62.62 2.64
C ASP E 630 1.36 61.25 3.31
N PRO E 631 2.15 61.09 4.37
CA PRO E 631 2.17 59.80 5.08
C PRO E 631 0.99 59.64 6.02
N LYS E 632 -0.21 59.98 5.55
CA LYS E 632 -1.44 59.78 6.30
C LYS E 632 -2.50 59.05 5.50
N LYS E 633 -2.61 59.32 4.20
CA LYS E 633 -3.50 58.56 3.33
C LYS E 633 -2.83 57.32 2.76
N LEU E 634 -1.52 57.17 2.93
CA LEU E 634 -0.79 56.05 2.38
C LEU E 634 0.31 55.66 3.36
N SER E 635 0.45 54.36 3.61
CA SER E 635 1.37 53.84 4.59
C SER E 635 2.40 52.94 3.91
N VAL E 636 3.24 52.29 4.73
CA VAL E 636 4.31 51.46 4.19
C VAL E 636 3.74 50.27 3.44
N GLU E 637 2.72 49.61 4.01
CA GLU E 637 2.14 48.44 3.36
C GLU E 637 1.50 48.82 2.03
N GLU E 638 0.62 49.82 2.04
CA GLU E 638 -0.15 50.14 0.83
C GLU E 638 0.74 50.69 -0.27
N PHE E 639 1.72 51.53 0.08
CA PHE E 639 2.56 52.15 -0.92
C PHE E 639 3.54 51.14 -1.53
N PHE E 640 4.12 50.27 -0.71
CA PHE E 640 5.25 49.47 -1.15
C PHE E 640 4.80 48.11 -1.69
N MET E 641 3.83 47.46 -1.04
CA MET E 641 3.27 46.23 -1.59
C MET E 641 2.74 46.47 -3.00
N ASP E 642 2.18 47.65 -3.26
CA ASP E 642 1.78 47.99 -4.62
C ASP E 642 2.99 48.04 -5.55
N LEU E 643 4.09 48.63 -5.07
CA LEU E 643 5.32 48.66 -5.86
C LEU E 643 5.93 47.26 -6.00
N HIS E 644 5.87 46.47 -4.93
CA HIS E 644 6.40 45.11 -5.00
C HIS E 644 5.61 44.27 -6.00
N ASN E 645 4.29 44.44 -6.03
CA ASN E 645 3.48 43.78 -7.04
C ASN E 645 3.86 44.25 -8.43
N PHE E 646 4.21 45.53 -8.57
CA PHE E 646 4.66 46.04 -9.86
C PHE E 646 5.96 45.38 -10.30
N ARG E 647 6.88 45.15 -9.36
CA ARG E 647 8.14 44.50 -9.71
C ARG E 647 7.90 43.08 -10.21
N ASN E 648 7.06 42.33 -9.51
CA ASN E 648 6.76 40.97 -9.95
C ASN E 648 6.02 40.95 -11.27
N MET E 649 5.09 41.89 -11.46
CA MET E 649 4.28 41.91 -12.67
C MET E 649 5.08 42.40 -13.88
N PHE E 650 6.08 43.26 -13.65
CA PHE E 650 6.92 43.71 -14.76
C PHE E 650 7.82 42.58 -15.26
N LEU E 651 8.39 41.79 -14.34
CA LEU E 651 9.19 40.65 -14.75
C LEU E 651 8.33 39.62 -15.49
N GLN E 652 7.10 39.41 -15.02
CA GLN E 652 6.18 38.53 -15.75
C GLN E 652 5.82 39.12 -17.11
N ALA E 653 5.66 40.44 -17.18
CA ALA E 653 5.31 41.08 -18.45
C ALA E 653 6.41 40.88 -19.49
N VAL E 654 7.68 41.03 -19.07
CA VAL E 654 8.78 40.77 -20.00
C VAL E 654 8.96 39.27 -20.22
N LYS E 655 8.46 38.43 -19.32
CA LYS E 655 8.54 36.98 -19.53
C LYS E 655 7.57 36.54 -20.62
N GLU E 656 6.34 37.04 -20.58
CA GLU E 656 5.39 36.73 -21.64
C GLU E 656 5.82 37.31 -22.97
N ASN E 657 6.56 38.43 -22.95
CA ASN E 657 7.12 38.97 -24.19
C ASN E 657 8.12 37.98 -24.81
N GLN E 658 8.97 37.38 -23.97
CA GLN E 658 9.87 36.34 -24.47
C GLN E 658 9.10 35.12 -24.95
N LYS E 659 8.07 34.73 -24.20
CA LYS E 659 7.23 33.60 -24.62
C LYS E 659 6.51 33.90 -25.93
N ARG E 660 5.98 35.12 -26.08
CA ARG E 660 5.33 35.50 -27.32
C ARG E 660 6.32 35.54 -28.47
N ARG E 661 7.55 36.02 -28.22
CA ARG E 661 8.57 36.07 -29.25
C ARG E 661 8.97 34.67 -29.70
N GLU E 662 9.00 33.71 -28.77
CA GLU E 662 9.37 32.34 -29.12
C GLU E 662 8.38 31.74 -30.13
N THR E 663 7.09 31.96 -29.92
CA THR E 663 6.10 31.50 -30.89
C THR E 663 6.26 32.21 -32.23
N GLU E 664 6.58 33.51 -32.19
CA GLU E 664 6.83 34.24 -33.42
C GLU E 664 8.04 33.68 -34.16
N GLU E 665 9.11 33.38 -33.43
CA GLU E 665 10.28 32.76 -34.06
C GLU E 665 9.99 31.36 -34.56
N LYS E 666 9.13 30.61 -33.84
CA LYS E 666 8.80 29.27 -34.27
C LYS E 666 8.07 29.28 -35.62
N MET E 667 7.13 30.21 -35.80
CA MET E 667 6.39 30.26 -37.05
C MET E 667 7.22 30.82 -38.19
N ARG E 668 8.16 31.73 -37.89
CA ARG E 668 9.04 32.26 -38.93
C ARG E 668 9.94 31.16 -39.50
N ARG E 669 10.50 30.33 -38.62
CA ARG E 669 11.35 29.23 -39.08
C ARG E 669 10.54 28.20 -39.86
N ALA E 670 9.32 27.91 -39.42
CA ALA E 670 8.47 26.93 -40.09
C ALA E 670 7.99 27.45 -41.44
#